data_6FDF
#
_entry.id   6FDF
#
_cell.length_a   153.817
_cell.length_b   114.781
_cell.length_c   113.759
_cell.angle_alpha   90.000
_cell.angle_beta   131.050
_cell.angle_gamma   90.000
#
_symmetry.space_group_name_H-M   'C 1 2 1'
#
loop_
_entity.id
_entity.type
_entity.pdbx_description
1 polymer 'tRNA (cytosine(38)-C(5))-methyltransferase'
2 non-polymer S-ADENOSYL-L-HOMOCYSTEINE
3 non-polymer GLYCEROL
4 water water
#
_entity_poly.entity_id   1
_entity_poly.type   'polypeptide(L)'
_entity_poly.pdbx_seq_one_letter_code
;GPLGSLSTKRLRVLELYSGIGGMHYALNLANIPADIVCAIDINPQANEIYNLNHGKLAKHMDISTLTAKDFDAFDCKLWT
MSPSCQPFTRIGNRKDILDPRSQAFLNILNVLPHVNNLPEYILIENVQGFEESKAAEECRKVLRNCGYNLIEGILSPNQF
NIPNSRSRWYGLARLNFKGEWSIDDVFQFSEVAQKEGEVKRIRDYLEIERDWSSYMVLESVLNKWGHQFDIVKPDSSSCC
CFTRGYTHLVQGAGSILQMSDHENTHEQFERNRMALQLRYFTAREVARLMGFPESLEWSKSNVTEKCMYRLLGNSINVKV
VSYLISLLLEPLNF
;
_entity_poly.pdbx_strand_id   A,B,C,D
#
# COMPACT_ATOMS: atom_id res chain seq x y z
N ARG A 10 2.69 -6.40 55.81
CA ARG A 10 2.30 -6.28 54.40
C ARG A 10 2.17 -4.82 54.02
N LEU A 11 2.27 -4.54 52.73
CA LEU A 11 2.29 -3.17 52.22
C LEU A 11 0.87 -2.68 51.97
N ARG A 12 0.49 -1.59 52.64
CA ARG A 12 -0.81 -0.97 52.40
C ARG A 12 -0.69 -0.03 51.20
N VAL A 13 -1.55 -0.24 50.19
CA VAL A 13 -1.49 0.48 48.93
C VAL A 13 -2.78 1.25 48.71
N LEU A 14 -2.65 2.50 48.28
CA LEU A 14 -3.80 3.32 47.86
C LEU A 14 -3.73 3.46 46.34
N GLU A 15 -4.80 3.04 45.66
CA GLU A 15 -4.82 2.95 44.20
C GLU A 15 -5.76 4.03 43.66
N LEU A 16 -5.19 5.19 43.35
CA LEU A 16 -5.97 6.34 42.90
C LEU A 16 -6.15 6.32 41.38
N TYR A 17 -7.34 6.75 40.93
CA TYR A 17 -7.71 6.64 39.51
C TYR A 17 -7.61 5.18 39.05
N SER A 18 -8.32 4.32 39.79
CA SER A 18 -8.05 2.88 39.72
C SER A 18 -8.54 2.23 38.42
N GLY A 19 -9.56 2.79 37.78
CA GLY A 19 -10.03 2.18 36.54
C GLY A 19 -10.46 0.74 36.77
N ILE A 20 -10.02 -0.16 35.88
CA ILE A 20 -10.36 -1.57 36.06
C ILE A 20 -9.26 -2.30 36.82
N GLY A 21 -8.35 -1.55 37.44
CA GLY A 21 -7.39 -2.16 38.33
C GLY A 21 -6.10 -2.64 37.70
N GLY A 22 -5.66 -1.99 36.62
CA GLY A 22 -4.35 -2.34 36.05
C GLY A 22 -3.25 -2.35 37.08
N MET A 23 -3.23 -1.35 37.98
CA MET A 23 -2.18 -1.28 39.01
C MET A 23 -2.24 -2.49 39.93
N HIS A 24 -3.44 -2.91 40.31
CA HIS A 24 -3.59 -4.09 41.15
C HIS A 24 -3.07 -5.34 40.44
N TYR A 25 -3.39 -5.46 39.14
CA TYR A 25 -2.89 -6.60 38.39
C TYR A 25 -1.37 -6.57 38.30
N ALA A 26 -0.79 -5.39 38.16
CA ALA A 26 0.67 -5.27 38.09
C ALA A 26 1.31 -5.61 39.43
N LEU A 27 0.66 -5.21 40.54
CA LEU A 27 1.15 -5.59 41.86
C LEU A 27 1.12 -7.11 42.02
N ASN A 28 0.08 -7.76 41.50
CA ASN A 28 0.00 -9.22 41.57
C ASN A 28 1.17 -9.86 40.83
N LEU A 29 1.45 -9.36 39.63
CA LEU A 29 2.55 -9.90 38.82
C LEU A 29 3.89 -9.70 39.52
N ALA A 30 4.07 -8.58 40.19
CA ALA A 30 5.33 -8.30 40.87
C ALA A 30 5.50 -9.08 42.16
N ASN A 31 4.50 -9.89 42.52
CA ASN A 31 4.52 -10.68 43.75
C ASN A 31 4.73 -9.79 44.97
N ILE A 32 4.09 -8.63 44.96
CA ILE A 32 4.12 -7.72 46.09
C ILE A 32 3.06 -8.19 47.09
N PRO A 33 3.45 -8.48 48.33
CA PRO A 33 2.42 -8.75 49.36
C PRO A 33 1.68 -7.47 49.71
N ALA A 34 0.69 -7.13 48.90
CA ALA A 34 0.07 -5.81 48.93
C ALA A 34 -1.39 -5.94 49.30
N ASP A 35 -1.83 -5.08 50.21
CA ASP A 35 -3.24 -4.94 50.55
C ASP A 35 -3.70 -3.62 49.97
N ILE A 36 -4.47 -3.66 48.88
CA ILE A 36 -5.10 -2.46 48.36
C ILE A 36 -6.14 -2.02 49.39
N VAL A 37 -5.80 -0.99 50.17
CA VAL A 37 -6.72 -0.52 51.19
C VAL A 37 -7.96 0.09 50.55
N CYS A 38 -7.78 0.83 49.46
CA CYS A 38 -8.88 1.45 48.76
C CYS A 38 -8.44 1.70 47.33
N ALA A 39 -9.39 1.54 46.40
CA ALA A 39 -9.23 1.93 45.01
C ALA A 39 -10.27 3.00 44.75
N ILE A 40 -9.85 4.14 44.19
CA ILE A 40 -10.75 5.28 44.06
C ILE A 40 -10.90 5.62 42.58
N ASP A 41 -12.16 5.65 42.11
CA ASP A 41 -12.47 6.07 40.76
C ASP A 41 -13.88 6.63 40.75
N ILE A 42 -14.10 7.65 39.92
CA ILE A 42 -15.40 8.29 39.82
C ILE A 42 -16.32 7.57 38.84
N ASN A 43 -15.79 6.67 38.03
CA ASN A 43 -16.56 5.99 36.98
C ASN A 43 -17.17 4.73 37.57
N PRO A 44 -18.48 4.67 37.79
CA PRO A 44 -19.06 3.45 38.37
C PRO A 44 -18.92 2.22 37.48
N GLN A 45 -18.80 2.37 36.16
CA GLN A 45 -18.57 1.20 35.32
C GLN A 45 -17.20 0.60 35.58
N ALA A 46 -16.18 1.45 35.75
CA ALA A 46 -14.85 0.96 36.12
C ALA A 46 -14.91 0.25 37.46
N ASN A 47 -15.58 0.86 38.44
CA ASN A 47 -15.66 0.28 39.78
C ASN A 47 -16.36 -1.06 39.76
N GLU A 48 -17.40 -1.20 38.93
CA GLU A 48 -18.09 -2.47 38.80
C GLU A 48 -17.15 -3.57 38.32
N ILE A 49 -16.37 -3.29 37.28
CA ILE A 49 -15.37 -4.26 36.81
C ILE A 49 -14.30 -4.47 37.87
N TYR A 50 -13.85 -3.40 38.52
CA TYR A 50 -12.81 -3.55 39.54
C TYR A 50 -13.26 -4.52 40.63
N ASN A 51 -14.45 -4.28 41.18
CA ASN A 51 -14.90 -5.05 42.33
C ASN A 51 -15.23 -6.49 41.96
N LEU A 52 -15.71 -6.71 40.74
CA LEU A 52 -16.01 -8.06 40.28
C LEU A 52 -14.75 -8.92 40.20
N ASN A 53 -13.61 -8.31 39.86
CA ASN A 53 -12.38 -9.04 39.63
C ASN A 53 -11.45 -9.05 40.83
N HIS A 54 -11.38 -7.97 41.59
CA HIS A 54 -10.43 -7.85 42.69
C HIS A 54 -11.06 -7.97 44.07
N GLY A 55 -12.38 -7.97 44.17
CA GLY A 55 -13.03 -7.83 45.45
C GLY A 55 -13.49 -6.40 45.68
N LYS A 56 -14.39 -6.24 46.65
CA LYS A 56 -15.05 -4.94 46.87
C LYS A 56 -14.08 -3.99 47.55
N LEU A 57 -13.24 -3.38 46.73
CA LEU A 57 -12.24 -2.41 47.18
C LEU A 57 -12.41 -1.03 46.55
N ALA A 58 -13.13 -0.91 45.44
CA ALA A 58 -13.23 0.33 44.69
C ALA A 58 -14.38 1.17 45.24
N LYS A 59 -14.10 2.44 45.50
CA LYS A 59 -15.10 3.37 46.01
C LYS A 59 -15.27 4.56 45.07
N HIS A 60 -16.53 4.98 44.93
CA HIS A 60 -16.88 6.14 44.12
C HIS A 60 -16.56 7.42 44.90
N MET A 61 -15.56 8.16 44.44
CA MET A 61 -15.18 9.38 45.13
C MET A 61 -14.42 10.29 44.17
N ASP A 62 -14.70 11.58 44.25
CA ASP A 62 -13.99 12.59 43.46
C ASP A 62 -12.66 12.88 44.16
N ILE A 63 -11.55 12.52 43.50
CA ILE A 63 -10.23 12.68 44.10
C ILE A 63 -9.94 14.14 44.43
N SER A 64 -10.59 15.08 43.75
CA SER A 64 -10.40 16.48 44.08
C SER A 64 -10.98 16.87 45.43
N THR A 65 -11.80 16.02 46.05
CA THR A 65 -12.37 16.30 47.36
C THR A 65 -11.65 15.60 48.49
N LEU A 66 -10.63 14.79 48.19
CA LEU A 66 -9.88 14.12 49.24
C LEU A 66 -9.16 15.13 50.11
N THR A 67 -9.17 14.87 51.42
CA THR A 67 -8.50 15.70 52.41
C THR A 67 -7.35 14.95 53.04
N ALA A 68 -6.54 15.68 53.81
CA ALA A 68 -5.44 15.03 54.51
C ALA A 68 -5.94 14.00 55.50
N LYS A 69 -7.09 14.27 56.13
CA LYS A 69 -7.69 13.30 57.05
C LYS A 69 -8.10 12.02 56.32
N ASP A 70 -8.56 12.14 55.06
CA ASP A 70 -8.84 10.95 54.26
C ASP A 70 -7.57 10.13 54.04
N PHE A 71 -6.50 10.78 53.58
CA PHE A 71 -5.25 10.06 53.38
C PHE A 71 -4.71 9.47 54.68
N ASP A 72 -4.91 10.19 55.80
CA ASP A 72 -4.49 9.66 57.10
C ASP A 72 -5.21 8.38 57.44
N ALA A 73 -6.54 8.34 57.20
CA ALA A 73 -7.31 7.14 57.47
C ALA A 73 -6.89 5.99 56.56
N PHE A 74 -6.60 6.26 55.29
CA PHE A 74 -6.09 5.22 54.40
C PHE A 74 -4.79 4.63 54.93
N ASP A 75 -3.89 5.49 55.41
CA ASP A 75 -2.64 5.07 56.03
C ASP A 75 -1.85 4.11 55.13
N CYS A 76 -1.56 4.58 53.92
CA CYS A 76 -0.92 3.76 52.90
C CYS A 76 0.51 4.18 52.65
N LYS A 77 1.39 3.21 52.48
CA LYS A 77 2.81 3.46 52.28
C LYS A 77 3.19 3.56 50.81
N LEU A 78 2.37 2.99 49.92
CA LEU A 78 2.52 3.18 48.48
C LEU A 78 1.24 3.82 47.95
N TRP A 79 1.38 4.91 47.21
CA TRP A 79 0.27 5.48 46.45
C TRP A 79 0.57 5.28 44.97
N THR A 80 -0.38 4.74 44.22
CA THR A 80 -0.28 4.69 42.76
C THR A 80 -1.32 5.63 42.17
N MET A 81 -1.01 6.20 41.00
CA MET A 81 -1.98 7.10 40.39
C MET A 81 -1.73 7.18 38.90
N SER A 82 -2.83 7.26 38.14
CA SER A 82 -2.80 7.52 36.70
C SER A 82 -3.72 8.72 36.49
N PRO A 83 -3.24 9.93 36.81
CA PRO A 83 -4.14 11.07 36.90
C PRO A 83 -4.59 11.56 35.53
N SER A 84 -5.64 12.36 35.54
CA SER A 84 -6.20 12.98 34.35
C SER A 84 -5.67 14.41 34.32
N CYS A 85 -4.69 14.65 33.45
CA CYS A 85 -4.03 15.95 33.43
C CYS A 85 -4.23 16.73 32.13
N GLN A 86 -4.85 16.14 31.10
CA GLN A 86 -5.09 16.89 29.88
C GLN A 86 -6.36 17.74 30.03
N PRO A 87 -6.39 18.95 29.46
CA PRO A 87 -5.33 19.55 28.65
C PRO A 87 -4.20 20.09 29.52
N PHE A 88 -2.96 19.92 29.05
CA PHE A 88 -1.81 20.40 29.81
C PHE A 88 -1.83 21.92 29.97
N THR A 89 -2.30 22.63 28.95
CA THR A 89 -2.51 24.08 29.02
C THR A 89 -4.00 24.36 28.83
N ARG A 90 -4.68 24.70 29.92
CA ARG A 90 -6.10 25.00 29.86
C ARG A 90 -6.34 26.43 29.36
N ILE A 91 -7.45 26.62 28.66
CA ILE A 91 -7.86 27.93 28.17
C ILE A 91 -9.16 28.32 28.86
N GLY A 92 -9.41 29.62 28.90
CA GLY A 92 -10.68 30.12 29.42
C GLY A 92 -10.56 30.95 30.68
N ASN A 93 -11.35 32.02 30.78
CA ASN A 93 -11.31 32.90 31.93
C ASN A 93 -12.29 32.53 33.02
N ARG A 94 -13.28 31.67 32.71
CA ARG A 94 -14.30 31.29 33.70
C ARG A 94 -13.80 30.18 34.63
N LYS A 95 -12.86 30.57 35.50
CA LYS A 95 -12.40 29.68 36.55
C LYS A 95 -13.43 29.53 37.66
N ASP A 96 -14.59 30.18 37.49
CA ASP A 96 -15.67 30.10 38.47
C ASP A 96 -16.36 28.73 38.39
N ILE A 97 -16.92 28.41 37.21
CA ILE A 97 -17.76 27.24 36.97
C ILE A 97 -16.97 25.95 36.77
N LEU A 98 -15.64 25.98 36.88
CA LEU A 98 -14.85 24.78 36.59
C LEU A 98 -15.17 23.57 37.46
N ASP A 99 -15.43 22.45 36.78
CA ASP A 99 -15.54 21.15 37.43
C ASP A 99 -14.13 20.73 37.83
N PRO A 100 -13.94 20.02 38.93
CA PRO A 100 -12.57 19.60 39.24
C PRO A 100 -12.16 18.44 38.36
N ARG A 101 -11.31 18.73 37.37
CA ARG A 101 -10.83 17.76 36.40
C ARG A 101 -9.42 17.31 36.74
N SER A 102 -8.47 18.15 36.32
CA SER A 102 -7.05 18.05 36.61
C SER A 102 -6.75 18.80 37.89
N GLN A 103 -7.82 19.35 38.47
CA GLN A 103 -7.82 19.91 39.81
C GLN A 103 -7.58 18.79 40.81
N ALA A 104 -8.09 17.60 40.50
CA ALA A 104 -7.87 16.44 41.35
C ALA A 104 -6.38 16.15 41.51
N PHE A 105 -5.60 16.21 40.44
CA PHE A 105 -4.17 15.95 40.61
C PHE A 105 -3.51 17.05 41.44
N LEU A 106 -3.91 18.30 41.20
CA LEU A 106 -3.35 19.40 41.97
C LEU A 106 -3.80 19.32 43.42
N ASN A 107 -5.01 18.78 43.65
CA ASN A 107 -5.46 18.57 45.03
C ASN A 107 -4.57 17.58 45.74
N ILE A 108 -4.18 16.49 45.06
CA ILE A 108 -3.25 15.54 45.68
C ILE A 108 -1.98 16.25 46.07
N LEU A 109 -1.42 17.06 45.16
CA LEU A 109 -0.17 17.74 45.43
C LEU A 109 -0.30 18.76 46.56
N ASN A 110 -1.46 19.41 46.66
CA ASN A 110 -1.71 20.39 47.72
C ASN A 110 -1.93 19.73 49.07
N VAL A 111 -2.47 18.51 49.09
CA VAL A 111 -2.79 17.86 50.36
C VAL A 111 -1.62 17.02 50.88
N LEU A 112 -0.80 16.47 49.97
CA LEU A 112 0.31 15.60 50.36
C LEU A 112 1.18 16.16 51.48
N PRO A 113 1.60 17.43 51.48
CA PRO A 113 2.48 17.92 52.56
C PRO A 113 1.81 18.00 53.91
N HIS A 114 0.50 17.79 53.98
CA HIS A 114 -0.25 17.92 55.23
C HIS A 114 -0.54 16.59 55.90
N VAL A 115 -0.13 15.47 55.31
CA VAL A 115 -0.52 14.17 55.85
C VAL A 115 0.36 13.82 57.05
N ASN A 116 -0.17 12.96 57.92
CA ASN A 116 0.57 12.54 59.11
C ASN A 116 1.82 11.77 58.75
N ASN A 117 1.72 10.87 57.77
CA ASN A 117 2.81 9.97 57.40
C ASN A 117 2.93 9.96 55.88
N LEU A 118 3.89 10.70 55.36
CA LEU A 118 4.10 10.72 53.92
C LEU A 118 4.28 9.30 53.39
N PRO A 119 3.66 8.95 52.26
CA PRO A 119 3.91 7.63 51.69
C PRO A 119 5.37 7.48 51.33
N GLU A 120 5.91 6.29 51.56
CA GLU A 120 7.32 6.08 51.26
C GLU A 120 7.56 5.85 49.78
N TYR A 121 6.53 5.49 49.03
CA TYR A 121 6.67 5.22 47.60
C TYR A 121 5.47 5.78 46.86
N ILE A 122 5.73 6.38 45.70
CA ILE A 122 4.68 6.91 44.83
C ILE A 122 5.01 6.52 43.40
N LEU A 123 4.00 6.02 42.68
CA LEU A 123 4.11 5.68 41.27
C LEU A 123 3.09 6.49 40.50
N ILE A 124 3.54 7.26 39.51
CA ILE A 124 2.70 8.11 38.68
C ILE A 124 2.83 7.66 37.24
N GLU A 125 1.72 7.50 36.54
CA GLU A 125 1.70 7.16 35.12
C GLU A 125 0.90 8.20 34.37
N ASN A 126 1.36 8.57 33.17
CA ASN A 126 0.62 9.56 32.39
C ASN A 126 1.00 9.41 30.93
N VAL A 127 0.34 10.19 30.08
CA VAL A 127 0.62 10.16 28.64
C VAL A 127 1.92 10.89 28.35
N GLN A 128 2.56 10.50 27.25
CA GLN A 128 3.74 11.20 26.77
C GLN A 128 3.41 12.67 26.56
N GLY A 129 4.33 13.53 26.98
CA GLY A 129 4.10 14.96 26.96
C GLY A 129 3.70 15.53 28.30
N PHE A 130 3.28 14.67 29.24
CA PHE A 130 3.12 15.13 30.63
C PHE A 130 4.41 15.76 31.13
N GLU A 131 5.56 15.22 30.70
CA GLU A 131 6.84 15.66 31.26
C GLU A 131 7.12 17.12 31.00
N GLU A 132 6.49 17.72 29.98
CA GLU A 132 6.69 19.12 29.66
C GLU A 132 5.61 20.03 30.24
N SER A 133 4.69 19.49 31.02
CA SER A 133 3.52 20.25 31.44
C SER A 133 3.79 21.04 32.73
N LYS A 134 2.94 22.04 32.96
CA LYS A 134 2.98 22.76 34.22
C LYS A 134 2.64 21.87 35.40
N ALA A 135 1.74 20.90 35.20
CA ALA A 135 1.42 19.96 36.26
C ALA A 135 2.63 19.12 36.66
N ALA A 136 3.44 18.70 35.69
CA ALA A 136 4.65 17.96 36.03
C ALA A 136 5.65 18.86 36.77
N GLU A 137 5.73 20.13 36.39
CA GLU A 137 6.63 21.05 37.08
C GLU A 137 6.19 21.20 38.54
N GLU A 138 4.89 21.32 38.77
CA GLU A 138 4.38 21.42 40.14
C GLU A 138 4.61 20.13 40.91
N CYS A 139 4.47 19.00 40.24
CA CYS A 139 4.69 17.71 40.89
C CYS A 139 6.14 17.53 41.32
N ARG A 140 7.10 17.80 40.41
CA ARG A 140 8.51 17.68 40.79
C ARG A 140 8.83 18.59 41.96
N LYS A 141 8.25 19.80 41.99
CA LYS A 141 8.55 20.77 43.02
C LYS A 141 8.09 20.30 44.39
N VAL A 142 6.84 19.84 44.50
N VAL A 142 6.82 19.89 44.51
CA VAL A 142 6.34 19.45 45.82
CA VAL A 142 6.30 19.42 45.78
C VAL A 142 7.00 18.15 46.27
C VAL A 142 7.07 18.19 46.26
N LEU A 143 7.29 17.24 45.35
CA LEU A 143 7.96 15.99 45.73
C LEU A 143 9.37 16.27 46.23
N ARG A 144 10.13 17.10 45.49
CA ARG A 144 11.46 17.49 45.95
C ARG A 144 11.40 18.16 47.31
N ASN A 145 10.44 19.07 47.51
CA ASN A 145 10.33 19.75 48.79
C ASN A 145 9.92 18.83 49.93
N CYS A 146 9.16 17.77 49.63
CA CYS A 146 8.79 16.79 50.65
C CYS A 146 9.79 15.65 50.77
N GLY A 147 10.99 15.80 50.22
CA GLY A 147 12.05 14.86 50.47
C GLY A 147 12.07 13.63 49.59
N TYR A 148 11.31 13.61 48.50
CA TYR A 148 11.31 12.47 47.61
C TYR A 148 12.45 12.52 46.61
N ASN A 149 12.97 11.33 46.28
CA ASN A 149 13.88 11.11 45.17
C ASN A 149 13.03 10.62 44.00
N LEU A 150 12.90 11.45 42.97
CA LEU A 150 12.04 11.16 41.82
C LEU A 150 12.89 10.83 40.60
N ILE A 151 12.59 9.69 39.96
CA ILE A 151 13.12 9.39 38.63
C ILE A 151 11.94 9.27 37.67
N GLU A 152 12.19 9.57 36.39
CA GLU A 152 11.11 9.57 35.42
C GLU A 152 11.65 9.14 34.06
N GLY A 153 10.75 8.68 33.20
CA GLY A 153 11.12 8.31 31.85
C GLY A 153 9.91 7.95 31.03
N ILE A 154 10.15 7.80 29.72
CA ILE A 154 9.12 7.37 28.77
C ILE A 154 9.44 5.93 28.37
N LEU A 155 8.43 5.07 28.45
CA LEU A 155 8.58 3.65 28.13
C LEU A 155 7.38 3.20 27.32
N SER A 156 7.63 2.27 26.41
CA SER A 156 6.56 1.68 25.61
C SER A 156 6.66 0.16 25.69
N PRO A 157 5.54 -0.55 25.56
CA PRO A 157 5.61 -2.02 25.64
C PRO A 157 6.50 -2.64 24.57
N ASN A 158 6.63 -2.00 23.41
CA ASN A 158 7.46 -2.61 22.38
C ASN A 158 8.95 -2.51 22.68
N GLN A 159 9.32 -1.95 23.84
CA GLN A 159 10.68 -2.06 24.35
C GLN A 159 10.87 -3.30 25.21
N PHE A 160 9.78 -4.04 25.46
CA PHE A 160 9.79 -5.20 26.33
C PHE A 160 9.24 -6.41 25.60
N ASN A 161 9.41 -6.46 24.28
CA ASN A 161 8.99 -7.59 23.45
C ASN A 161 7.49 -7.80 23.53
N ILE A 162 6.75 -6.71 23.49
CA ILE A 162 5.29 -6.74 23.46
C ILE A 162 4.90 -6.01 22.18
N PRO A 163 4.14 -6.63 21.28
CA PRO A 163 3.88 -6.02 19.96
C PRO A 163 2.76 -4.98 19.98
N ASN A 164 2.94 -3.96 20.81
CA ASN A 164 1.98 -2.87 20.85
C ASN A 164 2.71 -1.59 21.24
N SER A 165 2.37 -0.50 20.56
N SER A 165 2.37 -0.51 20.55
CA SER A 165 2.90 0.81 20.89
CA SER A 165 2.86 0.82 20.90
C SER A 165 1.98 1.47 21.92
C SER A 165 1.96 1.44 21.95
N ARG A 166 2.55 1.89 23.05
CA ARG A 166 1.80 2.64 24.05
C ARG A 166 2.77 3.43 24.91
N SER A 167 3.38 4.46 24.31
CA SER A 167 4.38 5.24 25.02
C SER A 167 3.72 6.01 26.15
N ARG A 168 4.29 5.89 27.36
CA ARG A 168 3.74 6.56 28.52
C ARG A 168 4.89 7.11 29.36
N TRP A 169 4.60 8.20 30.06
CA TRP A 169 5.51 8.76 31.06
C TRP A 169 5.27 8.07 32.39
N TYR A 170 6.35 7.83 33.13
CA TYR A 170 6.29 7.25 34.47
C TYR A 170 7.16 8.06 35.42
N GLY A 171 6.61 8.34 36.60
CA GLY A 171 7.39 8.89 37.70
C GLY A 171 7.42 7.93 38.87
N LEU A 172 8.61 7.59 39.32
CA LEU A 172 8.82 6.72 40.48
C LEU A 172 9.50 7.54 41.56
N ALA A 173 8.89 7.59 42.76
CA ALA A 173 9.40 8.43 43.83
C ALA A 173 9.59 7.61 45.10
N ARG A 174 10.77 7.73 45.72
CA ARG A 174 11.05 7.14 47.02
C ARG A 174 11.32 8.24 48.02
N LEU A 175 10.62 8.20 49.15
CA LEU A 175 10.87 9.16 50.23
C LEU A 175 12.24 8.94 50.86
N ASN A 176 12.97 10.05 51.06
CA ASN A 176 14.25 10.05 51.79
C ASN A 176 15.20 8.95 51.32
N PHE A 177 15.40 8.86 50.01
CA PHE A 177 16.32 7.88 49.42
C PHE A 177 17.51 8.63 48.81
N LYS A 178 18.72 8.26 49.24
CA LYS A 178 19.93 8.97 48.86
C LYS A 178 20.88 8.11 48.03
N GLY A 179 20.43 6.95 47.59
CA GLY A 179 21.25 6.06 46.79
C GLY A 179 21.18 6.37 45.31
N GLU A 180 21.52 5.38 44.49
CA GLU A 180 21.59 5.53 43.05
C GLU A 180 20.59 4.60 42.40
N TRP A 181 19.79 5.14 41.49
CA TRP A 181 18.88 4.33 40.70
C TRP A 181 18.56 5.08 39.41
N SER A 182 18.01 4.33 38.46
CA SER A 182 17.70 4.87 37.14
C SER A 182 16.51 4.12 36.59
N ILE A 183 15.66 4.84 35.85
CA ILE A 183 14.51 4.20 35.20
C ILE A 183 14.97 3.07 34.28
N ASP A 184 16.18 3.17 33.73
CA ASP A 184 16.65 2.17 32.79
C ASP A 184 16.96 0.83 33.45
N ASP A 185 17.04 0.79 34.79
CA ASP A 185 17.26 -0.48 35.48
C ASP A 185 16.10 -1.44 35.23
N VAL A 186 14.95 -0.92 34.82
CA VAL A 186 13.77 -1.73 34.59
C VAL A 186 13.99 -2.78 33.52
N PHE A 187 14.96 -2.56 32.62
CA PHE A 187 15.19 -3.53 31.55
C PHE A 187 15.89 -4.77 32.04
N GLN A 188 16.55 -4.71 33.21
CA GLN A 188 17.11 -5.91 33.82
C GLN A 188 16.04 -6.89 34.27
N PHE A 189 14.77 -6.48 34.25
CA PHE A 189 13.64 -7.33 34.59
C PHE A 189 12.98 -7.95 33.38
N SER A 190 13.16 -7.38 32.19
CA SER A 190 12.48 -7.93 31.03
C SER A 190 13.32 -9.11 30.56
N GLU A 191 12.80 -10.31 30.79
CA GLU A 191 13.51 -11.55 30.50
C GLU A 191 13.84 -11.63 29.04
N VAL A 192 13.16 -10.81 28.25
CA VAL A 192 13.24 -10.81 26.81
C VAL A 192 14.64 -10.61 26.26
N ALA A 193 14.91 -11.35 25.18
CA ALA A 193 16.15 -11.38 24.45
C ALA A 193 15.73 -11.57 23.00
N GLN A 194 16.68 -11.70 22.09
CA GLN A 194 16.33 -11.90 20.69
C GLN A 194 16.95 -13.16 20.10
N LYS A 195 16.08 -14.06 19.63
CA LYS A 195 16.45 -15.29 18.96
C LYS A 195 15.69 -15.42 17.66
N GLU A 196 14.70 -14.54 17.43
CA GLU A 196 13.78 -14.43 16.30
C GLU A 196 12.66 -15.48 16.39
N GLY A 197 12.69 -16.37 17.37
CA GLY A 197 11.63 -17.33 17.53
C GLY A 197 10.92 -17.04 18.83
N GLU A 198 11.51 -16.12 19.60
CA GLU A 198 10.97 -15.70 20.88
C GLU A 198 10.43 -14.28 20.80
N VAL A 199 10.47 -13.67 19.62
CA VAL A 199 9.96 -12.32 19.44
C VAL A 199 8.45 -12.44 19.34
N LYS A 200 7.75 -11.81 20.27
CA LYS A 200 6.30 -11.93 20.28
C LYS A 200 5.69 -11.16 19.12
N ARG A 201 4.66 -11.74 18.52
CA ARG A 201 3.97 -11.15 17.39
C ARG A 201 2.48 -11.18 17.70
N ILE A 202 1.71 -10.52 16.82
CA ILE A 202 0.27 -10.38 17.04
C ILE A 202 -0.39 -11.74 17.26
N ARG A 203 0.02 -12.74 16.48
CA ARG A 203 -0.59 -14.08 16.58
C ARG A 203 -0.54 -14.63 17.99
N ASP A 204 0.44 -14.22 18.79
CA ASP A 204 0.59 -14.75 20.14
C ASP A 204 -0.49 -14.24 21.09
N TYR A 205 -1.25 -13.23 20.68
CA TYR A 205 -2.29 -12.65 21.51
C TYR A 205 -3.69 -12.89 20.98
N LEU A 206 -3.82 -13.41 19.76
CA LEU A 206 -5.13 -13.52 19.13
C LEU A 206 -5.97 -14.63 19.76
N GLU A 207 -7.27 -14.40 19.80
CA GLU A 207 -8.20 -15.50 20.02
C GLU A 207 -8.28 -16.32 18.74
N ILE A 208 -8.73 -17.56 18.87
CA ILE A 208 -8.81 -18.38 17.68
C ILE A 208 -10.19 -18.98 17.48
N GLU A 209 -10.50 -19.16 16.20
CA GLU A 209 -11.73 -19.79 15.74
C GLU A 209 -12.94 -19.30 16.52
N ARG A 210 -13.06 -17.99 16.60
CA ARG A 210 -14.29 -17.35 17.05
C ARG A 210 -15.14 -16.98 15.83
N ASP A 211 -16.40 -16.66 16.09
CA ASP A 211 -17.26 -16.07 15.07
C ASP A 211 -16.94 -14.58 15.00
N TRP A 212 -16.32 -14.16 13.90
CA TRP A 212 -15.80 -12.80 13.77
C TRP A 212 -16.82 -11.80 13.25
N SER A 213 -18.06 -12.21 13.04
CA SER A 213 -19.05 -11.38 12.35
C SER A 213 -19.15 -9.99 12.99
N SER A 214 -19.28 -9.93 14.31
CA SER A 214 -19.49 -8.65 14.97
C SER A 214 -18.24 -7.77 14.97
N TYR A 215 -17.07 -8.33 14.64
CA TYR A 215 -15.84 -7.57 14.66
C TYR A 215 -15.38 -7.10 13.29
N MET A 216 -16.07 -7.50 12.22
CA MET A 216 -15.65 -7.14 10.87
C MET A 216 -15.83 -5.65 10.65
N VAL A 217 -14.81 -5.00 10.08
CA VAL A 217 -14.92 -3.57 9.80
C VAL A 217 -15.96 -3.35 8.71
N LEU A 218 -16.80 -2.34 8.90
CA LEU A 218 -17.89 -2.08 7.97
C LEU A 218 -17.36 -1.57 6.63
N GLU A 219 -18.00 -2.02 5.55
CA GLU A 219 -17.64 -1.55 4.21
C GLU A 219 -17.84 -0.03 4.11
N SER A 220 -18.89 0.49 4.74
CA SER A 220 -19.14 1.93 4.70
C SER A 220 -17.96 2.72 5.27
N VAL A 221 -17.40 2.27 6.39
CA VAL A 221 -16.25 2.94 6.97
C VAL A 221 -15.00 2.72 6.12
N LEU A 222 -14.82 1.50 5.60
CA LEU A 222 -13.66 1.23 4.76
C LEU A 222 -13.70 2.03 3.46
N ASN A 223 -14.89 2.28 2.92
CA ASN A 223 -14.99 3.05 1.68
C ASN A 223 -14.75 4.54 1.93
N LYS A 224 -15.15 5.05 3.09
CA LYS A 224 -15.03 6.47 3.36
C LYS A 224 -13.67 6.87 3.89
N TRP A 225 -13.10 6.08 4.81
CA TRP A 225 -11.88 6.46 5.51
C TRP A 225 -10.83 5.35 5.50
N GLY A 226 -11.04 4.30 4.71
CA GLY A 226 -10.24 3.08 4.87
C GLY A 226 -8.75 3.26 4.68
N HIS A 227 -8.35 4.23 3.86
CA HIS A 227 -6.91 4.47 3.67
C HIS A 227 -6.22 4.95 4.94
N GLN A 228 -6.99 5.41 5.93
CA GLN A 228 -6.39 5.88 7.18
C GLN A 228 -6.11 4.76 8.19
N PHE A 229 -6.65 3.56 7.97
CA PHE A 229 -6.37 2.47 8.88
C PHE A 229 -4.90 2.03 8.80
N ASP A 230 -4.34 1.66 9.94
CA ASP A 230 -3.10 0.88 9.97
C ASP A 230 -3.49 -0.59 10.05
N ILE A 231 -3.10 -1.36 9.03
CA ILE A 231 -3.47 -2.77 8.92
C ILE A 231 -2.27 -3.61 9.33
N VAL A 232 -2.50 -4.56 10.24
CA VAL A 232 -1.48 -5.50 10.65
C VAL A 232 -1.96 -6.92 10.38
N LYS A 233 -1.01 -7.85 10.34
CA LYS A 233 -1.28 -9.26 10.12
C LYS A 233 -0.82 -10.06 11.34
N PRO A 234 -1.26 -11.31 11.48
CA PRO A 234 -0.84 -12.12 12.63
C PRO A 234 0.67 -12.17 12.83
N ASP A 235 1.46 -12.10 11.75
CA ASP A 235 2.91 -12.16 11.90
C ASP A 235 3.53 -10.80 12.20
N SER A 236 2.73 -9.74 12.34
CA SER A 236 3.29 -8.42 12.64
C SER A 236 3.90 -8.41 14.04
N SER A 237 4.96 -7.61 14.18
CA SER A 237 5.64 -7.45 15.46
C SER A 237 5.23 -6.20 16.21
N SER A 238 4.25 -5.45 15.71
CA SER A 238 3.71 -4.34 16.49
C SER A 238 2.32 -3.98 15.96
N CYS A 239 1.65 -3.11 16.71
CA CYS A 239 0.41 -2.51 16.28
C CYS A 239 0.29 -1.17 17.01
N CYS A 240 -0.66 -0.35 16.57
CA CYS A 240 -0.72 1.02 17.02
C CYS A 240 -1.41 1.14 18.37
N CYS A 241 -1.30 2.34 18.94
CA CYS A 241 -1.84 2.58 20.27
C CYS A 241 -3.37 2.53 20.24
N PHE A 242 -3.95 1.81 21.19
CA PHE A 242 -5.40 1.75 21.34
C PHE A 242 -5.89 2.93 22.17
N THR A 243 -7.00 3.53 21.73
CA THR A 243 -7.62 4.64 22.47
C THR A 243 -9.11 4.39 22.66
N ARG A 244 -9.74 5.32 23.39
CA ARG A 244 -11.19 5.31 23.60
C ARG A 244 -11.96 5.39 22.30
N GLY A 245 -11.36 5.88 21.22
CA GLY A 245 -12.02 5.97 19.94
C GLY A 245 -12.06 4.69 19.14
N TYR A 246 -11.44 3.62 19.62
CA TYR A 246 -11.28 2.41 18.83
C TYR A 246 -12.64 1.79 18.54
N THR A 247 -12.85 1.40 17.28
CA THR A 247 -14.06 0.89 16.62
C THR A 247 -15.03 2.02 16.28
N HIS A 248 -14.68 3.28 16.56
CA HIS A 248 -15.55 4.41 16.24
C HIS A 248 -14.84 5.43 15.36
N LEU A 249 -13.72 5.98 15.83
CA LEU A 249 -12.86 6.82 15.02
C LEU A 249 -11.80 5.96 14.37
N VAL A 250 -11.43 6.29 13.13
CA VAL A 250 -10.49 5.49 12.37
C VAL A 250 -9.06 5.87 12.72
N GLN A 251 -8.69 7.12 12.43
CA GLN A 251 -7.28 7.49 12.47
C GLN A 251 -6.81 7.66 13.92
N GLY A 252 -5.67 7.05 14.24
CA GLY A 252 -5.07 7.24 15.53
C GLY A 252 -5.77 6.56 16.70
N ALA A 253 -6.61 5.57 16.43
CA ALA A 253 -7.36 4.91 17.49
C ALA A 253 -6.98 3.45 17.70
N GLY A 254 -6.17 2.88 16.81
CA GLY A 254 -5.74 1.50 16.93
C GLY A 254 -5.68 0.87 15.56
N SER A 255 -4.83 -0.15 15.42
CA SER A 255 -4.73 -0.89 14.16
C SER A 255 -5.89 -1.88 14.03
N ILE A 256 -6.08 -2.37 12.81
CA ILE A 256 -7.03 -3.43 12.55
C ILE A 256 -6.27 -4.61 11.93
N LEU A 257 -6.93 -5.76 11.92
CA LEU A 257 -6.31 -7.04 11.61
C LEU A 257 -6.79 -7.56 10.26
N GLN A 258 -5.85 -7.82 9.36
CA GLN A 258 -6.14 -8.53 8.11
C GLN A 258 -6.12 -10.02 8.37
N MET A 259 -7.26 -10.68 8.13
CA MET A 259 -7.34 -12.13 8.28
C MET A 259 -7.07 -12.89 6.98
N SER A 260 -7.14 -12.23 5.83
CA SER A 260 -6.83 -12.90 4.58
C SER A 260 -5.32 -13.09 4.43
N ASP A 261 -4.94 -13.89 3.45
N ASP A 261 -4.92 -13.90 3.45
CA ASP A 261 -3.54 -14.26 3.25
CA ASP A 261 -3.52 -14.24 3.27
C ASP A 261 -2.82 -13.38 2.23
C ASP A 261 -2.88 -13.45 2.13
N HIS A 262 -3.48 -12.34 1.71
CA HIS A 262 -2.86 -11.48 0.71
C HIS A 262 -1.53 -10.92 1.22
N GLU A 263 -0.46 -11.13 0.44
N GLU A 263 -0.47 -11.10 0.43
CA GLU A 263 0.84 -10.59 0.83
CA GLU A 263 0.85 -10.61 0.81
C GLU A 263 0.93 -9.09 0.60
C GLU A 263 1.06 -9.14 0.48
N ASN A 264 0.33 -8.60 -0.49
CA ASN A 264 0.42 -7.18 -0.87
C ASN A 264 -0.88 -6.51 -0.45
N THR A 265 -0.89 -5.99 0.77
CA THR A 265 -2.11 -5.46 1.36
C THR A 265 -2.60 -4.22 0.62
N HIS A 266 -1.70 -3.29 0.31
CA HIS A 266 -2.10 -2.06 -0.37
C HIS A 266 -2.67 -2.36 -1.75
N GLU A 267 -2.01 -3.26 -2.51
CA GLU A 267 -2.51 -3.61 -3.82
C GLU A 267 -3.90 -4.23 -3.73
N GLN A 268 -4.11 -5.14 -2.79
CA GLN A 268 -5.43 -5.77 -2.67
C GLN A 268 -6.47 -4.76 -2.18
N PHE A 269 -6.04 -3.77 -1.38
CA PHE A 269 -6.98 -2.79 -0.86
C PHE A 269 -7.70 -2.06 -1.98
N GLU A 270 -6.95 -1.67 -3.03
CA GLU A 270 -7.58 -1.00 -4.17
C GLU A 270 -8.41 -1.98 -4.99
N ARG A 271 -8.00 -3.25 -5.04
CA ARG A 271 -8.73 -4.24 -5.83
C ARG A 271 -10.10 -4.53 -5.22
N ASN A 272 -10.12 -4.92 -3.94
CA ASN A 272 -11.37 -5.19 -3.22
C ASN A 272 -11.00 -5.20 -1.73
N ARG A 273 -11.20 -4.07 -1.05
CA ARG A 273 -10.80 -3.95 0.34
C ARG A 273 -11.58 -4.88 1.26
N MET A 274 -12.77 -5.33 0.84
CA MET A 274 -13.51 -6.25 1.69
C MET A 274 -12.91 -7.66 1.66
N ALA A 275 -12.14 -8.00 0.63
CA ALA A 275 -11.53 -9.32 0.55
C ALA A 275 -10.34 -9.48 1.49
N LEU A 276 -9.89 -8.39 2.12
CA LEU A 276 -8.85 -8.47 3.13
C LEU A 276 -9.36 -9.04 4.45
N GLN A 277 -10.67 -9.18 4.62
CA GLN A 277 -11.26 -9.75 5.84
C GLN A 277 -10.73 -9.01 7.06
N LEU A 278 -10.89 -7.68 7.05
CA LEU A 278 -10.40 -6.84 8.12
C LEU A 278 -11.37 -6.85 9.29
N ARG A 279 -10.85 -7.04 10.50
CA ARG A 279 -11.65 -6.99 11.70
C ARG A 279 -10.94 -6.16 12.77
N TYR A 280 -11.72 -5.64 13.71
CA TYR A 280 -11.15 -5.05 14.92
C TYR A 280 -10.59 -6.16 15.80
N PHE A 281 -9.56 -5.82 16.59
CA PHE A 281 -9.21 -6.69 17.71
C PHE A 281 -10.38 -6.77 18.66
N THR A 282 -10.59 -7.96 19.23
CA THR A 282 -11.61 -8.09 20.27
C THR A 282 -11.13 -7.42 21.55
N ALA A 283 -12.06 -7.13 22.45
CA ALA A 283 -11.66 -6.53 23.72
C ALA A 283 -10.74 -7.46 24.50
N ARG A 284 -10.97 -8.77 24.40
CA ARG A 284 -10.05 -9.72 25.04
C ARG A 284 -8.65 -9.61 24.48
N GLU A 285 -8.54 -9.44 23.15
CA GLU A 285 -7.22 -9.32 22.54
C GLU A 285 -6.56 -8.01 22.94
N VAL A 286 -7.33 -6.93 23.03
CA VAL A 286 -6.78 -5.66 23.51
C VAL A 286 -6.28 -5.82 24.94
N ALA A 287 -7.09 -6.44 25.80
CA ALA A 287 -6.66 -6.69 27.17
C ALA A 287 -5.37 -7.48 27.22
N ARG A 288 -5.26 -8.54 26.40
CA ARG A 288 -4.05 -9.34 26.36
C ARG A 288 -2.86 -8.51 25.90
N LEU A 289 -3.04 -7.69 24.87
CA LEU A 289 -1.93 -6.85 24.41
C LEU A 289 -1.50 -5.85 25.47
N MET A 290 -2.41 -5.48 26.37
CA MET A 290 -2.08 -4.56 27.46
C MET A 290 -1.62 -5.28 28.71
N GLY A 291 -1.47 -6.61 28.66
CA GLY A 291 -0.91 -7.38 29.74
C GLY A 291 -1.89 -7.85 30.80
N PHE A 292 -3.18 -7.69 30.59
CA PHE A 292 -4.15 -8.16 31.57
C PHE A 292 -4.24 -9.68 31.52
N PRO A 293 -4.42 -10.34 32.67
CA PRO A 293 -4.49 -11.79 32.67
C PRO A 293 -5.86 -12.27 32.17
N GLU A 294 -5.92 -13.57 31.88
CA GLU A 294 -7.15 -14.17 31.40
C GLU A 294 -8.28 -14.12 32.43
N SER A 295 -7.93 -14.01 33.72
CA SER A 295 -8.95 -13.91 34.75
C SER A 295 -9.78 -12.64 34.67
N LEU A 296 -9.30 -11.59 33.99
CA LEU A 296 -10.10 -10.39 33.80
C LEU A 296 -11.42 -10.77 33.11
N GLU A 297 -12.53 -10.44 33.76
N GLU A 297 -12.53 -10.43 33.76
CA GLU A 297 -13.84 -10.84 33.26
CA GLU A 297 -13.84 -10.86 33.28
C GLU A 297 -14.79 -9.65 33.32
C GLU A 297 -14.83 -9.70 33.37
N TRP A 298 -15.73 -9.64 32.39
CA TRP A 298 -16.83 -8.67 32.40
C TRP A 298 -18.16 -9.27 31.98
N SER A 299 -18.19 -10.52 31.52
CA SER A 299 -19.43 -11.12 31.03
C SER A 299 -20.51 -11.14 32.10
N LYS A 300 -20.15 -11.39 33.36
CA LYS A 300 -21.11 -11.43 34.46
C LYS A 300 -21.50 -10.04 34.96
N SER A 301 -21.26 -9.00 34.20
CA SER A 301 -21.54 -7.63 34.61
C SER A 301 -22.52 -6.98 33.64
N ASN A 302 -22.92 -5.76 33.96
CA ASN A 302 -23.69 -4.92 33.05
C ASN A 302 -22.80 -4.14 32.09
N VAL A 303 -21.51 -4.40 32.08
CA VAL A 303 -20.57 -3.67 31.23
C VAL A 303 -20.39 -4.44 29.93
N THR A 304 -20.76 -3.81 28.81
CA THR A 304 -20.68 -4.45 27.51
C THR A 304 -19.25 -4.40 26.95
N GLU A 305 -19.00 -5.25 25.95
CA GLU A 305 -17.69 -5.23 25.30
C GLU A 305 -17.39 -3.86 24.71
N LYS A 306 -18.41 -3.18 24.19
CA LYS A 306 -18.23 -1.83 23.68
C LYS A 306 -17.70 -0.90 24.76
N CYS A 307 -18.22 -1.01 25.98
N CYS A 307 -18.25 -1.00 25.98
CA CYS A 307 -17.72 -0.19 27.08
CA CYS A 307 -17.73 -0.21 27.09
C CYS A 307 -16.34 -0.65 27.53
C CYS A 307 -16.32 -0.64 27.48
N MET A 308 -16.04 -1.95 27.40
CA MET A 308 -14.72 -2.44 27.77
C MET A 308 -13.63 -1.83 26.90
N TYR A 309 -13.89 -1.66 25.60
CA TYR A 309 -12.91 -0.97 24.75
C TYR A 309 -12.57 0.40 25.30
N ARG A 310 -13.58 1.11 25.82
CA ARG A 310 -13.32 2.45 26.33
C ARG A 310 -12.50 2.40 27.61
N LEU A 311 -12.80 1.44 28.49
CA LEU A 311 -12.05 1.30 29.73
C LEU A 311 -10.62 0.86 29.44
N LEU A 312 -10.46 -0.08 28.52
CA LEU A 312 -9.12 -0.55 28.16
C LEU A 312 -8.30 0.55 27.49
N GLY A 313 -8.96 1.38 26.69
CA GLY A 313 -8.28 2.46 25.99
C GLY A 313 -7.60 3.44 26.93
N ASN A 314 -8.06 3.53 28.18
CA ASN A 314 -7.49 4.40 29.20
C ASN A 314 -6.67 3.66 30.24
N SER A 315 -6.35 2.39 30.00
N SER A 315 -6.36 2.38 30.01
CA SER A 315 -5.68 1.55 30.98
CA SER A 315 -5.67 1.63 31.04
C SER A 315 -4.16 1.54 30.75
C SER A 315 -4.16 1.72 30.85
N ILE A 316 -3.43 1.12 31.79
CA ILE A 316 -1.98 0.99 31.69
C ILE A 316 -1.63 -0.29 30.96
N ASN A 317 -0.35 -0.45 30.63
CA ASN A 317 0.18 -1.77 30.32
C ASN A 317 0.63 -2.42 31.62
N VAL A 318 -0.02 -3.55 31.95
CA VAL A 318 0.18 -4.22 33.23
C VAL A 318 1.59 -4.80 33.33
N LYS A 319 2.12 -5.31 32.21
N LYS A 319 2.13 -5.28 32.22
CA LYS A 319 3.47 -5.88 32.21
CA LYS A 319 3.47 -5.88 32.24
C LYS A 319 4.52 -4.82 32.52
C LYS A 319 4.54 -4.84 32.51
N VAL A 320 4.52 -3.72 31.77
CA VAL A 320 5.50 -2.65 32.00
C VAL A 320 5.44 -2.15 33.44
N VAL A 321 4.22 -1.91 33.95
CA VAL A 321 4.12 -1.40 35.31
C VAL A 321 4.56 -2.43 36.34
N SER A 322 4.35 -3.73 36.07
CA SER A 322 4.84 -4.75 37.00
C SER A 322 6.36 -4.65 37.18
N TYR A 323 7.08 -4.37 36.10
CA TYR A 323 8.53 -4.18 36.19
C TYR A 323 8.87 -2.94 36.99
N LEU A 324 8.17 -1.82 36.73
CA LEU A 324 8.47 -0.58 37.44
C LEU A 324 8.13 -0.71 38.93
N ILE A 325 7.06 -1.42 39.25
CA ILE A 325 6.73 -1.64 40.66
C ILE A 325 7.84 -2.42 41.35
N SER A 326 8.34 -3.47 40.69
CA SER A 326 9.45 -4.26 41.23
C SER A 326 10.65 -3.37 41.52
N LEU A 327 11.01 -2.51 40.56
CA LEU A 327 12.11 -1.57 40.77
C LEU A 327 11.82 -0.62 41.92
N LEU A 328 10.62 -0.02 41.92
CA LEU A 328 10.30 0.99 42.93
C LEU A 328 10.44 0.47 44.34
N LEU A 329 9.94 -0.74 44.60
CA LEU A 329 9.82 -1.26 45.95
C LEU A 329 11.03 -2.09 46.40
N GLU A 330 12.14 -2.07 45.65
CA GLU A 330 13.31 -2.85 46.06
C GLU A 330 13.78 -2.55 47.48
N PRO A 331 13.83 -1.31 47.98
CA PRO A 331 14.32 -1.09 49.35
C PRO A 331 13.48 -1.77 50.43
N LEU A 332 12.32 -2.32 50.08
CA LEU A 332 11.49 -3.00 51.07
C LEU A 332 11.96 -4.43 51.30
N ASN A 333 12.84 -4.95 50.45
CA ASN A 333 13.49 -6.24 50.64
C ASN A 333 12.48 -7.37 50.85
N PHE A 334 11.63 -7.55 49.84
CA PHE A 334 10.65 -8.63 49.86
C PHE A 334 11.25 -9.91 49.33
N LYS B 9 -30.07 2.31 15.32
CA LYS B 9 -30.53 2.53 13.97
C LYS B 9 -29.81 3.72 13.33
N ARG B 10 -30.53 4.82 13.11
CA ARG B 10 -29.96 6.00 12.50
C ARG B 10 -30.43 7.24 13.25
N LEU B 11 -29.59 8.27 13.25
CA LEU B 11 -29.76 9.42 14.12
C LEU B 11 -30.30 10.58 13.30
N ARG B 12 -31.44 11.12 13.72
CA ARG B 12 -32.02 12.29 13.06
C ARG B 12 -31.40 13.55 13.66
N VAL B 13 -30.78 14.37 12.81
CA VAL B 13 -29.99 15.52 13.23
C VAL B 13 -30.58 16.78 12.64
N LEU B 14 -30.76 17.80 13.48
CA LEU B 14 -31.09 19.15 13.06
C LEU B 14 -29.85 20.02 13.18
N GLU B 15 -29.43 20.63 12.06
CA GLU B 15 -28.15 21.34 11.97
C GLU B 15 -28.45 22.83 11.85
N LEU B 16 -28.47 23.51 12.99
CA LEU B 16 -28.82 24.93 13.05
C LEU B 16 -27.58 25.79 12.85
N TYR B 17 -27.75 26.90 12.12
CA TYR B 17 -26.64 27.76 11.73
C TYR B 17 -25.61 26.93 10.94
N SER B 18 -26.09 26.29 9.88
CA SER B 18 -25.33 25.20 9.27
C SER B 18 -24.10 25.68 8.48
N GLY B 19 -24.12 26.89 7.92
CA GLY B 19 -22.95 27.36 7.19
C GLY B 19 -22.63 26.44 6.01
N ILE B 20 -21.35 26.08 5.87
CA ILE B 20 -20.93 25.18 4.80
C ILE B 20 -20.94 23.73 5.28
N GLY B 21 -21.51 23.50 6.46
CA GLY B 21 -21.74 22.16 6.92
C GLY B 21 -20.62 21.53 7.70
N GLY B 22 -19.85 22.35 8.43
CA GLY B 22 -18.81 21.80 9.30
C GLY B 22 -19.32 20.71 10.21
N MET B 23 -20.49 20.92 10.82
CA MET B 23 -21.04 19.88 11.71
C MET B 23 -21.30 18.59 10.96
N HIS B 24 -21.86 18.69 9.76
CA HIS B 24 -22.10 17.49 8.96
C HIS B 24 -20.79 16.77 8.66
N TYR B 25 -19.74 17.52 8.32
CA TYR B 25 -18.44 16.91 8.07
C TYR B 25 -17.89 16.25 9.34
N ALA B 26 -18.13 16.86 10.50
CA ALA B 26 -17.64 16.28 11.74
C ALA B 26 -18.40 15.00 12.08
N LEU B 27 -19.70 14.97 11.78
CA LEU B 27 -20.49 13.74 11.94
C LEU B 27 -19.97 12.64 11.03
N ASN B 28 -19.57 13.00 9.80
CA ASN B 28 -19.00 12.01 8.87
C ASN B 28 -17.70 11.45 9.42
N LEU B 29 -16.82 12.33 9.92
CA LEU B 29 -15.55 11.92 10.48
C LEU B 29 -15.73 11.01 11.70
N ALA B 30 -16.77 11.26 12.50
CA ALA B 30 -17.06 10.44 13.66
C ALA B 30 -17.78 9.15 13.31
N ASN B 31 -18.09 8.93 12.02
CA ASN B 31 -18.76 7.72 11.55
C ASN B 31 -20.11 7.51 12.22
N ILE B 32 -20.82 8.61 12.44
CA ILE B 32 -22.16 8.54 13.02
C ILE B 32 -23.16 8.22 11.91
N PRO B 33 -24.07 7.26 12.11
CA PRO B 33 -25.10 6.99 11.09
C PRO B 33 -26.14 8.09 11.07
N ALA B 34 -25.75 9.28 10.64
CA ALA B 34 -26.55 10.47 10.80
C ALA B 34 -27.37 10.75 9.55
N ASP B 35 -28.64 11.10 9.75
CA ASP B 35 -29.50 11.63 8.72
C ASP B 35 -29.77 13.09 9.10
N ILE B 36 -29.16 14.02 8.38
CA ILE B 36 -29.46 15.44 8.64
C ILE B 36 -30.83 15.71 8.05
N VAL B 37 -31.80 15.98 8.93
CA VAL B 37 -33.17 16.20 8.49
C VAL B 37 -33.31 17.57 7.84
N CYS B 38 -32.62 18.57 8.39
CA CYS B 38 -32.62 19.91 7.84
C CYS B 38 -31.39 20.64 8.34
N ALA B 39 -30.78 21.41 7.45
CA ALA B 39 -29.71 22.34 7.79
C ALA B 39 -30.25 23.75 7.55
N ILE B 40 -30.14 24.61 8.54
CA ILE B 40 -30.81 25.91 8.50
C ILE B 40 -29.77 27.03 8.56
N ASP B 41 -29.75 27.87 7.52
CA ASP B 41 -28.87 29.01 7.48
C ASP B 41 -29.55 30.10 6.67
N ILE B 42 -29.40 31.34 7.10
CA ILE B 42 -30.00 32.46 6.37
C ILE B 42 -29.16 32.92 5.19
N ASN B 43 -27.91 32.46 5.09
CA ASN B 43 -27.02 32.99 4.05
C ASN B 43 -27.11 32.13 2.80
N PRO B 44 -27.47 32.70 1.65
CA PRO B 44 -27.64 31.88 0.44
C PRO B 44 -26.33 31.31 -0.10
N GLN B 45 -25.21 31.98 0.10
CA GLN B 45 -23.94 31.44 -0.38
C GLN B 45 -23.51 30.25 0.47
N ALA B 46 -23.72 30.32 1.78
CA ALA B 46 -23.46 29.14 2.61
C ALA B 46 -24.33 27.96 2.17
N ASN B 47 -25.62 28.21 1.94
CA ASN B 47 -26.52 27.13 1.53
C ASN B 47 -26.14 26.54 0.18
N GLU B 48 -25.68 27.39 -0.74
CA GLU B 48 -25.20 26.88 -2.04
C GLU B 48 -24.05 25.91 -1.86
N ILE B 49 -23.06 26.28 -1.05
CA ILE B 49 -21.93 25.38 -0.80
C ILE B 49 -22.40 24.14 -0.06
N TYR B 50 -23.25 24.32 0.96
CA TYR B 50 -23.78 23.16 1.69
C TYR B 50 -24.43 22.17 0.75
N ASN B 51 -25.36 22.65 -0.08
CA ASN B 51 -26.13 21.74 -0.91
C ASN B 51 -25.28 21.09 -2.00
N LEU B 52 -24.31 21.82 -2.53
CA LEU B 52 -23.40 21.24 -3.51
C LEU B 52 -22.63 20.06 -2.94
N ASN B 53 -22.24 20.15 -1.67
CA ASN B 53 -21.32 19.18 -1.09
C ASN B 53 -22.03 18.07 -0.33
N HIS B 54 -23.16 18.35 0.31
CA HIS B 54 -23.84 17.38 1.16
C HIS B 54 -25.15 16.86 0.56
N GLY B 55 -25.61 17.42 -0.54
CA GLY B 55 -26.96 17.17 -1.02
C GLY B 55 -27.92 18.26 -0.57
N LYS B 56 -29.07 18.31 -1.24
N LYS B 56 -29.12 18.26 -1.16
CA LYS B 56 -30.05 19.33 -0.97
CA LYS B 56 -30.04 19.38 -0.99
C LYS B 56 -30.67 19.09 0.39
C LYS B 56 -30.79 19.30 0.33
N LEU B 57 -30.10 19.72 1.40
CA LEU B 57 -30.64 19.65 2.76
C LEU B 57 -30.71 21.01 3.45
N ALA B 58 -29.98 22.02 2.94
CA ALA B 58 -29.95 23.32 3.57
C ALA B 58 -31.08 24.19 3.05
N LYS B 59 -31.78 24.86 3.96
CA LYS B 59 -32.86 25.73 3.56
C LYS B 59 -32.75 27.08 4.26
N HIS B 60 -33.23 28.11 3.57
CA HIS B 60 -33.15 29.48 4.04
C HIS B 60 -34.27 29.76 5.02
N MET B 61 -33.92 30.08 6.27
CA MET B 61 -34.93 30.35 7.28
C MET B 61 -34.28 31.13 8.42
N ASP B 62 -35.02 32.10 8.96
CA ASP B 62 -34.57 32.88 10.10
C ASP B 62 -34.84 32.07 11.36
N ILE B 63 -33.77 31.64 12.03
CA ILE B 63 -33.89 30.78 13.21
C ILE B 63 -34.69 31.47 14.32
N SER B 64 -34.69 32.80 14.35
CA SER B 64 -35.47 33.49 15.37
C SER B 64 -36.98 33.32 15.16
N THR B 65 -37.41 32.85 13.99
CA THR B 65 -38.83 32.64 13.73
C THR B 65 -39.28 31.20 13.98
N LEU B 66 -38.36 30.31 14.37
CA LEU B 66 -38.72 28.92 14.60
C LEU B 66 -39.62 28.80 15.83
N THR B 67 -40.66 27.98 15.71
CA THR B 67 -41.60 27.70 16.78
C THR B 67 -41.42 26.28 17.29
N ALA B 68 -42.05 25.99 18.43
CA ALA B 68 -42.04 24.62 18.95
C ALA B 68 -42.63 23.65 17.95
N LYS B 69 -43.65 24.09 17.19
CA LYS B 69 -44.24 23.23 16.18
C LYS B 69 -43.23 22.88 15.09
N ASP B 70 -42.39 23.84 14.70
CA ASP B 70 -41.35 23.55 13.71
C ASP B 70 -40.39 22.49 14.22
N PHE B 71 -39.90 22.65 15.46
CA PHE B 71 -38.99 21.67 16.03
C PHE B 71 -39.65 20.30 16.15
N ASP B 72 -40.91 20.27 16.58
CA ASP B 72 -41.65 19.01 16.65
C ASP B 72 -41.65 18.30 15.31
N ALA B 73 -41.83 19.06 14.22
CA ALA B 73 -41.92 18.46 12.89
C ALA B 73 -40.56 17.93 12.44
N PHE B 74 -39.48 18.63 12.79
CA PHE B 74 -38.15 18.12 12.49
C PHE B 74 -37.90 16.80 13.19
N ASP B 75 -38.37 16.68 14.44
CA ASP B 75 -38.33 15.43 15.20
C ASP B 75 -36.92 14.86 15.23
N CYS B 76 -35.99 15.67 15.73
CA CYS B 76 -34.57 15.34 15.71
C CYS B 76 -34.07 15.05 17.11
N LYS B 77 -33.22 14.03 17.23
CA LYS B 77 -32.69 13.60 18.52
C LYS B 77 -31.38 14.28 18.87
N LEU B 78 -30.65 14.79 17.88
CA LEU B 78 -29.49 15.64 18.10
C LEU B 78 -29.74 16.96 17.42
N TRP B 79 -29.55 18.06 18.16
CA TRP B 79 -29.47 19.39 17.58
C TRP B 79 -28.04 19.87 17.70
N THR B 80 -27.48 20.37 16.59
CA THR B 80 -26.19 21.06 16.63
C THR B 80 -26.44 22.54 16.33
N MET B 81 -25.63 23.41 16.92
CA MET B 81 -25.79 24.83 16.63
C MET B 81 -24.48 25.57 16.83
N SER B 82 -24.25 26.56 15.98
N SER B 82 -24.24 26.55 15.95
CA SER B 82 -23.12 27.50 16.09
CA SER B 82 -23.13 27.51 16.06
C SER B 82 -23.76 28.89 16.02
C SER B 82 -23.78 28.88 16.02
N PRO B 83 -24.40 29.32 17.11
CA PRO B 83 -25.09 30.61 17.14
C PRO B 83 -24.24 31.85 16.88
N SER B 84 -24.90 32.88 16.37
CA SER B 84 -24.30 34.19 16.10
C SER B 84 -24.89 35.13 17.15
N CYS B 85 -24.14 35.32 18.24
CA CYS B 85 -24.57 36.13 19.37
C CYS B 85 -23.92 37.51 19.47
N GLN B 86 -22.94 37.82 18.62
CA GLN B 86 -22.29 39.13 18.67
C GLN B 86 -23.19 40.20 18.06
N PRO B 87 -23.13 41.45 18.56
CA PRO B 87 -22.47 41.87 19.80
C PRO B 87 -23.21 41.39 21.04
N PHE B 88 -22.46 41.08 22.10
CA PHE B 88 -23.06 40.63 23.35
C PHE B 88 -23.93 41.68 24.03
N THR B 89 -23.51 42.95 24.00
CA THR B 89 -24.33 44.02 24.56
C THR B 89 -24.61 44.90 23.35
N ARG B 90 -25.89 45.11 23.04
CA ARG B 90 -26.29 45.92 21.91
C ARG B 90 -26.37 47.44 22.10
N ILE B 91 -26.27 48.11 20.95
CA ILE B 91 -26.33 49.57 20.71
C ILE B 91 -25.61 50.38 21.76
N PRO B 100 -33.09 39.10 14.54
CA PRO B 100 -32.47 37.77 14.44
C PRO B 100 -31.00 37.87 14.88
N ARG B 101 -30.74 39.00 15.52
CA ARG B 101 -29.41 39.42 15.95
C ARG B 101 -28.73 38.49 16.96
N SER B 102 -29.45 38.07 18.00
CA SER B 102 -29.00 37.12 19.00
C SER B 102 -30.25 36.50 19.55
N GLN B 103 -31.35 37.19 19.26
CA GLN B 103 -32.66 36.71 19.63
C GLN B 103 -32.88 35.35 19.00
N ALA B 104 -32.19 35.06 17.89
CA ALA B 104 -32.31 33.74 17.29
C ALA B 104 -31.89 32.69 18.32
N PHE B 105 -30.74 32.89 18.97
CA PHE B 105 -30.30 31.92 19.97
C PHE B 105 -31.25 31.94 21.15
N LEU B 106 -31.63 33.15 21.61
CA LEU B 106 -32.58 33.27 22.71
C LEU B 106 -33.92 32.68 22.32
N ASN B 107 -34.29 32.74 21.03
CA ASN B 107 -35.52 32.11 20.59
C ASN B 107 -35.44 30.60 20.79
N ILE B 108 -34.30 29.99 20.45
CA ILE B 108 -34.13 28.57 20.65
C ILE B 108 -34.34 28.23 22.13
N LEU B 109 -33.68 28.99 23.02
CA LEU B 109 -33.78 28.69 24.44
C LEU B 109 -35.19 28.90 24.97
N ASN B 110 -35.92 29.87 24.42
N ASN B 110 -35.92 29.88 24.42
CA ASN B 110 -37.29 30.12 24.89
CA ASN B 110 -37.26 30.15 24.90
C ASN B 110 -38.28 29.13 24.30
C ASN B 110 -38.24 29.07 24.46
N VAL B 111 -37.96 28.51 23.17
N VAL B 111 -38.05 28.50 23.27
CA VAL B 111 -38.87 27.54 22.57
CA VAL B 111 -39.00 27.52 22.75
C VAL B 111 -38.62 26.12 23.10
C VAL B 111 -38.64 26.07 23.09
N LEU B 112 -37.37 25.80 23.44
CA LEU B 112 -37.00 24.44 23.85
C LEU B 112 -37.91 23.82 24.90
N PRO B 113 -38.25 24.50 26.00
CA PRO B 113 -39.10 23.84 27.02
C PRO B 113 -40.50 23.50 26.52
N HIS B 114 -40.88 23.99 25.34
CA HIS B 114 -42.22 23.80 24.82
C HIS B 114 -42.33 22.70 23.79
N VAL B 115 -41.23 22.03 23.45
CA VAL B 115 -41.28 21.00 22.41
C VAL B 115 -41.86 19.73 23.01
N ASN B 116 -42.53 18.95 22.17
N ASN B 116 -42.49 18.91 22.18
CA ASN B 116 -43.12 17.68 22.60
CA ASN B 116 -43.12 17.70 22.69
C ASN B 116 -42.05 16.72 23.10
C ASN B 116 -42.09 16.63 23.05
N ASN B 117 -40.97 16.59 22.33
CA ASN B 117 -39.91 15.61 22.60
C ASN B 117 -38.56 16.32 22.60
N LEU B 118 -38.02 16.58 23.79
CA LEU B 118 -36.74 17.26 23.88
C LEU B 118 -35.68 16.43 23.16
N PRO B 119 -34.77 17.06 22.41
CA PRO B 119 -33.66 16.30 21.84
C PRO B 119 -32.82 15.66 22.94
N GLU B 120 -32.37 14.43 22.70
CA GLU B 120 -31.58 13.73 23.69
C GLU B 120 -30.14 14.27 23.75
N TYR B 121 -29.67 14.91 22.70
CA TYR B 121 -28.30 15.43 22.64
C TYR B 121 -28.31 16.82 22.02
N ILE B 122 -27.50 17.71 22.56
CA ILE B 122 -27.30 19.05 22.02
C ILE B 122 -25.81 19.35 22.01
N LEU B 123 -25.33 19.92 20.90
N LEU B 123 -25.31 19.87 20.88
CA LEU B 123 -23.95 20.36 20.75
CA LEU B 123 -23.94 20.38 20.82
C LEU B 123 -23.95 21.83 20.34
C LEU B 123 -23.98 21.83 20.37
N ILE B 124 -23.27 22.68 21.10
CA ILE B 124 -23.21 24.11 20.86
C ILE B 124 -21.75 24.50 20.72
N GLU B 125 -21.43 25.31 19.69
CA GLU B 125 -20.10 25.89 19.55
C GLU B 125 -20.23 27.40 19.40
N ASN B 126 -19.32 28.13 20.05
CA ASN B 126 -19.33 29.59 19.95
C ASN B 126 -17.93 30.15 20.13
N VAL B 127 -17.79 31.47 19.93
CA VAL B 127 -16.51 32.13 20.14
C VAL B 127 -16.14 32.11 21.62
N GLN B 128 -14.84 32.27 21.90
CA GLN B 128 -14.32 32.12 23.25
C GLN B 128 -15.03 33.02 24.26
N GLY B 129 -15.38 34.24 23.85
CA GLY B 129 -16.04 35.16 24.78
C GLY B 129 -17.43 34.75 25.23
N PHE B 130 -18.01 33.71 24.62
CA PHE B 130 -19.38 33.33 24.95
C PHE B 130 -19.52 32.89 26.41
N GLU B 131 -18.48 32.28 26.98
CA GLU B 131 -18.60 31.66 28.30
C GLU B 131 -18.96 32.67 29.40
N GLU B 132 -18.63 33.95 29.21
CA GLU B 132 -18.90 34.97 30.20
C GLU B 132 -20.15 35.79 29.89
N SER B 133 -20.89 35.43 28.84
CA SER B 133 -22.00 36.25 28.37
C SER B 133 -23.28 35.94 29.15
N LYS B 134 -24.24 36.85 29.06
CA LYS B 134 -25.57 36.60 29.62
C LYS B 134 -26.26 35.47 28.87
N ALA B 135 -26.05 35.39 27.56
CA ALA B 135 -26.65 34.32 26.77
C ALA B 135 -26.20 32.95 27.28
N ALA B 136 -24.93 32.82 27.67
CA ALA B 136 -24.44 31.56 28.20
C ALA B 136 -25.11 31.22 29.53
N GLU B 137 -25.28 32.22 30.41
CA GLU B 137 -25.92 31.94 31.68
C GLU B 137 -27.35 31.49 31.49
N GLU B 138 -28.06 32.12 30.55
CA GLU B 138 -29.43 31.68 30.24
C GLU B 138 -29.43 30.28 29.66
N CYS B 139 -28.42 29.95 28.84
CA CYS B 139 -28.33 28.61 28.28
C CYS B 139 -28.15 27.56 29.37
N ARG B 140 -27.26 27.84 30.34
CA ARG B 140 -27.02 26.88 31.42
C ARG B 140 -28.29 26.63 32.24
N LYS B 141 -29.03 27.70 32.52
CA LYS B 141 -30.21 27.57 33.37
C LYS B 141 -31.30 26.75 32.69
N VAL B 142 -31.59 27.07 31.42
CA VAL B 142 -32.69 26.37 30.74
C VAL B 142 -32.33 24.91 30.49
N LEU B 143 -31.09 24.63 30.06
CA LEU B 143 -30.71 23.25 29.85
C LEU B 143 -30.77 22.46 31.15
N ARG B 144 -30.24 23.02 32.25
CA ARG B 144 -30.31 22.31 33.53
C ARG B 144 -31.76 22.10 33.95
N ASN B 145 -32.61 23.11 33.78
CA ASN B 145 -34.01 22.98 34.18
C ASN B 145 -34.77 21.99 33.32
N CYS B 146 -34.38 21.82 32.05
CA CYS B 146 -35.01 20.83 31.18
C CYS B 146 -34.35 19.46 31.30
N GLY B 147 -33.55 19.23 32.35
CA GLY B 147 -33.05 17.91 32.63
C GLY B 147 -31.77 17.53 31.91
N TYR B 148 -31.08 18.48 31.30
CA TYR B 148 -29.83 18.18 30.60
C TYR B 148 -28.66 18.17 31.57
N ASN B 149 -27.72 17.26 31.31
CA ASN B 149 -26.41 17.26 31.93
C ASN B 149 -25.49 17.98 30.94
N LEU B 150 -25.02 19.17 31.30
CA LEU B 150 -24.24 20.01 30.41
C LEU B 150 -22.80 20.07 30.89
N ILE B 151 -21.86 19.83 29.97
CA ILE B 151 -20.45 20.10 30.22
C ILE B 151 -19.98 21.12 29.20
N GLU B 152 -18.96 21.90 29.57
CA GLU B 152 -18.52 22.98 28.70
C GLU B 152 -17.05 23.26 28.92
N GLY B 153 -16.44 23.90 27.92
CA GLY B 153 -15.07 24.34 28.06
C GLY B 153 -14.59 25.00 26.79
N ILE B 154 -13.41 25.61 26.89
CA ILE B 154 -12.74 26.24 25.75
C ILE B 154 -11.69 25.27 25.23
N LEU B 155 -11.70 25.01 23.92
CA LEU B 155 -10.73 24.13 23.30
C LEU B 155 -10.17 24.76 22.02
N SER B 156 -8.94 24.39 21.69
CA SER B 156 -8.29 24.88 20.48
C SER B 156 -7.63 23.73 19.75
N PRO B 157 -7.55 23.79 18.41
CA PRO B 157 -6.92 22.70 17.67
C PRO B 157 -5.47 22.47 18.07
N ASN B 158 -4.77 23.49 18.56
CA ASN B 158 -3.37 23.26 18.92
C ASN B 158 -3.23 22.45 20.20
N GLN B 159 -4.34 22.13 20.87
CA GLN B 159 -4.34 21.16 21.96
C GLN B 159 -4.46 19.73 21.45
N PHE B 160 -4.65 19.55 20.14
CA PHE B 160 -4.85 18.24 19.52
C PHE B 160 -3.82 17.99 18.42
N ASN B 161 -2.63 18.57 18.55
CA ASN B 161 -1.55 18.40 17.57
C ASN B 161 -2.01 18.82 16.17
N ILE B 162 -2.72 19.95 16.12
CA ILE B 162 -3.09 20.61 14.86
C ILE B 162 -2.45 21.99 14.88
N PRO B 163 -1.69 22.38 13.86
CA PRO B 163 -0.92 23.63 13.95
C PRO B 163 -1.74 24.88 13.61
N ASN B 164 -2.82 25.10 14.35
CA ASN B 164 -3.62 26.30 14.19
C ASN B 164 -4.26 26.65 15.52
N SER B 165 -4.17 27.92 15.89
N SER B 165 -4.25 27.93 15.87
CA SER B 165 -4.90 28.42 17.05
CA SER B 165 -4.88 28.41 17.09
C SER B 165 -6.32 28.79 16.64
C SER B 165 -6.29 28.90 16.77
N ARG B 166 -7.30 28.27 17.37
CA ARG B 166 -8.69 28.64 17.15
C ARG B 166 -9.48 28.29 18.40
N SER B 167 -9.28 29.07 19.46
CA SER B 167 -9.99 28.80 20.72
C SER B 167 -11.48 29.04 20.53
N ARG B 168 -12.29 28.06 20.92
CA ARG B 168 -13.74 28.17 20.84
C ARG B 168 -14.37 27.57 22.09
N TRP B 169 -15.57 28.04 22.40
CA TRP B 169 -16.36 27.49 23.49
C TRP B 169 -17.23 26.36 22.96
N TYR B 170 -17.35 25.29 23.75
CA TYR B 170 -18.21 24.17 23.41
C TYR B 170 -19.09 23.82 24.59
N GLY B 171 -20.36 23.54 24.31
CA GLY B 171 -21.25 22.98 25.30
C GLY B 171 -21.80 21.66 24.78
N LEU B 172 -21.68 20.60 25.58
CA LEU B 172 -22.20 19.29 25.23
C LEU B 172 -23.26 18.94 26.26
N ALA B 173 -24.44 18.53 25.79
CA ALA B 173 -25.56 18.29 26.69
C ALA B 173 -26.24 16.98 26.36
N ARG B 174 -26.44 16.15 27.40
CA ARG B 174 -27.18 14.90 27.31
C ARG B 174 -28.43 14.99 28.18
N LEU B 175 -29.58 14.68 27.58
CA LEU B 175 -30.83 14.66 28.33
C LEU B 175 -30.85 13.51 29.33
N ASN B 176 -31.17 13.83 30.59
N ASN B 176 -31.23 13.82 30.58
CA ASN B 176 -31.42 12.82 31.62
CA ASN B 176 -31.41 12.87 31.67
C ASN B 176 -30.26 11.83 31.74
C ASN B 176 -30.27 11.84 31.75
N PHE B 177 -29.05 12.37 31.81
CA PHE B 177 -27.85 11.57 31.99
C PHE B 177 -27.31 11.84 33.38
N LYS B 178 -27.25 10.80 34.21
CA LYS B 178 -26.84 10.94 35.60
C LYS B 178 -25.49 10.30 35.89
N GLY B 179 -24.76 9.87 34.86
CA GLY B 179 -23.44 9.31 35.01
C GLY B 179 -22.38 10.39 35.17
N GLU B 180 -21.13 9.99 34.92
CA GLU B 180 -19.99 10.87 35.09
C GLU B 180 -19.37 11.13 33.72
N TRP B 181 -19.05 12.39 33.45
CA TRP B 181 -18.30 12.74 32.25
C TRP B 181 -17.74 14.15 32.42
N SER B 182 -16.85 14.52 31.48
CA SER B 182 -16.09 15.76 31.58
C SER B 182 -15.67 16.19 30.18
N ILE B 183 -15.59 17.51 29.96
CA ILE B 183 -15.16 17.99 28.65
C ILE B 183 -13.73 17.53 28.37
N ASP B 184 -12.92 17.36 29.41
CA ASP B 184 -11.54 16.90 29.25
C ASP B 184 -11.45 15.46 28.76
N ASP B 185 -12.54 14.69 28.84
CA ASP B 185 -12.54 13.35 28.27
C ASP B 185 -12.26 13.38 26.77
N VAL B 186 -12.47 14.52 26.11
CA VAL B 186 -12.26 14.61 24.67
C VAL B 186 -10.82 14.25 24.30
N PHE B 187 -9.88 14.48 25.21
CA PHE B 187 -8.49 14.22 24.86
C PHE B 187 -8.16 12.73 24.79
N GLN B 188 -9.05 11.87 25.28
CA GLN B 188 -8.85 10.42 25.15
C GLN B 188 -9.19 9.92 23.76
N PHE B 189 -9.79 10.76 22.91
CA PHE B 189 -10.12 10.45 21.53
C PHE B 189 -9.09 10.98 20.55
N SER B 190 -8.20 11.85 21.01
CA SER B 190 -7.22 12.48 20.12
C SER B 190 -6.42 11.43 19.36
N GLU B 191 -6.16 11.70 18.09
CA GLU B 191 -5.35 10.80 17.27
C GLU B 191 -3.94 10.70 17.82
N VAL B 192 -3.48 9.47 18.02
CA VAL B 192 -2.07 9.16 18.25
C VAL B 192 -1.59 8.35 17.06
N ALA B 193 -0.78 8.98 16.21
CA ALA B 193 -0.41 8.39 14.93
C ALA B 193 0.61 7.27 15.13
N GLN B 194 1.03 6.67 14.01
CA GLN B 194 1.99 5.58 14.07
C GLN B 194 3.28 6.02 14.74
N LYS B 195 3.84 7.16 14.31
CA LYS B 195 5.02 7.74 14.93
C LYS B 195 4.59 8.48 16.19
N GLU B 196 4.80 7.85 17.35
CA GLU B 196 4.43 8.47 18.61
C GLU B 196 5.22 9.75 18.83
N GLY B 197 4.52 10.81 19.19
CA GLY B 197 5.07 12.17 19.12
C GLY B 197 4.72 12.81 17.79
N GLU B 198 5.76 13.25 17.05
CA GLU B 198 5.63 13.64 15.64
C GLU B 198 4.66 14.81 15.47
N VAL B 199 5.13 15.98 15.94
CA VAL B 199 4.32 17.20 15.90
C VAL B 199 3.91 17.50 14.47
N LYS B 200 2.62 17.77 14.26
CA LYS B 200 2.15 18.24 12.97
C LYS B 200 2.60 19.68 12.74
N ARG B 201 3.07 19.96 11.54
CA ARG B 201 3.55 21.28 11.16
C ARG B 201 2.80 21.79 9.93
N ILE B 202 2.95 23.10 9.69
CA ILE B 202 2.25 23.77 8.60
C ILE B 202 2.45 23.04 7.28
N ARG B 203 3.69 22.59 7.02
CA ARG B 203 4.00 21.96 5.73
C ARG B 203 3.09 20.79 5.42
N ASP B 204 2.54 20.13 6.46
CA ASP B 204 1.67 18.98 6.24
C ASP B 204 0.33 19.37 5.64
N TYR B 205 -0.01 20.66 5.60
CA TYR B 205 -1.28 21.13 5.09
C TYR B 205 -1.15 21.93 3.80
N LEU B 206 0.07 22.26 3.38
CA LEU B 206 0.25 23.18 2.27
C LEU B 206 -0.05 22.50 0.94
N GLU B 207 -0.60 23.28 0.01
CA GLU B 207 -0.66 22.82 -1.38
C GLU B 207 0.74 22.88 -1.99
N ILE B 208 0.93 22.10 -3.05
CA ILE B 208 2.21 21.96 -3.72
C ILE B 208 2.09 22.49 -5.15
N GLU B 209 3.22 22.95 -5.71
CA GLU B 209 3.35 23.20 -7.16
C GLU B 209 2.27 24.10 -7.78
N ARG B 210 1.79 25.10 -7.06
CA ARG B 210 0.80 25.98 -7.68
C ARG B 210 1.46 27.29 -8.09
N ASP B 211 0.75 28.07 -8.90
CA ASP B 211 1.20 29.41 -9.23
C ASP B 211 0.74 30.35 -8.11
N TRP B 212 1.70 30.84 -7.33
CA TRP B 212 1.39 31.60 -6.12
C TRP B 212 1.09 33.06 -6.39
N SER B 213 1.00 33.47 -7.66
CA SER B 213 0.96 34.90 -7.97
C SER B 213 -0.23 35.60 -7.34
N SER B 214 -1.42 34.97 -7.38
CA SER B 214 -2.60 35.64 -6.85
C SER B 214 -2.60 35.68 -5.32
N TYR B 215 -1.69 34.95 -4.67
CA TYR B 215 -1.67 34.86 -3.22
C TYR B 215 -0.56 35.69 -2.58
N MET B 216 0.38 36.23 -3.36
CA MET B 216 1.45 37.02 -2.77
C MET B 216 0.86 38.25 -2.08
N VAL B 217 1.35 38.53 -0.87
CA VAL B 217 0.97 39.76 -0.18
C VAL B 217 1.53 40.95 -0.93
N LEU B 218 0.71 41.98 -1.11
CA LEU B 218 1.12 43.13 -1.90
C LEU B 218 2.14 43.99 -1.14
N GLU B 219 3.02 44.64 -1.91
CA GLU B 219 4.02 45.50 -1.28
C GLU B 219 3.35 46.69 -0.60
N SER B 220 2.25 47.20 -1.16
CA SER B 220 1.58 48.33 -0.54
C SER B 220 1.10 47.99 0.87
N VAL B 221 0.55 46.78 1.04
N VAL B 221 0.55 46.79 1.07
CA VAL B 221 0.05 46.34 2.35
CA VAL B 221 0.07 46.44 2.40
C VAL B 221 1.22 46.07 3.29
C VAL B 221 1.23 46.06 3.32
N LEU B 222 2.26 45.40 2.78
CA LEU B 222 3.44 45.09 3.58
C LEU B 222 4.15 46.36 4.06
N ASN B 223 4.20 47.39 3.21
CA ASN B 223 4.83 48.64 3.62
C ASN B 223 3.98 49.39 4.64
N LYS B 224 2.67 49.33 4.51
CA LYS B 224 1.79 50.14 5.34
C LYS B 224 1.54 49.49 6.70
N TRP B 225 1.25 48.19 6.73
CA TRP B 225 0.90 47.50 7.97
C TRP B 225 1.70 46.22 8.17
N GLY B 226 2.77 45.99 7.40
CA GLY B 226 3.41 44.69 7.39
C GLY B 226 3.98 44.25 8.73
N HIS B 227 4.31 45.22 9.60
CA HIS B 227 4.83 44.89 10.92
C HIS B 227 3.81 44.17 11.78
N GLN B 228 2.51 44.30 11.47
CA GLN B 228 1.46 43.65 12.23
C GLN B 228 1.22 42.20 11.81
N PHE B 229 1.83 41.73 10.72
CA PHE B 229 1.61 40.35 10.31
C PHE B 229 2.34 39.40 11.24
N ASP B 230 1.67 38.31 11.58
CA ASP B 230 2.32 37.13 12.13
C ASP B 230 2.80 36.26 10.96
N ILE B 231 4.11 36.05 10.87
CA ILE B 231 4.72 35.31 9.77
C ILE B 231 5.11 33.93 10.27
N VAL B 232 4.67 32.89 9.57
CA VAL B 232 5.07 31.52 9.88
C VAL B 232 5.76 30.92 8.66
N LYS B 233 6.46 29.81 8.90
CA LYS B 233 7.22 29.06 7.92
C LYS B 233 6.63 27.66 7.81
N PRO B 234 6.96 26.92 6.74
CA PRO B 234 6.43 25.55 6.63
C PRO B 234 6.72 24.65 7.82
N ASP B 235 7.84 24.84 8.51
CA ASP B 235 8.12 23.98 9.66
C ASP B 235 7.55 24.53 10.96
N SER B 236 6.76 25.60 10.91
CA SER B 236 6.11 26.08 12.12
C SER B 236 5.07 25.07 12.62
N SER B 237 4.87 25.06 13.93
CA SER B 237 3.88 24.17 14.54
C SER B 237 2.62 24.91 15.00
N SER B 238 2.42 26.16 14.57
N SER B 238 2.41 26.13 14.51
CA SER B 238 1.12 26.81 14.78
CA SER B 238 1.20 26.89 14.82
C SER B 238 1.05 28.05 13.91
C SER B 238 1.02 27.98 13.78
N CYS B 239 -0.17 28.56 13.77
CA CYS B 239 -0.46 29.79 13.06
C CYS B 239 -1.73 30.37 13.67
N CYS B 240 -1.96 31.66 13.43
CA CYS B 240 -3.01 32.35 14.14
C CYS B 240 -4.39 32.03 13.58
N CYS B 241 -5.42 32.43 14.33
CA CYS B 241 -6.79 32.21 13.93
C CYS B 241 -7.12 32.92 12.62
N PHE B 242 -7.75 32.19 11.69
CA PHE B 242 -8.27 32.81 10.47
C PHE B 242 -9.65 33.38 10.72
N THR B 243 -9.89 34.60 10.26
CA THR B 243 -11.17 35.26 10.46
C THR B 243 -11.70 35.82 9.14
N ARG B 244 -12.90 36.41 9.21
CA ARG B 244 -13.57 37.00 8.06
C ARG B 244 -12.70 38.02 7.32
N GLY B 245 -11.82 38.72 8.03
CA GLY B 245 -11.00 39.71 7.37
C GLY B 245 -9.80 39.20 6.61
N TYR B 246 -9.54 37.90 6.57
CA TYR B 246 -8.28 37.40 6.05
C TYR B 246 -8.13 37.73 4.57
N THR B 247 -6.96 38.27 4.20
CA THR B 247 -6.52 38.82 2.91
C THR B 247 -7.01 40.26 2.73
N HIS B 248 -7.70 40.84 3.71
CA HIS B 248 -8.12 42.23 3.61
C HIS B 248 -7.57 43.03 4.78
N LEU B 249 -8.17 42.88 5.96
CA LEU B 249 -7.60 43.46 7.16
C LEU B 249 -6.46 42.57 7.67
N VAL B 250 -5.48 43.20 8.31
CA VAL B 250 -4.26 42.49 8.66
C VAL B 250 -4.37 41.95 10.09
N GLN B 251 -4.56 42.84 11.05
CA GLN B 251 -4.47 42.47 12.46
C GLN B 251 -5.60 41.53 12.86
N GLY B 252 -5.23 40.39 13.46
CA GLY B 252 -6.21 39.48 14.00
C GLY B 252 -6.93 38.63 12.98
N ALA B 253 -6.51 38.66 11.71
CA ALA B 253 -7.22 37.96 10.65
C ALA B 253 -6.57 36.65 10.23
N GLY B 254 -5.32 36.41 10.59
CA GLY B 254 -4.64 35.19 10.21
C GLY B 254 -3.17 35.46 9.91
N SER B 255 -2.36 34.42 10.04
CA SER B 255 -0.94 34.51 9.73
C SER B 255 -0.72 34.46 8.22
N ILE B 256 0.51 34.80 7.81
CA ILE B 256 0.93 34.70 6.43
C ILE B 256 2.16 33.82 6.39
N LEU B 257 2.43 33.24 5.22
CA LEU B 257 3.49 32.27 5.03
C LEU B 257 4.72 32.80 4.30
N GLN B 258 5.88 32.53 4.88
CA GLN B 258 7.16 32.92 4.31
C GLN B 258 7.62 31.74 3.46
N MET B 259 7.80 31.96 2.16
CA MET B 259 8.27 30.90 1.27
C MET B 259 9.78 30.94 1.05
N SER B 260 10.43 32.05 1.36
CA SER B 260 11.88 32.14 1.23
C SER B 260 12.55 31.31 2.32
N ASP B 261 13.84 31.04 2.13
CA ASP B 261 14.57 30.19 3.07
C ASP B 261 15.32 30.98 4.14
N HIS B 262 15.07 32.29 4.26
CA HIS B 262 15.72 33.09 5.29
C HIS B 262 15.43 32.54 6.67
N GLU B 263 16.46 32.37 7.49
CA GLU B 263 16.27 31.89 8.85
C GLU B 263 15.94 33.00 9.84
N ASN B 264 16.43 34.22 9.60
CA ASN B 264 16.15 35.34 10.50
C ASN B 264 15.06 36.21 9.89
N THR B 265 13.82 35.77 10.06
CA THR B 265 12.67 36.42 9.43
C THR B 265 12.57 37.89 9.83
N HIS B 266 12.73 38.18 11.12
CA HIS B 266 12.54 39.55 11.59
C HIS B 266 13.58 40.49 11.00
N GLU B 267 14.85 40.07 10.97
CA GLU B 267 15.89 40.91 10.40
C GLU B 267 15.70 41.10 8.90
N GLN B 268 15.44 40.00 8.18
CA GLN B 268 15.19 40.10 6.75
C GLN B 268 13.98 40.99 6.46
N PHE B 269 12.94 40.90 7.29
CA PHE B 269 11.79 41.78 7.11
C PHE B 269 12.22 43.24 7.19
N GLU B 270 13.15 43.57 8.08
CA GLU B 270 13.65 44.93 8.18
C GLU B 270 14.39 45.36 6.91
N ARG B 271 15.20 44.47 6.34
CA ARG B 271 16.04 44.86 5.21
C ARG B 271 15.27 44.86 3.89
N ASN B 272 14.53 43.78 3.61
CA ASN B 272 13.77 43.69 2.35
C ASN B 272 12.63 42.70 2.54
N ARG B 273 11.50 43.21 3.04
CA ARG B 273 10.36 42.34 3.34
C ARG B 273 9.83 41.65 2.08
N MET B 274 10.02 42.23 0.90
CA MET B 274 9.56 41.57 -0.31
C MET B 274 10.36 40.32 -0.63
N ALA B 275 11.60 40.23 -0.14
CA ALA B 275 12.41 39.04 -0.40
C ALA B 275 11.96 37.84 0.43
N LEU B 276 11.08 38.04 1.42
CA LEU B 276 10.56 36.93 2.21
C LEU B 276 9.59 36.05 1.42
N GLN B 277 9.13 36.51 0.26
CA GLN B 277 8.18 35.78 -0.58
C GLN B 277 6.94 35.39 0.24
N LEU B 278 6.35 36.39 0.87
CA LEU B 278 5.21 36.18 1.75
C LEU B 278 3.93 36.03 0.93
N ARG B 279 3.13 35.02 1.26
CA ARG B 279 1.86 34.80 0.60
C ARG B 279 0.81 34.47 1.65
N TYR B 280 -0.44 34.73 1.29
CA TYR B 280 -1.57 34.22 2.05
C TYR B 280 -1.67 32.71 1.88
N PHE B 281 -2.18 32.06 2.93
CA PHE B 281 -2.68 30.71 2.75
C PHE B 281 -3.84 30.72 1.76
N THR B 282 -3.92 29.68 0.94
CA THR B 282 -5.04 29.55 0.03
C THR B 282 -6.28 29.11 0.82
N ALA B 283 -7.46 29.28 0.21
CA ALA B 283 -8.67 28.81 0.88
C ALA B 283 -8.61 27.31 1.13
N ARG B 284 -8.03 26.54 0.20
CA ARG B 284 -7.90 25.11 0.39
C ARG B 284 -7.04 24.80 1.61
N GLU B 285 -5.96 25.56 1.79
CA GLU B 285 -5.10 25.35 2.95
C GLU B 285 -5.80 25.74 4.24
N VAL B 286 -6.57 26.84 4.23
CA VAL B 286 -7.35 27.20 5.41
C VAL B 286 -8.33 26.07 5.74
N ALA B 287 -9.01 25.54 4.72
CA ALA B 287 -9.98 24.47 4.97
C ALA B 287 -9.27 23.23 5.54
N ARG B 288 -8.09 22.90 5.02
CA ARG B 288 -7.35 21.75 5.52
C ARG B 288 -6.96 21.96 6.98
N LEU B 289 -6.49 23.16 7.32
CA LEU B 289 -6.11 23.45 8.70
C LEU B 289 -7.32 23.41 9.64
N MET B 290 -8.52 23.65 9.12
CA MET B 290 -9.74 23.55 9.91
C MET B 290 -10.36 22.15 9.85
N GLY B 291 -9.71 21.20 9.19
CA GLY B 291 -10.12 19.81 9.22
C GLY B 291 -11.13 19.39 8.16
N PHE B 292 -11.40 20.25 7.18
CA PHE B 292 -12.33 19.88 6.12
C PHE B 292 -11.68 18.87 5.17
N PRO B 293 -12.46 17.92 4.64
CA PRO B 293 -11.91 16.93 3.72
C PRO B 293 -11.62 17.54 2.36
N GLU B 294 -10.80 16.83 1.58
CA GLU B 294 -10.48 17.27 0.23
C GLU B 294 -11.72 17.33 -0.66
N SER B 295 -12.79 16.62 -0.31
CA SER B 295 -13.99 16.63 -1.13
C SER B 295 -14.74 17.97 -1.08
N LEU B 296 -14.47 18.82 -0.10
CA LEU B 296 -15.12 20.12 -0.06
C LEU B 296 -14.77 20.90 -1.32
N GLU B 297 -15.78 21.34 -2.06
CA GLU B 297 -15.58 21.97 -3.35
C GLU B 297 -16.40 23.24 -3.46
N TRP B 298 -15.90 24.19 -4.26
CA TRP B 298 -16.65 25.42 -4.53
C TRP B 298 -16.41 25.93 -5.94
N SER B 299 -15.35 25.47 -6.61
CA SER B 299 -15.03 25.99 -7.94
C SER B 299 -16.16 25.78 -8.92
N LYS B 300 -16.99 24.78 -8.71
CA LYS B 300 -18.15 24.46 -9.53
C LYS B 300 -19.38 25.30 -9.18
N SER B 301 -19.22 26.34 -8.38
CA SER B 301 -20.32 27.16 -7.89
C SER B 301 -20.14 28.62 -8.30
N ASN B 302 -21.08 29.45 -7.86
CA ASN B 302 -21.01 30.90 -8.01
C ASN B 302 -20.34 31.57 -6.81
N VAL B 303 -19.80 30.79 -5.89
CA VAL B 303 -19.14 31.32 -4.70
C VAL B 303 -17.65 31.44 -4.98
N THR B 304 -17.10 32.64 -4.83
CA THR B 304 -15.71 32.90 -5.14
C THR B 304 -14.79 32.43 -4.02
N GLU B 305 -13.50 32.34 -4.33
CA GLU B 305 -12.53 31.99 -3.30
C GLU B 305 -12.50 33.03 -2.19
N LYS B 306 -12.60 34.32 -2.53
CA LYS B 306 -12.69 35.34 -1.50
C LYS B 306 -13.87 35.09 -0.57
N CYS B 307 -15.02 34.68 -1.13
N CYS B 307 -15.01 34.67 -1.13
CA CYS B 307 -16.16 34.36 -0.29
CA CYS B 307 -16.16 34.37 -0.28
C CYS B 307 -15.85 33.15 0.59
C CYS B 307 -15.91 33.12 0.56
N MET B 308 -15.13 32.18 0.04
CA MET B 308 -14.83 30.97 0.81
C MET B 308 -13.98 31.29 2.04
N TYR B 309 -13.05 32.25 1.94
CA TYR B 309 -12.31 32.66 3.12
C TYR B 309 -13.25 33.14 4.22
N ARG B 310 -14.27 33.90 3.83
CA ARG B 310 -15.23 34.40 4.81
C ARG B 310 -16.07 33.29 5.39
N LEU B 311 -16.53 32.36 4.55
CA LEU B 311 -17.30 31.23 5.06
C LEU B 311 -16.46 30.35 5.97
N LEU B 312 -15.20 30.09 5.60
CA LEU B 312 -14.32 29.28 6.42
C LEU B 312 -14.01 29.98 7.74
N GLY B 313 -13.81 31.29 7.69
CA GLY B 313 -13.53 32.09 8.88
C GLY B 313 -14.59 31.98 9.96
N ASN B 314 -15.82 31.63 9.59
CA ASN B 314 -16.91 31.47 10.56
C ASN B 314 -17.22 30.02 10.86
N SER B 315 -16.42 29.09 10.35
CA SER B 315 -16.76 27.68 10.46
C SER B 315 -16.08 27.07 11.69
N ILE B 316 -16.28 25.77 11.87
CA ILE B 316 -15.72 25.05 13.02
C ILE B 316 -14.41 24.38 12.62
N ASN B 317 -13.64 23.94 13.62
CA ASN B 317 -12.62 22.96 13.32
C ASN B 317 -13.30 21.61 13.33
N VAL B 318 -13.34 20.98 12.15
CA VAL B 318 -14.06 19.74 11.97
C VAL B 318 -13.44 18.61 12.77
N LYS B 319 -12.11 18.63 12.91
CA LYS B 319 -11.43 17.55 13.62
C LYS B 319 -11.76 17.59 15.11
N VAL B 320 -11.63 18.76 15.74
CA VAL B 320 -11.98 18.90 17.16
C VAL B 320 -13.42 18.48 17.40
N VAL B 321 -14.33 18.96 16.55
CA VAL B 321 -15.74 18.64 16.78
C VAL B 321 -16.02 17.16 16.53
N SER B 322 -15.27 16.52 15.63
CA SER B 322 -15.47 15.08 15.46
C SER B 322 -15.18 14.33 16.75
N TYR B 323 -14.17 14.78 17.51
CA TYR B 323 -13.90 14.15 18.81
C TYR B 323 -15.03 14.43 19.78
N LEU B 324 -15.50 15.69 19.82
CA LEU B 324 -16.56 16.05 20.75
C LEU B 324 -17.85 15.29 20.46
N ILE B 325 -18.18 15.13 19.17
CA ILE B 325 -19.37 14.36 18.80
C ILE B 325 -19.21 12.91 19.23
N SER B 326 -18.04 12.32 19.01
N SER B 326 -18.03 12.33 19.03
CA SER B 326 -17.78 10.96 19.45
CA SER B 326 -17.79 10.95 19.45
C SER B 326 -18.02 10.81 20.96
C SER B 326 -18.01 10.79 20.96
N LEU B 327 -17.52 11.75 21.76
CA LEU B 327 -17.79 11.73 23.19
C LEU B 327 -19.27 11.89 23.49
N LEU B 328 -19.90 12.91 22.90
CA LEU B 328 -21.29 13.23 23.19
C LEU B 328 -22.21 12.03 22.97
N LEU B 329 -22.06 11.35 21.83
CA LEU B 329 -23.00 10.33 21.38
C LEU B 329 -22.66 8.93 21.86
N GLU B 330 -21.65 8.78 22.74
CA GLU B 330 -21.29 7.45 23.23
C GLU B 330 -22.46 6.60 23.72
N PRO B 331 -23.44 7.13 24.46
CA PRO B 331 -24.50 6.26 24.98
C PRO B 331 -25.39 5.65 23.90
N LEU B 332 -25.32 6.10 22.64
CA LEU B 332 -26.08 5.49 21.57
C LEU B 332 -25.47 4.17 21.08
N ASN B 333 -24.23 3.87 21.47
CA ASN B 333 -23.59 2.58 21.19
C ASN B 333 -23.51 2.30 19.70
N PHE B 334 -22.97 3.25 18.95
CA PHE B 334 -22.72 3.05 17.52
C PHE B 334 -21.41 2.28 17.33
N ARG C 10 32.01 -0.13 -12.59
CA ARG C 10 30.98 0.74 -13.13
C ARG C 10 30.94 0.67 -14.65
N LEU C 11 29.75 0.76 -15.21
CA LEU C 11 29.52 0.63 -16.65
C LEU C 11 29.22 2.01 -17.22
N ARG C 12 30.04 2.44 -18.18
CA ARG C 12 29.82 3.73 -18.84
C ARG C 12 28.83 3.55 -19.98
N VAL C 13 27.74 4.33 -19.95
CA VAL C 13 26.61 4.15 -20.86
C VAL C 13 26.41 5.43 -21.64
N LEU C 14 26.24 5.30 -22.96
CA LEU C 14 25.83 6.39 -23.84
C LEU C 14 24.37 6.19 -24.21
N GLU C 15 23.53 7.16 -23.86
CA GLU C 15 22.07 7.06 -23.99
C GLU C 15 21.61 7.94 -25.15
N LEU C 16 21.47 7.34 -26.34
CA LEU C 16 21.12 8.07 -27.55
C LEU C 16 19.61 8.11 -27.77
N TYR C 17 19.10 9.27 -28.17
CA TYR C 17 17.67 9.55 -28.25
C TYR C 17 17.02 9.32 -26.87
N SER C 18 17.51 10.09 -25.90
CA SER C 18 17.29 9.75 -24.50
C SER C 18 15.88 10.08 -24.00
N GLY C 19 15.17 11.02 -24.63
CA GLY C 19 13.82 11.31 -24.17
C GLY C 19 13.80 11.73 -22.72
N ILE C 20 12.86 11.18 -21.96
CA ILE C 20 12.77 11.49 -20.53
C ILE C 20 13.57 10.48 -19.72
N GLY C 21 14.39 9.68 -20.40
CA GLY C 21 15.29 8.78 -19.73
C GLY C 21 14.72 7.43 -19.35
N GLY C 22 13.77 6.90 -20.13
CA GLY C 22 13.30 5.55 -19.88
C GLY C 22 14.42 4.53 -19.78
N MET C 23 15.43 4.66 -20.65
CA MET C 23 16.56 3.72 -20.61
C MET C 23 17.29 3.81 -19.28
N HIS C 24 17.54 5.03 -18.81
CA HIS C 24 18.19 5.22 -17.52
C HIS C 24 17.36 4.61 -16.39
N TYR C 25 16.04 4.81 -16.40
CA TYR C 25 15.19 4.18 -15.40
C TYR C 25 15.24 2.66 -15.50
N ALA C 26 15.32 2.12 -16.72
CA ALA C 26 15.43 0.67 -16.89
C ALA C 26 16.75 0.15 -16.33
N LEU C 27 17.84 0.90 -16.53
CA LEU C 27 19.12 0.50 -15.94
C LEU C 27 19.05 0.49 -14.42
N ASN C 28 18.37 1.49 -13.83
CA ASN C 28 18.17 1.54 -12.40
C ASN C 28 17.39 0.32 -11.91
N LEU C 29 16.27 0.03 -12.55
CA LEU C 29 15.42 -1.08 -12.11
C LEU C 29 16.15 -2.41 -12.19
N ALA C 30 17.02 -2.57 -13.19
CA ALA C 30 17.84 -3.77 -13.33
C ALA C 30 19.04 -3.78 -12.38
N ASN C 31 19.18 -2.75 -11.55
CA ASN C 31 20.25 -2.66 -10.56
C ASN C 31 21.62 -2.74 -11.24
N ILE C 32 21.76 -2.05 -12.36
CA ILE C 32 23.03 -1.95 -13.07
C ILE C 32 23.82 -0.78 -12.49
N PRO C 33 25.08 -0.97 -12.13
CA PRO C 33 25.91 0.16 -11.67
C PRO C 33 26.39 0.99 -12.84
N ALA C 34 25.45 1.71 -13.46
CA ALA C 34 25.70 2.42 -14.68
C ALA C 34 26.03 3.88 -14.39
N ASP C 35 27.00 4.41 -15.13
CA ASP C 35 27.27 5.85 -15.18
C ASP C 35 26.88 6.31 -16.57
N ILE C 36 25.76 7.02 -16.67
CA ILE C 36 25.37 7.58 -17.95
C ILE C 36 26.29 8.76 -18.23
N VAL C 37 27.19 8.59 -19.21
CA VAL C 37 28.17 9.61 -19.50
C VAL C 37 27.51 10.79 -20.21
N CYS C 38 26.60 10.50 -21.14
CA CYS C 38 25.87 11.55 -21.84
C CYS C 38 24.55 10.96 -22.32
N ALA C 39 23.49 11.75 -22.18
CA ALA C 39 22.22 11.49 -22.84
C ALA C 39 22.05 12.55 -23.92
N ILE C 40 21.64 12.13 -25.11
CA ILE C 40 21.53 13.04 -26.25
C ILE C 40 20.11 13.00 -26.78
N ASP C 41 19.49 14.18 -26.89
CA ASP C 41 18.17 14.29 -27.48
C ASP C 41 18.02 15.69 -28.04
N ILE C 42 17.28 15.81 -29.14
CA ILE C 42 17.13 17.10 -29.79
C ILE C 42 16.03 17.95 -29.16
N ASN C 43 15.12 17.34 -28.41
CA ASN C 43 13.95 18.06 -27.92
C ASN C 43 14.26 18.73 -26.59
N PRO C 44 14.11 20.05 -26.48
CA PRO C 44 14.51 20.73 -25.23
C PRO C 44 13.66 20.34 -24.03
N GLN C 45 12.36 20.07 -24.23
CA GLN C 45 11.52 19.67 -23.11
C GLN C 45 11.94 18.30 -22.57
N ALA C 46 12.29 17.37 -23.44
CA ALA C 46 12.74 16.07 -22.98
C ALA C 46 13.99 16.20 -22.13
N ASN C 47 14.95 17.00 -22.60
CA ASN C 47 16.20 17.20 -21.85
C ASN C 47 15.95 17.90 -20.52
N GLU C 48 14.97 18.81 -20.47
CA GLU C 48 14.61 19.45 -19.21
C GLU C 48 14.12 18.41 -18.20
N ILE C 49 13.19 17.55 -18.62
CA ILE C 49 12.69 16.50 -17.72
C ILE C 49 13.81 15.54 -17.35
N TYR C 50 14.61 15.12 -18.34
CA TYR C 50 15.71 14.20 -18.06
C TYR C 50 16.61 14.76 -16.95
N ASN C 51 17.08 16.00 -17.12
CA ASN C 51 18.07 16.56 -16.21
C ASN C 51 17.46 16.80 -14.82
N LEU C 52 16.17 17.10 -14.75
CA LEU C 52 15.53 17.29 -13.46
C LEU C 52 15.47 15.99 -12.66
N ASN C 53 15.32 14.86 -13.33
CA ASN C 53 15.13 13.59 -12.63
C ASN C 53 16.41 12.79 -12.47
N HIS C 54 17.34 12.88 -13.42
CA HIS C 54 18.54 12.06 -13.38
C HIS C 54 19.81 12.84 -13.08
N GLY C 55 19.74 14.16 -13.00
CA GLY C 55 20.93 14.99 -12.96
C GLY C 55 21.26 15.54 -14.34
N LYS C 56 22.12 16.57 -14.35
CA LYS C 56 22.46 17.24 -15.59
C LYS C 56 23.35 16.36 -16.47
N LEU C 57 22.73 15.52 -17.29
CA LEU C 57 23.45 14.63 -18.19
C LEU C 57 22.96 14.70 -19.62
N ALA C 58 21.75 15.22 -19.87
CA ALA C 58 21.19 15.32 -21.20
C ALA C 58 21.75 16.55 -21.91
N LYS C 59 22.18 16.35 -23.16
CA LYS C 59 22.74 17.42 -23.95
C LYS C 59 22.03 17.50 -25.29
N HIS C 60 21.83 18.72 -25.78
CA HIS C 60 21.21 18.89 -27.09
C HIS C 60 22.30 18.69 -28.13
N MET C 61 22.02 17.83 -29.11
CA MET C 61 23.06 17.56 -30.09
C MET C 61 22.40 16.80 -31.24
N ASP C 62 22.89 17.01 -32.46
CA ASP C 62 22.35 16.37 -33.65
C ASP C 62 23.04 15.01 -33.83
N ILE C 63 22.32 13.93 -33.51
CA ILE C 63 22.91 12.60 -33.61
C ILE C 63 23.32 12.28 -35.04
N SER C 64 22.58 12.77 -36.03
CA SER C 64 22.92 12.51 -37.43
C SER C 64 24.24 13.13 -37.85
N THR C 65 24.85 13.98 -37.02
CA THR C 65 26.16 14.55 -37.32
C THR C 65 27.20 14.24 -36.25
N LEU C 66 26.91 13.34 -35.31
CA LEU C 66 27.96 12.80 -34.46
C LEU C 66 29.04 12.15 -35.32
N THR C 67 30.29 12.34 -34.93
CA THR C 67 31.44 11.76 -35.61
C THR C 67 32.10 10.72 -34.72
N ALA C 68 32.99 9.93 -35.31
CA ALA C 68 33.72 8.94 -34.52
C ALA C 68 34.51 9.61 -33.40
N LYS C 69 35.00 10.82 -33.64
CA LYS C 69 35.67 11.60 -32.60
C LYS C 69 34.75 11.80 -31.39
N ASP C 70 33.49 12.15 -31.64
CA ASP C 70 32.54 12.35 -30.55
C ASP C 70 32.34 11.07 -29.75
N PHE C 71 32.15 9.95 -30.45
CA PHE C 71 31.96 8.68 -29.76
C PHE C 71 33.19 8.28 -28.97
N ASP C 72 34.38 8.56 -29.53
CA ASP C 72 35.62 8.30 -28.81
C ASP C 72 35.66 9.05 -27.49
N ALA C 73 35.21 10.30 -27.49
CA ALA C 73 35.23 11.11 -26.28
C ALA C 73 34.28 10.56 -25.23
N PHE C 74 33.09 10.09 -25.65
CA PHE C 74 32.16 9.52 -24.68
C PHE C 74 32.74 8.26 -24.03
N ASP C 75 33.44 7.43 -24.81
CA ASP C 75 34.16 6.25 -24.32
C ASP C 75 33.25 5.34 -23.50
N CYS C 76 32.20 4.84 -24.15
CA CYS C 76 31.15 4.10 -23.46
C CYS C 76 31.13 2.65 -23.90
N LYS C 77 30.90 1.76 -22.94
CA LYS C 77 30.90 0.32 -23.16
C LYS C 77 29.52 -0.21 -23.56
N LEU C 78 28.46 0.47 -23.14
CA LEU C 78 27.10 0.20 -23.61
C LEU C 78 26.57 1.44 -24.32
N TRP C 79 26.02 1.23 -25.53
CA TRP C 79 25.23 2.25 -26.21
C TRP C 79 23.78 1.80 -26.25
N THR C 80 22.86 2.68 -25.85
CA THR C 80 21.44 2.45 -26.04
C THR C 80 20.89 3.46 -27.03
N MET C 81 19.86 3.07 -27.78
CA MET C 81 19.30 4.01 -28.75
C MET C 81 17.86 3.63 -29.07
N SER C 82 17.02 4.66 -29.22
CA SER C 82 15.63 4.52 -29.68
C SER C 82 15.46 5.42 -30.89
N PRO C 83 15.92 4.99 -32.06
CA PRO C 83 16.09 5.91 -33.21
C PRO C 83 14.85 6.14 -34.05
N SER C 84 13.66 5.75 -33.61
CA SER C 84 12.48 5.79 -34.46
C SER C 84 12.05 7.22 -34.80
N CYS C 85 11.66 7.40 -36.06
CA CYS C 85 11.09 8.66 -36.57
C CYS C 85 11.85 9.91 -36.12
N GLN C 86 13.16 9.86 -36.26
CA GLN C 86 13.99 10.99 -35.86
C GLN C 86 14.55 11.72 -37.08
N PRO C 87 14.55 13.06 -37.08
CA PRO C 87 15.07 13.78 -38.25
C PRO C 87 16.54 13.47 -38.52
N PRO C 100 16.20 5.85 -45.55
CA PRO C 100 15.30 6.98 -45.81
C PRO C 100 14.38 7.28 -44.63
N ARG C 101 13.71 6.25 -44.10
CA ARG C 101 12.91 6.40 -42.90
C ARG C 101 13.74 6.37 -41.63
N SER C 102 15.04 6.06 -41.71
CA SER C 102 15.92 5.96 -40.54
C SER C 102 17.29 6.56 -40.90
N GLN C 103 17.33 7.90 -41.06
CA GLN C 103 18.53 8.54 -41.57
C GLN C 103 19.56 8.77 -40.47
N ALA C 104 19.15 9.34 -39.33
CA ALA C 104 20.08 9.57 -38.23
C ALA C 104 20.66 8.25 -37.71
N PHE C 105 19.82 7.21 -37.68
CA PHE C 105 20.30 5.90 -37.26
C PHE C 105 21.37 5.37 -38.20
N LEU C 106 21.23 5.62 -39.50
CA LEU C 106 22.23 5.13 -40.45
C LEU C 106 23.56 5.85 -40.29
N ASN C 107 23.55 7.11 -39.84
CA ASN C 107 24.81 7.78 -39.53
C ASN C 107 25.51 7.08 -38.37
N ILE C 108 24.76 6.70 -37.33
CA ILE C 108 25.34 5.94 -36.24
C ILE C 108 26.00 4.67 -36.78
N LEU C 109 25.25 3.91 -37.58
CA LEU C 109 25.80 2.67 -38.14
C LEU C 109 27.01 2.92 -39.01
N ASN C 110 27.04 4.05 -39.72
CA ASN C 110 28.13 4.33 -40.64
C ASN C 110 29.39 4.77 -39.89
N VAL C 111 29.22 5.34 -38.70
CA VAL C 111 30.35 5.82 -37.91
C VAL C 111 30.88 4.76 -36.96
N LEU C 112 30.00 3.87 -36.48
CA LEU C 112 30.41 2.81 -35.53
C LEU C 112 31.69 2.08 -35.95
N PRO C 113 31.87 1.65 -37.20
CA PRO C 113 33.10 0.89 -37.53
C PRO C 113 34.37 1.70 -37.40
N HIS C 114 34.29 3.01 -37.19
CA HIS C 114 35.46 3.87 -37.18
C HIS C 114 35.86 4.32 -35.78
N VAL C 115 35.16 3.90 -34.74
CA VAL C 115 35.52 4.32 -33.39
C VAL C 115 36.76 3.57 -32.92
N ASN C 116 37.46 4.16 -31.95
N ASN C 116 37.45 4.17 -31.95
CA ASN C 116 38.66 3.54 -31.41
CA ASN C 116 38.67 3.53 -31.42
C ASN C 116 38.34 2.25 -30.66
C ASN C 116 38.33 2.25 -30.66
N ASN C 117 37.27 2.26 -29.85
CA ASN C 117 36.90 1.11 -29.04
C ASN C 117 35.41 0.84 -29.26
N LEU C 118 35.10 -0.25 -29.95
CA LEU C 118 33.71 -0.62 -30.17
C LEU C 118 33.03 -0.85 -28.82
N PRO C 119 31.80 -0.38 -28.65
CA PRO C 119 31.05 -0.73 -27.44
C PRO C 119 30.84 -2.24 -27.37
N GLU C 120 31.00 -2.79 -26.17
CA GLU C 120 30.84 -4.23 -26.01
C GLU C 120 29.37 -4.65 -26.02
N TYR C 121 28.44 -3.71 -25.77
CA TYR C 121 27.02 -4.00 -25.68
C TYR C 121 26.24 -2.89 -26.38
N ILE C 122 25.25 -3.27 -27.18
CA ILE C 122 24.35 -2.32 -27.84
C ILE C 122 22.92 -2.78 -27.66
N LEU C 123 22.04 -1.87 -27.25
N LEU C 123 22.04 -1.85 -27.30
CA LEU C 123 20.60 -2.13 -27.17
CA LEU C 123 20.61 -2.08 -27.14
C LEU C 123 19.88 -1.13 -28.05
C LEU C 123 19.86 -1.11 -28.04
N ILE C 124 19.03 -1.64 -28.93
CA ILE C 124 18.26 -0.83 -29.88
C ILE C 124 16.78 -1.14 -29.66
N GLU C 125 15.96 -0.10 -29.55
CA GLU C 125 14.51 -0.22 -29.48
C GLU C 125 13.91 0.55 -30.64
N ASN C 126 12.91 -0.02 -31.30
CA ASN C 126 12.27 0.65 -32.43
C ASN C 126 10.83 0.20 -32.56
N VAL C 127 10.11 0.87 -33.45
CA VAL C 127 8.73 0.49 -33.75
C VAL C 127 8.73 -0.90 -34.37
N GLN C 128 7.61 -1.63 -34.23
CA GLN C 128 7.65 -3.03 -34.61
C GLN C 128 7.89 -3.21 -36.12
N GLY C 129 7.46 -2.28 -36.96
CA GLY C 129 7.72 -2.44 -38.38
C GLY C 129 9.20 -2.42 -38.76
N PHE C 130 10.06 -1.95 -37.87
CA PHE C 130 11.48 -1.75 -38.19
C PHE C 130 12.20 -3.02 -38.63
N GLU C 131 11.78 -4.17 -38.14
CA GLU C 131 12.43 -5.43 -38.50
C GLU C 131 12.40 -5.72 -39.99
N GLU C 132 11.39 -5.24 -40.70
CA GLU C 132 11.31 -5.44 -42.15
C GLU C 132 12.00 -4.36 -42.97
N SER C 133 12.57 -3.34 -42.33
CA SER C 133 13.08 -2.21 -43.10
C SER C 133 14.45 -2.51 -43.72
N LYS C 134 14.82 -1.66 -44.69
CA LYS C 134 16.17 -1.72 -45.23
C LYS C 134 17.20 -1.30 -44.19
N ALA C 135 16.83 -0.38 -43.30
CA ALA C 135 17.76 0.05 -42.26
C ALA C 135 18.08 -1.08 -41.29
N ALA C 136 17.08 -1.90 -40.94
CA ALA C 136 17.37 -3.06 -40.10
C ALA C 136 18.30 -4.04 -40.80
N GLU C 137 18.13 -4.25 -42.11
CA GLU C 137 19.04 -5.15 -42.81
C GLU C 137 20.47 -4.59 -42.81
N GLU C 138 20.59 -3.28 -43.02
CA GLU C 138 21.90 -2.65 -42.92
C GLU C 138 22.47 -2.78 -41.51
N CYS C 139 21.62 -2.65 -40.50
CA CYS C 139 22.07 -2.82 -39.13
C CYS C 139 22.63 -4.23 -38.91
N ARG C 140 21.91 -5.24 -39.39
CA ARG C 140 22.37 -6.62 -39.21
C ARG C 140 23.72 -6.84 -39.88
N LYS C 141 23.90 -6.29 -41.08
CA LYS C 141 25.11 -6.53 -41.83
C LYS C 141 26.31 -5.82 -41.21
N VAL C 142 26.14 -4.57 -40.80
CA VAL C 142 27.25 -3.84 -40.20
C VAL C 142 27.62 -4.42 -38.84
N LEU C 143 26.62 -4.74 -38.00
CA LEU C 143 26.93 -5.33 -36.71
C LEU C 143 27.64 -6.68 -36.89
N ARG C 144 27.20 -7.46 -37.86
CA ARG C 144 27.84 -8.75 -38.10
C ARG C 144 29.28 -8.55 -38.55
N ASN C 145 29.51 -7.57 -39.42
CA ASN C 145 30.86 -7.33 -39.91
C ASN C 145 31.76 -6.78 -38.82
N CYS C 146 31.19 -6.08 -37.83
CA CYS C 146 31.96 -5.56 -36.71
C CYS C 146 32.10 -6.55 -35.56
N GLY C 147 31.72 -7.81 -35.78
CA GLY C 147 31.94 -8.85 -34.80
C GLY C 147 30.90 -8.94 -33.71
N TYR C 148 29.73 -8.37 -33.90
CA TYR C 148 28.67 -8.46 -32.91
C TYR C 148 27.85 -9.73 -33.10
N ASN C 149 27.35 -10.25 -31.97
CA ASN C 149 26.35 -11.32 -31.95
C ASN C 149 25.02 -10.64 -31.63
N LEU C 150 24.12 -10.62 -32.62
CA LEU C 150 22.87 -9.86 -32.51
C LEU C 150 21.70 -10.81 -32.40
N ILE C 151 20.84 -10.57 -31.40
CA ILE C 151 19.54 -11.23 -31.34
C ILE C 151 18.48 -10.15 -31.41
N GLU C 152 17.29 -10.51 -31.90
CA GLU C 152 16.24 -9.52 -32.07
C GLU C 152 14.87 -10.17 -31.95
N GLY C 153 13.87 -9.34 -31.70
CA GLY C 153 12.49 -9.84 -31.71
C GLY C 153 11.54 -8.75 -31.29
N ILE C 154 10.25 -9.06 -31.43
CA ILE C 154 9.17 -8.17 -31.02
C ILE C 154 8.68 -8.58 -29.65
N LEU C 155 8.48 -7.61 -28.76
CA LEU C 155 7.95 -7.87 -27.43
C LEU C 155 6.95 -6.78 -27.09
N SER C 156 5.95 -7.15 -26.29
CA SER C 156 4.93 -6.24 -25.80
C SER C 156 4.76 -6.41 -24.29
N PRO C 157 4.47 -5.31 -23.57
CA PRO C 157 4.27 -5.45 -22.11
C PRO C 157 3.20 -6.45 -21.74
N ASN C 158 2.24 -6.71 -22.63
CA ASN C 158 1.19 -7.66 -22.26
C ASN C 158 1.66 -9.10 -22.28
N GLN C 159 2.91 -9.35 -22.65
CA GLN C 159 3.51 -10.66 -22.46
C GLN C 159 4.14 -10.81 -21.09
N PHE C 160 4.15 -9.74 -20.29
CA PHE C 160 4.82 -9.70 -18.98
C PHE C 160 3.87 -9.29 -17.87
N ASN C 161 2.58 -9.61 -18.02
CA ASN C 161 1.54 -9.27 -17.05
C ASN C 161 1.50 -7.76 -16.78
N ILE C 162 1.55 -6.99 -17.85
CA ILE C 162 1.36 -5.55 -17.81
C ILE C 162 0.19 -5.21 -18.74
N PRO C 163 -0.83 -4.50 -18.27
CA PRO C 163 -2.07 -4.36 -19.07
C PRO C 163 -1.99 -3.22 -20.08
N ASN C 164 -1.03 -3.32 -20.98
CA ASN C 164 -0.89 -2.31 -22.03
C ASN C 164 -0.28 -2.95 -23.26
N SER C 165 -0.83 -2.63 -24.42
CA SER C 165 -0.30 -3.13 -25.68
C SER C 165 0.74 -2.14 -26.21
N ARG C 166 1.98 -2.60 -26.38
CA ARG C 166 2.98 -1.73 -26.97
C ARG C 166 4.06 -2.59 -27.61
N SER C 167 3.71 -3.24 -28.71
CA SER C 167 4.65 -4.08 -29.41
C SER C 167 5.77 -3.24 -30.01
N ARG C 168 7.02 -3.62 -29.72
CA ARG C 168 8.19 -2.90 -30.21
C ARG C 168 9.25 -3.92 -30.61
N TRP C 169 10.12 -3.49 -31.51
CA TRP C 169 11.27 -4.30 -31.91
C TRP C 169 12.47 -3.97 -31.04
N TYR C 170 13.23 -5.00 -30.69
CA TYR C 170 14.43 -4.86 -29.90
C TYR C 170 15.58 -5.59 -30.57
N GLY C 171 16.74 -4.95 -30.55
CA GLY C 171 17.99 -5.58 -30.98
C GLY C 171 18.99 -5.54 -29.85
N LEU C 172 19.53 -6.70 -29.49
CA LEU C 172 20.50 -6.82 -28.41
C LEU C 172 21.77 -7.38 -29.02
N ALA C 173 22.89 -6.69 -28.85
CA ALA C 173 24.13 -7.08 -29.52
C ALA C 173 25.26 -7.14 -28.51
N ARG C 174 26.03 -8.23 -28.54
CA ARG C 174 27.20 -8.40 -27.69
C ARG C 174 28.41 -8.59 -28.59
N LEU C 175 29.43 -7.74 -28.37
CA LEU C 175 30.66 -7.81 -29.15
C LEU C 175 31.41 -9.09 -28.85
N ASN C 176 31.86 -9.78 -29.91
CA ASN C 176 32.72 -10.95 -29.80
C ASN C 176 32.21 -11.96 -28.77
N PHE C 177 30.94 -12.33 -28.90
CA PHE C 177 30.31 -13.32 -28.04
C PHE C 177 29.97 -14.55 -28.86
N LYS C 178 30.42 -15.72 -28.40
CA LYS C 178 30.23 -16.96 -29.15
C LYS C 178 29.31 -17.96 -28.47
N GLY C 179 28.82 -17.67 -27.27
CA GLY C 179 27.93 -18.60 -26.59
C GLY C 179 26.54 -18.67 -27.19
N GLU C 180 25.57 -19.17 -26.41
CA GLU C 180 24.22 -19.40 -26.91
C GLU C 180 23.25 -18.51 -26.15
N TRP C 181 22.41 -17.78 -26.88
CA TRP C 181 21.38 -16.97 -26.25
C TRP C 181 20.26 -16.73 -27.26
N SER C 182 19.13 -16.24 -26.74
CA SER C 182 17.93 -16.07 -27.53
C SER C 182 17.09 -14.95 -26.92
N ILE C 183 16.29 -14.28 -27.75
CA ILE C 183 15.37 -13.30 -27.22
C ILE C 183 14.34 -13.98 -26.30
N ASP C 184 14.10 -15.29 -26.50
CA ASP C 184 13.24 -16.03 -25.57
C ASP C 184 13.78 -16.00 -24.14
N ASP C 185 15.10 -15.84 -23.97
CA ASP C 185 15.69 -15.80 -22.64
C ASP C 185 15.19 -14.62 -21.81
N VAL C 186 14.56 -13.61 -22.41
CA VAL C 186 14.14 -12.45 -21.62
C VAL C 186 13.15 -12.88 -20.55
N PHE C 187 12.35 -13.92 -20.83
CA PHE C 187 11.32 -14.30 -19.89
C PHE C 187 11.90 -14.93 -18.63
N GLN C 188 13.13 -15.43 -18.69
CA GLN C 188 13.79 -15.94 -17.48
C GLN C 188 14.11 -14.82 -16.50
N PHE C 189 14.15 -13.56 -16.96
CA PHE C 189 14.35 -12.41 -16.08
C PHE C 189 13.06 -11.74 -15.69
N SER C 190 11.93 -12.18 -16.24
CA SER C 190 10.64 -11.56 -16.01
C SER C 190 10.17 -11.79 -14.58
N GLU C 191 9.49 -10.79 -14.03
CA GLU C 191 8.81 -10.97 -12.75
C GLU C 191 7.73 -12.04 -12.84
N VAL C 192 7.03 -12.10 -13.97
CA VAL C 192 5.90 -13.02 -14.09
C VAL C 192 6.35 -14.48 -14.04
N ALA C 193 7.61 -14.75 -14.39
CA ALA C 193 8.13 -16.12 -14.38
C ALA C 193 8.60 -16.58 -13.00
N GLN C 194 8.56 -15.73 -11.97
CA GLN C 194 9.02 -16.18 -10.66
C GLN C 194 8.26 -15.61 -9.47
N LYS C 195 7.47 -14.54 -9.63
CA LYS C 195 6.77 -13.93 -8.51
C LYS C 195 5.28 -14.23 -8.60
N GLU C 196 4.71 -14.76 -7.51
CA GLU C 196 3.28 -15.03 -7.47
C GLU C 196 2.49 -13.73 -7.51
N GLY C 197 1.33 -13.77 -8.16
CA GLY C 197 0.49 -12.59 -8.28
C GLY C 197 -0.63 -12.75 -9.29
N GLU C 198 -1.70 -11.98 -9.11
N GLU C 198 -1.70 -11.98 -9.11
CA GLU C 198 -2.84 -12.05 -10.01
CA GLU C 198 -2.85 -12.05 -10.00
C GLU C 198 -2.53 -11.34 -11.31
C GLU C 198 -2.55 -11.32 -11.30
N VAL C 199 -3.41 -11.55 -12.30
CA VAL C 199 -3.33 -10.78 -13.53
C VAL C 199 -3.52 -9.31 -13.19
N LYS C 200 -2.59 -8.48 -13.67
CA LYS C 200 -2.68 -7.04 -13.46
C LYS C 200 -3.77 -6.44 -14.35
N ARG C 201 -4.52 -5.50 -13.79
CA ARG C 201 -5.61 -4.86 -14.48
C ARG C 201 -5.43 -3.34 -14.38
N ILE C 202 -6.22 -2.62 -15.19
CA ILE C 202 -6.07 -1.16 -15.26
C ILE C 202 -6.16 -0.55 -13.87
N ARG C 203 -7.06 -1.06 -13.03
N ARG C 203 -7.04 -1.06 -13.02
CA ARG C 203 -7.28 -0.61 -11.66
CA ARG C 203 -7.26 -0.46 -11.70
C ARG C 203 -5.97 -0.41 -10.93
C ARG C 203 -5.97 -0.42 -10.87
N ASP C 204 -5.02 -1.32 -11.14
CA ASP C 204 -3.77 -1.30 -10.39
C ASP C 204 -2.92 -0.08 -10.71
N TYR C 205 -3.21 0.63 -11.79
CA TYR C 205 -2.39 1.75 -12.23
C TYR C 205 -3.06 3.10 -12.00
N LEU C 206 -4.36 3.12 -11.67
CA LEU C 206 -5.11 4.37 -11.62
C LEU C 206 -4.74 5.18 -10.38
N GLU C 207 -4.74 6.50 -10.54
CA GLU C 207 -4.75 7.38 -9.38
C GLU C 207 -6.12 7.34 -8.71
N ILE C 208 -6.19 7.82 -7.48
CA ILE C 208 -7.40 7.67 -6.67
C ILE C 208 -7.81 9.03 -6.11
N GLU C 209 -9.13 9.26 -6.09
CA GLU C 209 -9.73 10.40 -5.40
C GLU C 209 -9.16 11.73 -5.88
N ARG C 210 -8.98 11.85 -7.19
CA ARG C 210 -8.56 13.10 -7.80
C ARG C 210 -9.78 13.83 -8.38
N ASP C 211 -9.62 15.13 -8.57
CA ASP C 211 -10.58 15.89 -9.36
C ASP C 211 -10.35 15.56 -10.83
N TRP C 212 -11.27 14.80 -11.42
CA TRP C 212 -11.13 14.32 -12.79
C TRP C 212 -11.62 15.32 -13.82
N SER C 213 -11.98 16.54 -13.41
CA SER C 213 -12.65 17.48 -14.31
C SER C 213 -11.85 17.73 -15.58
N SER C 214 -10.57 18.05 -15.44
CA SER C 214 -9.77 18.39 -16.61
C SER C 214 -9.45 17.18 -17.50
N TYR C 215 -9.76 15.97 -17.03
CA TYR C 215 -9.50 14.77 -17.82
C TYR C 215 -10.74 14.22 -18.52
N MET C 216 -11.93 14.71 -18.18
CA MET C 216 -13.14 14.18 -18.79
C MET C 216 -13.13 14.46 -20.29
N VAL C 217 -13.58 13.47 -21.07
CA VAL C 217 -13.68 13.65 -22.51
C VAL C 217 -14.85 14.58 -22.81
N LEU C 218 -14.64 15.51 -23.74
CA LEU C 218 -15.65 16.52 -24.05
C LEU C 218 -16.85 15.89 -24.74
N GLU C 219 -18.04 16.39 -24.40
CA GLU C 219 -19.27 15.90 -25.03
C GLU C 219 -19.25 16.09 -26.54
N SER C 220 -18.69 17.21 -27.01
CA SER C 220 -18.62 17.45 -28.46
C SER C 220 -17.79 16.38 -29.14
N VAL C 221 -16.63 16.05 -28.58
CA VAL C 221 -15.79 14.98 -29.14
C VAL C 221 -16.54 13.66 -29.12
N LEU C 222 -17.13 13.31 -27.98
CA LEU C 222 -17.85 12.04 -27.85
C LEU C 222 -19.01 11.96 -28.83
N ASN C 223 -19.76 13.05 -29.00
CA ASN C 223 -20.91 13.01 -29.89
C ASN C 223 -20.49 12.81 -31.35
N LYS C 224 -19.42 13.47 -31.77
CA LYS C 224 -18.99 13.38 -33.17
C LYS C 224 -18.08 12.17 -33.44
N TRP C 225 -17.12 11.91 -32.54
CA TRP C 225 -16.10 10.90 -32.79
C TRP C 225 -16.10 9.75 -31.79
N GLY C 226 -17.01 9.76 -30.82
CA GLY C 226 -16.88 8.86 -29.68
C GLY C 226 -16.80 7.39 -30.06
N HIS C 227 -17.42 7.02 -31.17
CA HIS C 227 -17.46 5.61 -31.58
C HIS C 227 -16.10 5.11 -32.02
N GLN C 228 -15.13 6.01 -32.23
CA GLN C 228 -13.80 5.61 -32.63
C GLN C 228 -12.89 5.29 -31.45
N PHE C 229 -13.29 5.66 -30.23
CA PHE C 229 -12.49 5.37 -29.05
C PHE C 229 -12.52 3.89 -28.69
N ASP C 230 -11.39 3.38 -28.21
CA ASP C 230 -11.34 2.14 -27.45
C ASP C 230 -11.57 2.47 -25.98
N ILE C 231 -12.63 1.92 -25.39
CA ILE C 231 -13.00 2.22 -24.02
C ILE C 231 -12.63 1.02 -23.14
N VAL C 232 -11.92 1.29 -22.05
CA VAL C 232 -11.58 0.25 -21.08
C VAL C 232 -12.17 0.62 -19.73
N LYS C 233 -12.32 -0.39 -18.89
CA LYS C 233 -12.80 -0.27 -17.53
C LYS C 233 -11.68 -0.61 -16.56
N PRO C 234 -11.80 -0.24 -15.28
CA PRO C 234 -10.73 -0.57 -14.33
C PRO C 234 -10.44 -2.06 -14.24
N ASP C 235 -11.41 -2.93 -14.53
CA ASP C 235 -11.20 -4.36 -14.50
C ASP C 235 -10.62 -4.92 -15.80
N SER C 236 -10.37 -4.08 -16.80
CA SER C 236 -9.78 -4.55 -18.05
C SER C 236 -8.33 -4.98 -17.84
N SER C 237 -7.91 -6.00 -18.59
CA SER C 237 -6.55 -6.50 -18.49
C SER C 237 -5.65 -6.01 -19.61
N SER C 238 -6.13 -5.05 -20.41
CA SER C 238 -5.28 -4.44 -21.42
C SER C 238 -5.84 -3.07 -21.79
N CYS C 239 -5.03 -2.31 -22.50
CA CYS C 239 -5.47 -1.08 -23.13
C CYS C 239 -4.55 -0.83 -24.33
N CYS C 240 -4.96 0.10 -25.18
CA CYS C 240 -4.23 0.26 -26.44
C CYS C 240 -2.92 1.03 -26.25
N CYS C 241 -2.09 0.96 -27.28
CA CYS C 241 -0.84 1.71 -27.29
C CYS C 241 -1.08 3.21 -27.17
N PHE C 242 -0.38 3.85 -26.25
CA PHE C 242 -0.38 5.30 -26.13
C PHE C 242 0.59 5.89 -27.15
N THR C 243 0.16 6.91 -27.87
CA THR C 243 1.03 7.57 -28.84
C THR C 243 1.17 9.05 -28.50
N ARG C 244 2.03 9.72 -29.26
CA ARG C 244 2.22 11.16 -29.12
C ARG C 244 0.94 11.95 -29.36
N GLY C 245 -0.07 11.34 -30.00
CA GLY C 245 -1.34 11.99 -30.23
C GLY C 245 -2.35 11.91 -29.12
N TYR C 246 -2.03 11.28 -27.99
CA TYR C 246 -3.03 11.07 -26.94
C TYR C 246 -3.49 12.40 -26.36
N THR C 247 -4.81 12.52 -26.16
CA THR C 247 -5.57 13.73 -25.77
C THR C 247 -5.68 14.76 -26.90
N HIS C 248 -4.98 14.55 -28.01
CA HIS C 248 -5.14 15.40 -29.19
C HIS C 248 -6.08 14.78 -30.21
N LEU C 249 -5.90 13.49 -30.47
CA LEU C 249 -6.60 12.77 -31.52
C LEU C 249 -7.61 11.84 -30.86
N VAL C 250 -8.34 11.09 -31.68
CA VAL C 250 -9.29 10.12 -31.16
C VAL C 250 -8.76 8.74 -31.50
N GLN C 251 -8.92 8.32 -32.75
CA GLN C 251 -8.58 6.95 -33.14
C GLN C 251 -7.07 6.73 -33.11
N GLY C 252 -6.66 5.61 -32.51
CA GLY C 252 -5.30 5.11 -32.62
C GLY C 252 -4.28 5.70 -31.66
N ALA C 253 -4.67 6.59 -30.76
CA ALA C 253 -3.69 7.24 -29.88
C ALA C 253 -3.70 6.71 -28.45
N GLY C 254 -4.61 5.82 -28.11
CA GLY C 254 -4.69 5.27 -26.75
C GLY C 254 -6.15 5.11 -26.34
N SER C 255 -6.39 4.17 -25.41
CA SER C 255 -7.72 3.97 -24.86
C SER C 255 -8.13 5.11 -23.92
N ILE C 256 -9.43 5.21 -23.68
CA ILE C 256 -9.97 6.06 -22.62
C ILE C 256 -10.68 5.18 -21.61
N LEU C 257 -10.99 5.77 -20.45
CA LEU C 257 -11.45 5.02 -19.29
C LEU C 257 -12.91 5.31 -18.98
N GLN C 258 -13.71 4.25 -18.87
CA GLN C 258 -15.07 4.35 -18.36
C GLN C 258 -15.06 4.32 -16.84
N MET C 259 -15.56 5.39 -16.22
CA MET C 259 -15.62 5.46 -14.77
C MET C 259 -16.98 5.04 -14.21
N SER C 260 -17.99 4.87 -15.06
CA SER C 260 -19.33 4.49 -14.61
C SER C 260 -19.40 2.98 -14.37
N ASP C 261 -20.53 2.55 -13.83
CA ASP C 261 -20.69 1.15 -13.40
C ASP C 261 -21.35 0.27 -14.45
N HIS C 262 -21.83 0.84 -15.55
CA HIS C 262 -22.53 0.05 -16.57
C HIS C 262 -21.68 -1.14 -17.02
N GLU C 263 -22.28 -2.33 -17.04
CA GLU C 263 -21.50 -3.51 -17.34
C GLU C 263 -21.31 -3.71 -18.84
N ASN C 264 -22.26 -3.28 -19.67
CA ASN C 264 -22.12 -3.38 -21.12
C ASN C 264 -21.81 -1.99 -21.65
N THR C 265 -20.53 -1.71 -21.87
CA THR C 265 -20.11 -0.42 -22.39
C THR C 265 -20.81 -0.09 -23.70
N HIS C 266 -20.91 -1.07 -24.59
CA HIS C 266 -21.41 -0.82 -25.95
C HIS C 266 -22.86 -0.34 -25.92
N GLU C 267 -23.72 -1.01 -25.15
CA GLU C 267 -25.13 -0.64 -25.15
C GLU C 267 -25.36 0.69 -24.47
N GLN C 268 -24.65 0.96 -23.37
CA GLN C 268 -24.78 2.25 -22.72
C GLN C 268 -24.25 3.37 -23.60
N PHE C 269 -23.22 3.10 -24.39
CA PHE C 269 -22.73 4.10 -25.34
C PHE C 269 -23.81 4.48 -26.33
N GLU C 270 -24.55 3.51 -26.85
CA GLU C 270 -25.63 3.81 -27.79
C GLU C 270 -26.82 4.47 -27.13
N ARG C 271 -26.95 4.35 -25.80
CA ARG C 271 -28.08 4.95 -25.11
C ARG C 271 -27.77 6.35 -24.58
N ASN C 272 -26.64 6.51 -23.86
CA ASN C 272 -26.22 7.84 -23.42
C ASN C 272 -24.72 7.76 -23.11
N ARG C 273 -23.90 8.14 -24.09
CA ARG C 273 -22.45 8.01 -23.95
C ARG C 273 -21.91 8.89 -22.83
N MET C 274 -22.58 10.00 -22.51
CA MET C 274 -22.07 10.87 -21.45
C MET C 274 -22.20 10.22 -20.07
N ALA C 275 -23.15 9.30 -19.90
CA ALA C 275 -23.31 8.65 -18.60
C ALA C 275 -22.21 7.64 -18.31
N LEU C 276 -21.35 7.33 -19.28
CA LEU C 276 -20.22 6.44 -19.06
C LEU C 276 -19.10 7.10 -18.24
N GLN C 277 -19.14 8.43 -18.06
CA GLN C 277 -18.16 9.14 -17.24
C GLN C 277 -16.75 8.90 -17.78
N LEU C 278 -16.60 9.10 -19.08
CA LEU C 278 -15.35 8.76 -19.77
C LEU C 278 -14.29 9.83 -19.57
N ARG C 279 -13.07 9.41 -19.24
CA ARG C 279 -11.96 10.35 -19.06
C ARG C 279 -10.70 9.80 -19.73
N TYR C 280 -9.79 10.70 -20.05
CA TYR C 280 -8.46 10.27 -20.45
C TYR C 280 -7.70 9.77 -19.23
N PHE C 281 -6.75 8.88 -19.45
CA PHE C 281 -5.80 8.61 -18.37
C PHE C 281 -4.97 9.85 -18.09
N THR C 282 -4.58 10.01 -16.82
CA THR C 282 -3.68 11.10 -16.47
C THR C 282 -2.27 10.78 -16.95
N ALA C 283 -1.44 11.83 -17.04
CA ALA C 283 -0.06 11.60 -17.44
C ALA C 283 0.64 10.66 -16.47
N ARG C 284 0.31 10.75 -15.18
CA ARG C 284 0.89 9.85 -14.20
C ARG C 284 0.45 8.41 -14.47
N GLU C 285 -0.83 8.22 -14.81
CA GLU C 285 -1.31 6.87 -15.12
C GLU C 285 -0.63 6.32 -16.37
N VAL C 286 -0.47 7.14 -17.40
CA VAL C 286 0.28 6.71 -18.58
C VAL C 286 1.70 6.32 -18.19
N ALA C 287 2.36 7.18 -17.40
CA ALA C 287 3.72 6.89 -16.95
C ALA C 287 3.79 5.56 -16.21
N ARG C 288 2.84 5.30 -15.31
CA ARG C 288 2.79 4.03 -14.60
C ARG C 288 2.60 2.86 -15.56
N LEU C 289 1.69 3.00 -16.52
CA LEU C 289 1.45 1.92 -17.46
C LEU C 289 2.68 1.63 -18.29
N MET C 290 3.52 2.64 -18.53
CA MET C 290 4.75 2.44 -19.27
CA MET C 290 4.76 2.48 -19.26
C MET C 290 5.93 2.10 -18.37
N GLY C 291 5.68 1.82 -17.09
CA GLY C 291 6.69 1.34 -16.17
C GLY C 291 7.55 2.37 -15.48
N PHE C 292 7.24 3.66 -15.60
CA PHE C 292 8.06 4.67 -14.95
C PHE C 292 7.79 4.68 -13.44
N PRO C 293 8.82 4.91 -12.64
CA PRO C 293 8.63 4.93 -11.18
C PRO C 293 7.94 6.21 -10.72
N GLU C 294 7.43 6.17 -9.49
CA GLU C 294 6.73 7.32 -8.93
C GLU C 294 7.64 8.55 -8.84
N SER C 295 8.95 8.34 -8.72
CA SER C 295 9.89 9.45 -8.61
C SER C 295 9.92 10.34 -9.85
N LEU C 296 9.44 9.85 -11.00
CA LEU C 296 9.36 10.69 -12.19
C LEU C 296 8.49 11.91 -11.93
N GLU C 297 9.09 13.10 -12.02
CA GLU C 297 8.41 14.36 -11.72
C GLU C 297 8.60 15.35 -12.86
N TRP C 298 7.64 16.27 -13.01
CA TRP C 298 7.75 17.30 -14.03
C TRP C 298 7.15 18.64 -13.60
N SER C 299 6.47 18.68 -12.47
CA SER C 299 5.76 19.90 -12.08
C SER C 299 6.73 21.03 -11.72
N LYS C 300 7.90 20.71 -11.17
CA LYS C 300 8.90 21.74 -10.89
C LYS C 300 9.49 22.35 -12.15
N SER C 301 9.20 21.80 -13.32
CA SER C 301 9.74 22.28 -14.59
C SER C 301 8.71 23.15 -15.30
N ASN C 302 9.11 23.69 -16.45
CA ASN C 302 8.22 24.41 -17.34
C ASN C 302 7.54 23.50 -18.35
N VAL C 303 7.53 22.19 -18.11
CA VAL C 303 6.89 21.22 -18.98
C VAL C 303 5.51 20.92 -18.40
N THR C 304 4.47 21.19 -19.18
CA THR C 304 3.11 20.96 -18.71
C THR C 304 2.76 19.47 -18.79
N GLU C 305 1.68 19.11 -18.08
CA GLU C 305 1.15 17.75 -18.19
C GLU C 305 0.75 17.42 -19.62
N LYS C 306 0.21 18.40 -20.35
CA LYS C 306 -0.12 18.20 -21.76
C LYS C 306 1.09 17.77 -22.57
N CYS C 307 2.24 18.40 -22.31
N CYS C 307 2.25 18.40 -22.32
CA CYS C 307 3.45 18.04 -23.04
CA CYS C 307 3.44 18.02 -23.06
C CYS C 307 3.99 16.68 -22.61
C CYS C 307 3.96 16.66 -22.62
N MET C 308 3.74 16.29 -21.35
CA MET C 308 4.18 14.99 -20.87
C MET C 308 3.55 13.85 -21.66
N TYR C 309 2.28 14.01 -22.06
CA TYR C 309 1.65 12.98 -22.88
C TYR C 309 2.46 12.71 -24.15
N ARG C 310 2.96 13.78 -24.80
CA ARG C 310 3.77 13.59 -26.00
C ARG C 310 5.09 12.90 -25.67
N LEU C 311 5.73 13.28 -24.57
CA LEU C 311 7.02 12.67 -24.22
C LEU C 311 6.85 11.21 -23.82
N LEU C 312 5.81 10.90 -23.04
CA LEU C 312 5.54 9.51 -22.69
C LEU C 312 5.15 8.69 -23.92
N GLY C 313 4.36 9.29 -24.82
CA GLY C 313 3.94 8.57 -26.01
C GLY C 313 5.08 8.13 -26.91
N ASN C 314 6.23 8.80 -26.83
CA ASN C 314 7.41 8.45 -27.59
C ASN C 314 8.41 7.63 -26.79
N SER C 315 8.04 7.18 -25.59
N SER C 315 8.04 7.18 -25.59
CA SER C 315 8.99 6.55 -24.69
CA SER C 315 8.99 6.56 -24.68
C SER C 315 8.88 5.03 -24.74
C SER C 315 9.00 5.04 -24.86
N ILE C 316 9.74 4.37 -23.99
CA ILE C 316 9.83 2.92 -23.97
C ILE C 316 8.99 2.40 -22.82
N ASN C 317 8.73 1.10 -22.79
CA ASN C 317 8.26 0.49 -21.56
C ASN C 317 9.47 0.15 -20.72
N VAL C 318 9.54 0.75 -19.54
CA VAL C 318 10.69 0.62 -18.65
C VAL C 318 10.86 -0.80 -18.16
N LYS C 319 9.74 -1.49 -17.86
CA LYS C 319 9.83 -2.83 -17.30
C LYS C 319 10.40 -3.82 -18.32
N VAL C 320 9.83 -3.83 -19.53
CA VAL C 320 10.32 -4.75 -20.54
C VAL C 320 11.79 -4.50 -20.84
N VAL C 321 12.17 -3.22 -20.98
CA VAL C 321 13.56 -2.92 -21.29
C VAL C 321 14.48 -3.31 -20.15
N SER C 322 14.01 -3.15 -18.90
N SER C 322 14.02 -3.17 -18.91
CA SER C 322 14.84 -3.57 -17.76
CA SER C 322 14.84 -3.57 -17.77
C SER C 322 15.15 -5.06 -17.82
C SER C 322 15.14 -5.06 -17.81
N TYR C 323 14.18 -5.87 -18.24
CA TYR C 323 14.43 -7.30 -18.40
C TYR C 323 15.45 -7.56 -19.50
N LEU C 324 15.34 -6.81 -20.61
CA LEU C 324 16.27 -6.96 -21.71
C LEU C 324 17.67 -6.49 -21.35
N ILE C 325 17.79 -5.46 -20.51
CA ILE C 325 19.10 -5.03 -20.04
C ILE C 325 19.75 -6.12 -19.21
N SER C 326 18.98 -6.75 -18.31
CA SER C 326 19.50 -7.86 -17.52
C SER C 326 20.03 -8.97 -18.42
N LEU C 327 19.26 -9.34 -19.45
CA LEU C 327 19.71 -10.36 -20.38
C LEU C 327 20.97 -9.92 -21.11
N LEU C 328 20.94 -8.71 -21.68
CA LEU C 328 22.06 -8.24 -22.49
C LEU C 328 23.37 -8.24 -21.68
N LEU C 329 23.33 -7.73 -20.44
CA LEU C 329 24.51 -7.52 -19.63
C LEU C 329 24.84 -8.70 -18.72
N GLU C 330 24.17 -9.83 -18.90
CA GLU C 330 24.42 -11.00 -18.07
C GLU C 330 25.89 -11.39 -17.95
N PRO C 331 26.74 -11.28 -18.99
CA PRO C 331 28.16 -11.64 -18.81
C PRO C 331 28.90 -10.75 -17.83
N LEU C 332 28.44 -9.53 -17.59
CA LEU C 332 29.13 -8.64 -16.66
C LEU C 332 28.95 -9.08 -15.22
N ASN C 333 27.93 -9.89 -14.92
CA ASN C 333 27.66 -10.41 -13.59
C ASN C 333 27.51 -9.27 -12.57
N PHE C 334 26.37 -8.61 -12.66
CA PHE C 334 26.05 -7.51 -11.76
C PHE C 334 25.07 -7.95 -10.67
N ARG D 10 4.52 -48.28 -2.15
CA ARG D 10 4.53 -47.27 -3.20
C ARG D 10 5.86 -46.52 -3.24
N LEU D 11 6.07 -45.76 -4.31
CA LEU D 11 7.33 -45.06 -4.53
C LEU D 11 7.14 -43.57 -4.26
N ARG D 12 7.91 -43.04 -3.32
CA ARG D 12 7.87 -41.61 -3.02
C ARG D 12 8.76 -40.86 -4.01
N VAL D 13 8.19 -39.88 -4.72
CA VAL D 13 8.85 -39.19 -5.82
C VAL D 13 8.89 -37.70 -5.53
N LEU D 14 10.06 -37.11 -5.72
CA LEU D 14 10.26 -35.67 -5.63
C LEU D 14 10.46 -35.13 -7.05
N GLU D 15 9.57 -34.24 -7.47
CA GLU D 15 9.53 -33.75 -8.85
C GLU D 15 10.07 -32.31 -8.86
N LEU D 16 11.37 -32.19 -9.14
CA LEU D 16 12.06 -30.90 -9.14
C LEU D 16 11.97 -30.24 -10.51
N TYR D 17 11.80 -28.92 -10.51
CA TYR D 17 11.50 -28.18 -11.74
C TYR D 17 10.29 -28.79 -12.45
N SER D 18 9.18 -28.87 -11.71
CA SER D 18 8.03 -29.65 -12.15
C SER D 18 7.33 -29.04 -13.36
N GLY D 19 7.45 -27.73 -13.57
CA GLY D 19 6.85 -27.13 -14.76
C GLY D 19 5.35 -27.39 -14.83
N ILE D 20 4.87 -27.80 -16.00
CA ILE D 20 3.46 -28.14 -16.16
C ILE D 20 3.22 -29.63 -15.90
N GLY D 21 4.21 -30.33 -15.32
CA GLY D 21 3.96 -31.68 -14.84
C GLY D 21 4.24 -32.79 -15.83
N GLY D 22 5.05 -32.54 -16.87
CA GLY D 22 5.38 -33.61 -17.79
C GLY D 22 5.92 -34.86 -17.11
N MET D 23 6.72 -34.68 -16.06
CA MET D 23 7.28 -35.84 -15.38
C MET D 23 6.19 -36.66 -14.67
N HIS D 24 5.24 -35.98 -14.03
CA HIS D 24 4.10 -36.66 -13.42
C HIS D 24 3.32 -37.45 -14.48
N TYR D 25 3.10 -36.84 -15.66
CA TYR D 25 2.41 -37.55 -16.73
C TYR D 25 3.21 -38.75 -17.22
N ALA D 26 4.54 -38.63 -17.26
CA ALA D 26 5.36 -39.74 -17.71
C ALA D 26 5.32 -40.88 -16.70
N LEU D 27 5.33 -40.54 -15.41
CA LEU D 27 5.18 -41.57 -14.39
C LEU D 27 3.85 -42.29 -14.52
N ASN D 28 2.76 -41.54 -14.80
CA ASN D 28 1.45 -42.16 -15.00
C ASN D 28 1.48 -43.14 -16.17
N LEU D 29 2.05 -42.72 -17.31
CA LEU D 29 2.12 -43.57 -18.48
C LEU D 29 2.90 -44.85 -18.21
N ALA D 30 3.98 -44.75 -17.44
CA ALA D 30 4.76 -45.94 -17.10
C ALA D 30 4.04 -46.82 -16.09
N ASN D 31 2.87 -46.41 -15.61
CA ASN D 31 2.08 -47.17 -14.63
C ASN D 31 2.87 -47.38 -13.34
N ILE D 32 3.62 -46.36 -12.95
CA ILE D 32 4.37 -46.42 -11.69
C ILE D 32 3.42 -46.08 -10.55
N PRO D 33 3.32 -46.92 -9.53
CA PRO D 33 2.58 -46.53 -8.31
C PRO D 33 3.34 -45.46 -7.53
N ALA D 34 3.21 -44.21 -7.97
CA ALA D 34 4.05 -43.14 -7.47
C ALA D 34 3.19 -42.13 -6.71
N ASP D 35 3.64 -41.77 -5.52
CA ASP D 35 3.10 -40.64 -4.78
C ASP D 35 4.07 -39.48 -4.96
N ILE D 36 3.64 -38.46 -5.71
CA ILE D 36 4.43 -37.24 -5.80
C ILE D 36 4.32 -36.55 -4.45
N VAL D 37 5.35 -36.71 -3.62
CA VAL D 37 5.36 -36.06 -2.31
C VAL D 37 5.31 -34.56 -2.49
N CYS D 38 6.12 -34.04 -3.40
CA CYS D 38 6.12 -32.61 -3.67
C CYS D 38 6.57 -32.40 -5.10
N ALA D 39 5.99 -31.40 -5.75
CA ALA D 39 6.48 -30.85 -6.99
C ALA D 39 6.93 -29.42 -6.72
N ILE D 40 8.07 -29.04 -7.27
CA ILE D 40 8.69 -27.76 -6.92
C ILE D 40 9.02 -27.00 -8.19
N ASP D 41 8.53 -25.77 -8.30
CA ASP D 41 8.88 -24.91 -9.42
C ASP D 41 8.73 -23.46 -8.96
N ILE D 42 9.61 -22.59 -9.48
CA ILE D 42 9.53 -21.17 -9.15
C ILE D 42 8.57 -20.41 -10.05
N ASN D 43 8.10 -21.03 -11.12
CA ASN D 43 7.25 -20.35 -12.09
C ASN D 43 5.80 -20.43 -11.63
N PRO D 44 5.18 -19.32 -11.22
CA PRO D 44 3.78 -19.40 -10.75
C PRO D 44 2.80 -19.82 -11.82
N GLN D 45 3.05 -19.45 -13.08
CA GLN D 45 2.15 -19.89 -14.14
C GLN D 45 2.22 -21.40 -14.33
N ALA D 46 3.43 -21.96 -14.30
CA ALA D 46 3.58 -23.39 -14.38
C ALA D 46 2.88 -24.08 -13.22
N ASN D 47 3.05 -23.56 -12.00
CA ASN D 47 2.42 -24.17 -10.83
C ASN D 47 0.89 -24.13 -10.92
N GLU D 48 0.34 -23.04 -11.48
CA GLU D 48 -1.11 -22.98 -11.67
C GLU D 48 -1.61 -24.13 -12.53
N ILE D 49 -0.93 -24.36 -13.66
CA ILE D 49 -1.29 -25.48 -14.54
C ILE D 49 -1.11 -26.81 -13.82
N TYR D 50 0.02 -26.97 -13.11
CA TYR D 50 0.28 -28.22 -12.42
C TYR D 50 -0.85 -28.53 -11.44
N ASN D 51 -1.15 -27.58 -10.56
CA ASN D 51 -2.12 -27.80 -9.50
C ASN D 51 -3.52 -27.97 -10.05
N LEU D 52 -3.85 -27.30 -11.17
CA LEU D 52 -5.15 -27.48 -11.79
C LEU D 52 -5.34 -28.90 -12.31
N ASN D 53 -4.25 -29.53 -12.79
CA ASN D 53 -4.34 -30.83 -13.43
C ASN D 53 -4.05 -31.99 -12.51
N HIS D 54 -3.18 -31.81 -11.51
CA HIS D 54 -2.72 -32.90 -10.66
C HIS D 54 -3.16 -32.77 -9.21
N GLY D 55 -3.84 -31.68 -8.85
CA GLY D 55 -4.10 -31.37 -7.46
C GLY D 55 -3.00 -30.52 -6.86
N LYS D 56 -3.26 -30.04 -5.64
CA LYS D 56 -2.39 -29.05 -5.00
C LYS D 56 -1.13 -29.74 -4.49
N LEU D 57 -0.21 -30.02 -5.41
CA LEU D 57 1.07 -30.65 -5.12
C LEU D 57 2.26 -29.77 -5.40
N ALA D 58 2.13 -28.77 -6.26
CA ALA D 58 3.25 -27.95 -6.68
C ALA D 58 3.42 -26.79 -5.71
N LYS D 59 4.63 -26.65 -5.17
CA LYS D 59 4.97 -25.60 -4.23
C LYS D 59 5.95 -24.63 -4.88
N HIS D 60 5.78 -23.35 -4.58
CA HIS D 60 6.58 -22.27 -5.18
C HIS D 60 7.83 -22.10 -4.32
N MET D 61 8.96 -22.49 -4.83
CA MET D 61 10.20 -22.43 -4.07
C MET D 61 11.36 -22.25 -5.01
N ASP D 62 12.42 -21.55 -4.56
CA ASP D 62 13.70 -21.42 -5.30
C ASP D 62 14.53 -22.65 -4.95
N ILE D 63 14.76 -23.53 -5.92
CA ILE D 63 15.52 -24.75 -5.68
C ILE D 63 16.93 -24.45 -5.23
N SER D 64 17.45 -23.25 -5.55
CA SER D 64 18.76 -22.85 -5.07
C SER D 64 18.82 -22.72 -3.55
N THR D 65 17.68 -22.63 -2.86
CA THR D 65 17.66 -22.47 -1.42
C THR D 65 17.29 -23.75 -0.68
N LEU D 66 17.00 -24.85 -1.38
CA LEU D 66 16.72 -26.11 -0.70
C LEU D 66 17.93 -26.55 0.12
N THR D 67 17.67 -27.06 1.31
CA THR D 67 18.69 -27.57 2.21
C THR D 67 18.53 -29.08 2.39
N ALA D 68 19.55 -29.68 3.01
CA ALA D 68 19.50 -31.11 3.29
C ALA D 68 18.29 -31.45 4.16
N LYS D 69 17.95 -30.57 5.10
CA LYS D 69 16.78 -30.77 5.95
C LYS D 69 15.50 -30.80 5.12
N ASP D 70 15.39 -29.94 4.11
CA ASP D 70 14.25 -29.99 3.20
C ASP D 70 14.15 -31.35 2.52
N PHE D 71 15.24 -31.84 1.95
CA PHE D 71 15.21 -33.14 1.27
C PHE D 71 14.91 -34.26 2.25
N ASP D 72 15.45 -34.17 3.47
CA ASP D 72 15.15 -35.17 4.49
C ASP D 72 13.66 -35.24 4.77
N ALA D 73 13.01 -34.07 4.89
CA ALA D 73 11.57 -34.02 5.10
C ALA D 73 10.80 -34.65 3.94
N PHE D 74 11.23 -34.39 2.70
CA PHE D 74 10.57 -34.98 1.55
C PHE D 74 10.69 -36.49 1.55
N ASP D 75 11.86 -37.01 1.91
CA ASP D 75 12.08 -38.45 2.10
C ASP D 75 11.65 -39.25 0.87
N CYS D 76 12.23 -38.89 -0.27
CA CYS D 76 11.86 -39.48 -1.55
C CYS D 76 12.96 -40.39 -2.09
N LYS D 77 12.54 -41.48 -2.72
CA LYS D 77 13.45 -42.50 -3.24
C LYS D 77 13.80 -42.26 -4.70
N LEU D 78 12.97 -41.52 -5.42
CA LEU D 78 13.25 -41.09 -6.79
C LEU D 78 13.17 -39.58 -6.83
N TRP D 79 14.23 -38.94 -7.32
CA TRP D 79 14.19 -37.53 -7.65
C TRP D 79 14.23 -37.38 -9.16
N THR D 80 13.30 -36.61 -9.71
CA THR D 80 13.36 -36.25 -11.11
C THR D 80 13.67 -34.76 -11.24
N MET D 81 14.34 -34.38 -12.32
CA MET D 81 14.65 -32.97 -12.48
C MET D 81 14.81 -32.63 -13.95
N SER D 82 14.33 -31.45 -14.33
CA SER D 82 14.44 -30.92 -15.69
C SER D 82 14.90 -29.48 -15.58
N PRO D 83 16.20 -29.26 -15.39
CA PRO D 83 16.68 -27.91 -15.04
C PRO D 83 16.83 -26.92 -16.19
N SER D 84 16.23 -27.18 -17.36
CA SER D 84 16.49 -26.36 -18.54
C SER D 84 15.75 -25.03 -18.47
N CYS D 85 16.44 -23.96 -18.85
CA CYS D 85 15.84 -22.64 -19.10
C CYS D 85 15.06 -22.14 -17.89
N GLN D 86 15.73 -22.12 -16.73
CA GLN D 86 15.06 -21.71 -15.52
C GLN D 86 15.22 -20.21 -15.26
N PRO D 87 14.31 -19.63 -14.48
CA PRO D 87 14.42 -18.22 -14.12
C PRO D 87 15.68 -17.91 -13.32
N PHE D 88 16.22 -16.72 -13.55
CA PHE D 88 17.39 -16.23 -12.83
C PHE D 88 16.95 -15.54 -11.55
N THR D 89 17.63 -15.85 -10.45
CA THR D 89 17.29 -15.30 -9.15
C THR D 89 18.42 -14.46 -8.58
N ASP D 99 27.13 -21.89 -15.38
CA ASP D 99 27.12 -21.84 -13.92
C ASP D 99 25.94 -21.00 -13.37
N PRO D 100 25.77 -19.74 -13.81
CA PRO D 100 24.58 -19.01 -13.39
C PRO D 100 23.29 -19.59 -13.93
N ARG D 101 23.31 -20.17 -15.13
CA ARG D 101 22.13 -20.83 -15.68
C ARG D 101 21.89 -22.21 -15.06
N SER D 102 22.74 -22.66 -14.15
CA SER D 102 22.56 -23.93 -13.46
C SER D 102 22.68 -23.77 -11.95
N GLN D 103 22.44 -22.57 -11.42
CA GLN D 103 22.66 -22.31 -10.01
C GLN D 103 21.86 -23.26 -9.12
N ALA D 104 20.58 -23.45 -9.44
CA ALA D 104 19.75 -24.33 -8.63
C ALA D 104 20.25 -25.77 -8.72
N PHE D 105 20.64 -26.20 -9.92
CA PHE D 105 21.11 -27.56 -10.13
C PHE D 105 22.40 -27.82 -9.34
N LEU D 106 23.31 -26.84 -9.32
CA LEU D 106 24.53 -26.97 -8.54
C LEU D 106 24.22 -27.03 -7.05
N ASN D 107 23.17 -26.35 -6.59
CA ASN D 107 22.79 -26.46 -5.19
C ASN D 107 22.34 -27.87 -4.86
N ILE D 108 21.53 -28.48 -5.75
CA ILE D 108 21.10 -29.86 -5.54
C ILE D 108 22.30 -30.77 -5.38
N LEU D 109 23.29 -30.61 -6.27
CA LEU D 109 24.49 -31.44 -6.22
C LEU D 109 25.28 -31.20 -4.94
N ASN D 110 25.31 -29.95 -4.47
CA ASN D 110 26.07 -29.62 -3.26
C ASN D 110 25.40 -30.15 -2.00
N VAL D 111 24.08 -30.32 -2.03
CA VAL D 111 23.34 -30.74 -0.84
C VAL D 111 23.15 -32.26 -0.81
N LEU D 112 23.02 -32.90 -1.96
CA LEU D 112 22.82 -34.35 -2.07
C LEU D 112 23.70 -35.18 -1.15
N PRO D 113 25.02 -34.95 -1.02
CA PRO D 113 25.83 -35.83 -0.16
C PRO D 113 25.56 -35.68 1.32
N HIS D 114 24.73 -34.72 1.72
CA HIS D 114 24.46 -34.47 3.13
C HIS D 114 23.09 -34.96 3.58
N VAL D 115 22.32 -35.61 2.70
CA VAL D 115 20.99 -36.06 3.09
C VAL D 115 21.09 -37.33 3.93
N ASN D 116 20.05 -37.58 4.73
CA ASN D 116 20.03 -38.78 5.57
C ASN D 116 19.98 -40.05 4.71
N ASN D 117 19.16 -40.05 3.68
CA ASN D 117 18.93 -41.22 2.84
C ASN D 117 19.04 -40.80 1.39
N LEU D 118 20.15 -41.15 0.76
CA LEU D 118 20.35 -40.84 -0.65
C LEU D 118 19.21 -41.45 -1.47
N PRO D 119 18.65 -40.71 -2.43
CA PRO D 119 17.64 -41.30 -3.32
C PRO D 119 18.23 -42.48 -4.08
N GLU D 120 17.45 -43.55 -4.18
CA GLU D 120 17.93 -44.72 -4.89
C GLU D 120 17.92 -44.54 -6.41
N TYR D 121 17.14 -43.59 -6.91
CA TYR D 121 17.02 -43.36 -8.35
C TYR D 121 16.99 -41.86 -8.62
N ILE D 122 17.68 -41.43 -9.68
CA ILE D 122 17.66 -40.05 -10.14
C ILE D 122 17.46 -40.04 -11.65
N LEU D 123 16.57 -39.17 -12.13
CA LEU D 123 16.37 -38.99 -13.57
C LEU D 123 16.53 -37.52 -13.87
N ILE D 124 17.41 -37.21 -14.83
CA ILE D 124 17.68 -35.84 -15.26
C ILE D 124 17.39 -35.72 -16.75
N GLU D 125 16.69 -34.65 -17.13
CA GLU D 125 16.53 -34.30 -18.54
C GLU D 125 17.03 -32.88 -18.72
N ASN D 126 17.74 -32.62 -19.81
CA ASN D 126 18.27 -31.28 -20.06
C ASN D 126 18.41 -31.07 -21.57
N VAL D 127 18.89 -29.88 -21.93
CA VAL D 127 19.02 -29.51 -23.33
C VAL D 127 20.13 -30.32 -23.99
N GLN D 128 19.97 -30.56 -25.29
CA GLN D 128 21.08 -31.12 -26.06
C GLN D 128 22.29 -30.22 -25.91
N GLY D 129 23.46 -30.84 -25.75
CA GLY D 129 24.66 -30.10 -25.46
C GLY D 129 24.97 -29.97 -23.98
N PHE D 130 24.03 -30.29 -23.09
CA PHE D 130 24.34 -30.26 -21.67
C PHE D 130 25.50 -31.19 -21.33
N GLU D 131 25.71 -32.24 -22.14
CA GLU D 131 26.78 -33.19 -21.86
C GLU D 131 28.16 -32.55 -21.93
N GLU D 132 28.29 -31.39 -22.58
CA GLU D 132 29.59 -30.73 -22.69
C GLU D 132 29.79 -29.65 -21.64
N SER D 133 28.84 -29.45 -20.74
CA SER D 133 28.86 -28.31 -19.83
C SER D 133 29.67 -28.61 -18.58
N LYS D 134 30.08 -27.55 -17.89
CA LYS D 134 30.74 -27.72 -16.60
C LYS D 134 29.79 -28.31 -15.57
N ALA D 135 28.50 -27.96 -15.64
CA ALA D 135 27.55 -28.50 -14.68
C ALA D 135 27.40 -30.02 -14.81
N ALA D 136 27.39 -30.52 -16.04
CA ALA D 136 27.34 -31.96 -16.25
C ALA D 136 28.59 -32.65 -15.71
N GLU D 137 29.75 -32.02 -15.90
CA GLU D 137 30.99 -32.56 -15.33
C GLU D 137 30.90 -32.64 -13.81
N GLU D 138 30.40 -31.59 -13.17
CA GLU D 138 30.21 -31.62 -11.72
C GLU D 138 29.21 -32.71 -11.32
N CYS D 139 28.16 -32.89 -12.13
CA CYS D 139 27.17 -33.92 -11.83
C CYS D 139 27.80 -35.31 -11.85
N ARG D 140 28.56 -35.62 -12.90
CA ARG D 140 29.18 -36.95 -12.98
C ARG D 140 30.05 -37.22 -11.77
N LYS D 141 30.79 -36.21 -11.33
CA LYS D 141 31.76 -36.38 -10.26
C LYS D 141 31.06 -36.58 -8.91
N VAL D 142 30.06 -35.75 -8.61
CA VAL D 142 29.35 -35.91 -7.35
C VAL D 142 28.59 -37.23 -7.32
N LEU D 143 27.91 -37.57 -8.42
CA LEU D 143 27.13 -38.80 -8.43
C LEU D 143 28.04 -40.02 -8.28
N ARG D 144 29.19 -40.02 -8.98
CA ARG D 144 30.14 -41.10 -8.82
C ARG D 144 30.61 -41.22 -7.37
N ASN D 145 30.95 -40.08 -6.76
CA ASN D 145 31.49 -40.11 -5.41
C ASN D 145 30.44 -40.57 -4.41
N CYS D 146 29.17 -40.32 -4.68
CA CYS D 146 28.09 -40.80 -3.82
C CYS D 146 27.60 -42.20 -4.19
N GLY D 147 28.36 -42.91 -5.01
CA GLY D 147 28.07 -44.30 -5.29
C GLY D 147 26.98 -44.57 -6.32
N TYR D 148 26.65 -43.59 -7.15
CA TYR D 148 25.67 -43.82 -8.21
C TYR D 148 26.32 -44.42 -9.44
N ASN D 149 25.54 -45.26 -10.13
CA ASN D 149 25.84 -45.75 -11.48
C ASN D 149 25.05 -44.88 -12.45
N LEU D 150 25.75 -44.04 -13.21
CA LEU D 150 25.12 -43.06 -14.09
C LEU D 150 25.31 -43.46 -15.55
N ILE D 151 24.22 -43.41 -16.31
CA ILE D 151 24.27 -43.55 -17.76
C ILE D 151 23.63 -42.31 -18.37
N GLU D 152 24.03 -42.00 -19.61
CA GLU D 152 23.55 -40.76 -20.22
C GLU D 152 23.59 -40.88 -21.73
N GLY D 153 22.85 -39.99 -22.39
CA GLY D 153 22.83 -39.99 -23.84
C GLY D 153 21.77 -39.05 -24.35
N ILE D 154 21.79 -38.86 -25.67
CA ILE D 154 20.82 -38.03 -26.39
C ILE D 154 19.77 -38.94 -27.02
N LEU D 155 18.51 -38.53 -26.94
CA LEU D 155 17.42 -39.23 -27.63
C LEU D 155 16.44 -38.21 -28.21
N SER D 156 15.84 -38.58 -29.34
CA SER D 156 14.83 -37.77 -30.00
C SER D 156 13.54 -38.57 -30.15
N PRO D 157 12.38 -37.92 -30.04
CA PRO D 157 11.12 -38.64 -30.20
C PRO D 157 11.00 -39.31 -31.56
N ASN D 158 11.65 -38.77 -32.59
CA ASN D 158 11.58 -39.39 -33.91
C ASN D 158 12.20 -40.78 -33.94
N GLN D 159 12.96 -41.15 -32.90
CA GLN D 159 13.47 -42.51 -32.78
C GLN D 159 12.42 -43.47 -32.24
N PHE D 160 11.28 -42.96 -31.81
CA PHE D 160 10.23 -43.76 -31.16
C PHE D 160 8.93 -43.66 -31.94
N ASN D 161 9.02 -43.45 -33.25
CA ASN D 161 7.85 -43.35 -34.13
C ASN D 161 6.92 -42.21 -33.72
N ILE D 162 7.50 -41.10 -33.26
CA ILE D 162 6.77 -39.88 -32.97
C ILE D 162 7.23 -38.83 -33.97
N PRO D 163 6.32 -38.15 -34.69
CA PRO D 163 6.72 -37.23 -35.77
C PRO D 163 7.10 -35.84 -35.25
N ASN D 164 8.12 -35.79 -34.40
CA ASN D 164 8.62 -34.50 -33.93
C ASN D 164 10.08 -34.67 -33.55
N SER D 165 10.92 -33.75 -34.00
CA SER D 165 12.33 -33.79 -33.68
C SER D 165 12.55 -32.96 -32.42
N ARG D 166 13.13 -33.57 -31.40
CA ARG D 166 13.38 -32.86 -30.15
C ARG D 166 14.48 -33.58 -29.38
N SER D 167 15.70 -33.51 -29.87
CA SER D 167 16.80 -34.18 -29.19
C SER D 167 17.05 -33.51 -27.85
N ARG D 168 17.15 -34.32 -26.80
CA ARG D 168 17.42 -33.86 -25.44
C ARG D 168 18.41 -34.82 -24.79
N TRP D 169 19.11 -34.31 -23.77
CA TRP D 169 20.04 -35.11 -22.99
C TRP D 169 19.32 -35.74 -21.80
N TYR D 170 19.71 -36.96 -21.47
CA TYR D 170 19.12 -37.69 -20.35
C TYR D 170 20.24 -38.27 -19.50
N GLY D 171 20.06 -38.17 -18.19
CA GLY D 171 20.95 -38.83 -17.24
C GLY D 171 20.12 -39.68 -16.31
N LEU D 172 20.44 -40.97 -16.22
CA LEU D 172 19.74 -41.91 -15.37
C LEU D 172 20.75 -42.50 -14.39
N ALA D 173 20.39 -42.53 -13.11
CA ALA D 173 21.36 -42.95 -12.10
C ALA D 173 20.68 -43.84 -11.06
N ARG D 174 21.32 -44.96 -10.75
CA ARG D 174 20.89 -45.89 -9.73
C ARG D 174 21.93 -45.95 -8.61
N LEU D 175 21.50 -45.76 -7.37
CA LEU D 175 22.40 -45.86 -6.23
C LEU D 175 22.87 -47.30 -6.05
N ASN D 176 24.18 -47.47 -5.89
CA ASN D 176 24.79 -48.74 -5.47
C ASN D 176 24.36 -49.88 -6.38
N PHE D 177 24.39 -49.62 -7.69
CA PHE D 177 23.97 -50.60 -8.67
C PHE D 177 25.23 -51.11 -9.38
N LYS D 178 25.52 -52.38 -9.18
CA LYS D 178 26.57 -53.08 -9.90
C LYS D 178 25.90 -53.92 -10.98
N GLY D 179 26.37 -53.81 -12.20
CA GLY D 179 25.68 -54.40 -13.31
C GLY D 179 25.79 -53.50 -14.52
N GLU D 180 25.30 -53.96 -15.67
CA GLU D 180 25.46 -53.23 -16.91
C GLU D 180 24.14 -52.66 -17.37
N TRP D 181 24.20 -51.48 -17.98
CA TRP D 181 23.07 -50.86 -18.65
C TRP D 181 23.58 -49.69 -19.45
N SER D 182 22.73 -49.21 -20.36
CA SER D 182 23.03 -48.05 -21.18
C SER D 182 21.71 -47.44 -21.60
N ILE D 183 21.77 -46.19 -22.07
CA ILE D 183 20.56 -45.52 -22.54
C ILE D 183 19.93 -46.31 -23.67
N ASP D 184 20.75 -47.01 -24.46
CA ASP D 184 20.23 -47.78 -25.59
C ASP D 184 19.23 -48.85 -25.16
N ASP D 185 19.25 -49.26 -23.89
CA ASP D 185 18.28 -50.22 -23.40
C ASP D 185 16.85 -49.67 -23.42
N VAL D 186 16.68 -48.37 -23.60
CA VAL D 186 15.34 -47.77 -23.61
C VAL D 186 14.48 -48.38 -24.72
N PHE D 187 15.11 -48.85 -25.80
CA PHE D 187 14.34 -49.35 -26.94
C PHE D 187 13.72 -50.71 -26.65
N GLN D 188 14.13 -51.40 -25.59
CA GLN D 188 13.42 -52.60 -25.18
C GLN D 188 12.07 -52.28 -24.52
N PHE D 189 11.89 -51.06 -24.04
CA PHE D 189 10.63 -50.64 -23.42
C PHE D 189 9.70 -49.92 -24.39
N SER D 190 10.18 -49.52 -25.56
CA SER D 190 9.36 -48.84 -26.53
C SER D 190 8.87 -49.75 -27.66
N GLU D 191 9.60 -50.81 -27.97
CA GLU D 191 9.13 -51.76 -28.98
C GLU D 191 7.95 -52.57 -28.46
N VAL D 192 7.94 -52.87 -27.17
CA VAL D 192 6.83 -53.59 -26.54
C VAL D 192 5.52 -52.80 -26.70
N GLU D 196 2.56 -54.56 -33.40
CA GLU D 196 2.70 -54.06 -34.76
C GLU D 196 3.51 -52.78 -34.80
N GLY D 197 3.02 -51.79 -35.53
CA GLY D 197 3.72 -50.53 -35.71
C GLY D 197 3.47 -49.94 -37.09
N GLU D 198 3.04 -48.69 -37.12
CA GLU D 198 2.84 -47.98 -38.38
C GLU D 198 3.37 -46.57 -38.22
N VAL D 199 4.13 -46.11 -39.20
CA VAL D 199 4.77 -44.80 -39.16
C VAL D 199 3.73 -43.74 -38.81
N LYS D 200 3.90 -43.11 -37.65
CA LYS D 200 2.99 -42.04 -37.26
C LYS D 200 3.28 -40.78 -38.06
N ARG D 201 2.22 -40.12 -38.50
CA ARG D 201 2.32 -38.89 -39.27
C ARG D 201 1.66 -37.74 -38.52
N ILE D 202 1.88 -36.53 -39.05
CA ILE D 202 1.38 -35.33 -38.40
C ILE D 202 -0.13 -35.41 -38.20
N ARG D 203 -0.85 -35.96 -39.19
CA ARG D 203 -2.30 -36.04 -39.12
C ARG D 203 -2.77 -36.77 -37.86
N ASP D 204 -1.96 -37.68 -37.32
CA ASP D 204 -2.37 -38.42 -36.13
C ASP D 204 -2.37 -37.58 -34.86
N TYR D 205 -2.00 -36.30 -34.96
CA TYR D 205 -1.93 -35.41 -33.80
C TYR D 205 -2.75 -34.14 -33.98
N LEU D 206 -3.29 -33.90 -35.17
CA LEU D 206 -3.98 -32.64 -35.45
C LEU D 206 -5.37 -32.68 -34.84
N GLU D 207 -5.87 -31.49 -34.49
CA GLU D 207 -7.24 -31.38 -34.01
C GLU D 207 -8.21 -31.54 -35.17
N ILE D 208 -9.41 -32.06 -34.84
CA ILE D 208 -10.47 -32.14 -35.84
C ILE D 208 -10.85 -30.71 -36.27
N GLU D 209 -11.56 -30.63 -37.41
CA GLU D 209 -11.90 -29.35 -38.02
C GLU D 209 -12.46 -28.37 -37.00
N ARG D 210 -11.94 -27.15 -37.03
CA ARG D 210 -12.38 -26.06 -36.17
C ARG D 210 -11.94 -24.75 -36.81
N ASP D 211 -12.20 -23.65 -36.12
CA ASP D 211 -11.95 -22.32 -36.68
C ASP D 211 -10.47 -21.99 -36.53
N TRP D 212 -9.75 -22.00 -37.65
CA TRP D 212 -8.31 -21.81 -37.66
C TRP D 212 -7.89 -20.34 -37.74
N SER D 213 -8.84 -19.41 -37.58
CA SER D 213 -8.58 -18.00 -37.83
C SER D 213 -7.42 -17.47 -37.01
N SER D 214 -7.42 -17.73 -35.70
CA SER D 214 -6.35 -17.21 -34.86
C SER D 214 -5.02 -17.90 -35.10
N TYR D 215 -5.00 -19.03 -35.80
CA TYR D 215 -3.77 -19.77 -36.03
C TYR D 215 -3.14 -19.52 -37.39
N MET D 216 -3.83 -18.83 -38.30
CA MET D 216 -3.28 -18.58 -39.63
C MET D 216 -2.06 -17.69 -39.53
N VAL D 217 -1.00 -18.07 -40.23
CA VAL D 217 0.19 -17.23 -40.29
C VAL D 217 -0.12 -15.99 -41.13
N LEU D 218 0.34 -14.84 -40.67
CA LEU D 218 -0.03 -13.57 -41.27
C LEU D 218 0.72 -13.32 -42.58
N GLU D 219 0.05 -12.63 -43.51
CA GLU D 219 0.71 -12.16 -44.72
C GLU D 219 2.01 -11.44 -44.41
N SER D 220 1.97 -10.53 -43.44
CA SER D 220 3.14 -9.76 -43.03
C SER D 220 4.37 -10.65 -42.82
N VAL D 221 4.24 -11.63 -41.94
CA VAL D 221 5.39 -12.49 -41.64
C VAL D 221 5.69 -13.41 -42.82
N LEU D 222 4.66 -13.90 -43.51
CA LEU D 222 4.87 -14.82 -44.64
C LEU D 222 5.61 -14.12 -45.78
N ASN D 223 5.09 -12.98 -46.23
CA ASN D 223 5.76 -12.25 -47.30
C ASN D 223 7.18 -11.86 -46.92
N LYS D 224 7.38 -11.44 -45.68
CA LYS D 224 8.67 -10.88 -45.27
C LYS D 224 9.66 -11.92 -44.77
N TRP D 225 9.19 -13.04 -44.19
CA TRP D 225 10.12 -14.03 -43.64
C TRP D 225 9.70 -15.47 -43.93
N GLY D 226 8.68 -15.69 -44.74
CA GLY D 226 8.19 -17.05 -44.99
C GLY D 226 9.25 -18.01 -45.47
N HIS D 227 10.30 -17.51 -46.12
CA HIS D 227 11.37 -18.36 -46.62
C HIS D 227 12.10 -19.12 -45.52
N GLN D 228 12.03 -18.65 -44.27
CA GLN D 228 12.71 -19.31 -43.17
C GLN D 228 11.87 -20.40 -42.52
N PHE D 229 10.57 -20.46 -42.80
CA PHE D 229 9.71 -21.46 -42.19
C PHE D 229 10.00 -22.85 -42.75
N ASP D 230 9.97 -23.84 -41.86
CA ASP D 230 9.86 -25.23 -42.27
C ASP D 230 8.39 -25.58 -42.37
N ILE D 231 7.95 -26.02 -43.54
CA ILE D 231 6.53 -26.27 -43.81
C ILE D 231 6.32 -27.77 -43.90
N VAL D 232 5.37 -28.28 -43.12
CA VAL D 232 5.03 -29.70 -43.15
C VAL D 232 3.56 -29.84 -43.56
N LYS D 233 3.19 -31.07 -43.90
CA LYS D 233 1.83 -31.39 -44.31
C LYS D 233 1.25 -32.42 -43.35
N PRO D 234 -0.07 -32.68 -43.39
CA PRO D 234 -0.61 -33.73 -42.52
C PRO D 234 0.01 -35.10 -42.77
N ASP D 235 0.48 -35.37 -43.97
CA ASP D 235 1.12 -36.66 -44.25
C ASP D 235 2.60 -36.69 -43.93
N SER D 236 3.17 -35.59 -43.44
CA SER D 236 4.59 -35.59 -43.08
C SER D 236 4.86 -36.50 -41.89
N SER D 237 6.07 -37.07 -41.87
CA SER D 237 6.46 -37.99 -40.81
C SER D 237 7.34 -37.33 -39.75
N SER D 238 7.56 -36.02 -39.83
CA SER D 238 8.26 -35.33 -38.75
C SER D 238 7.97 -33.84 -38.85
N CYS D 239 8.33 -33.12 -37.81
CA CYS D 239 8.32 -31.66 -37.80
C CYS D 239 9.42 -31.20 -36.85
N CYS D 240 9.74 -29.92 -36.93
CA CYS D 240 10.89 -29.40 -36.18
C CYS D 240 10.55 -29.22 -34.70
N CYS D 241 11.60 -29.03 -33.91
CA CYS D 241 11.45 -28.80 -32.48
C CYS D 241 10.67 -27.52 -32.23
N PHE D 242 9.67 -27.60 -31.34
CA PHE D 242 8.92 -26.42 -30.91
C PHE D 242 9.68 -25.77 -29.75
N THR D 243 10.01 -24.49 -29.89
CA THR D 243 10.73 -23.78 -28.84
C THR D 243 9.76 -22.87 -28.08
N ARG D 244 10.30 -22.22 -27.04
CA ARG D 244 9.48 -21.31 -26.25
C ARG D 244 8.93 -20.15 -27.06
N GLY D 245 9.60 -19.79 -28.15
CA GLY D 245 9.12 -18.70 -28.97
C GLY D 245 8.22 -19.06 -30.13
N TYR D 246 7.69 -20.29 -30.17
CA TYR D 246 6.82 -20.67 -31.26
C TYR D 246 5.58 -19.77 -31.31
N THR D 247 5.17 -19.41 -32.54
CA THR D 247 4.16 -18.43 -32.93
C THR D 247 4.64 -16.99 -32.72
N HIS D 248 5.86 -16.79 -32.22
CA HIS D 248 6.39 -15.45 -32.00
C HIS D 248 7.66 -15.26 -32.82
N LEU D 249 8.77 -15.93 -32.47
CA LEU D 249 9.91 -15.99 -33.35
C LEU D 249 9.63 -16.92 -34.52
N VAL D 250 10.42 -16.76 -35.59
CA VAL D 250 10.26 -17.60 -36.77
C VAL D 250 11.34 -18.66 -36.80
N GLN D 251 12.58 -18.26 -37.07
CA GLN D 251 13.63 -19.22 -37.36
C GLN D 251 13.95 -20.07 -36.14
N GLY D 252 13.93 -21.38 -36.34
CA GLY D 252 14.29 -22.31 -35.29
C GLY D 252 13.23 -22.53 -34.24
N ALA D 253 12.03 -21.97 -34.40
CA ALA D 253 11.03 -22.04 -33.34
C ALA D 253 10.02 -23.16 -33.54
N GLY D 254 9.96 -23.76 -34.72
CA GLY D 254 9.06 -24.85 -35.00
C GLY D 254 8.47 -24.75 -36.39
N SER D 255 7.98 -25.88 -36.90
CA SER D 255 7.38 -25.94 -38.22
C SER D 255 5.99 -25.32 -38.21
N ILE D 256 5.50 -24.99 -39.40
CA ILE D 256 4.12 -24.59 -39.59
C ILE D 256 3.47 -25.58 -40.56
N LEU D 257 2.14 -25.52 -40.62
CA LEU D 257 1.34 -26.57 -41.26
C LEU D 257 0.66 -26.01 -42.50
N GLN D 258 0.93 -26.65 -43.64
CA GLN D 258 0.22 -26.32 -44.88
C GLN D 258 -1.11 -27.07 -44.90
N MET D 259 -2.22 -26.33 -44.94
CA MET D 259 -3.53 -26.97 -44.99
C MET D 259 -4.04 -27.14 -46.42
N SER D 260 -3.50 -26.40 -47.38
CA SER D 260 -3.93 -26.56 -48.76
C SER D 260 -3.46 -27.91 -49.32
N ASP D 261 -4.07 -28.32 -50.43
CA ASP D 261 -3.72 -29.58 -51.04
C ASP D 261 -2.63 -29.47 -52.11
N HIS D 262 -1.98 -28.31 -52.23
CA HIS D 262 -0.94 -28.13 -53.22
C HIS D 262 0.15 -29.18 -53.08
N GLU D 263 0.45 -29.87 -54.19
CA GLU D 263 1.43 -30.95 -54.13
C GLU D 263 2.86 -30.43 -54.00
N ASN D 264 3.17 -29.28 -54.63
CA ASN D 264 4.51 -28.72 -54.62
C ASN D 264 4.49 -27.46 -53.77
N THR D 265 4.90 -27.59 -52.51
CA THR D 265 4.92 -26.44 -51.60
C THR D 265 5.86 -25.35 -52.10
N HIS D 266 7.09 -25.72 -52.46
CA HIS D 266 8.06 -24.71 -52.91
C HIS D 266 7.54 -23.92 -54.10
N GLU D 267 6.96 -24.61 -55.09
CA GLU D 267 6.45 -23.88 -56.26
C GLU D 267 5.32 -22.95 -55.87
N GLN D 268 4.35 -23.45 -55.08
CA GLN D 268 3.20 -22.64 -54.72
C GLN D 268 3.59 -21.51 -53.78
N PHE D 269 4.64 -21.71 -52.98
CA PHE D 269 5.09 -20.65 -52.07
C PHE D 269 5.57 -19.44 -52.87
N GLU D 270 6.25 -19.67 -53.99
CA GLU D 270 6.70 -18.55 -54.82
C GLU D 270 5.52 -17.85 -55.50
N ARG D 271 4.60 -18.63 -56.06
CA ARG D 271 3.50 -18.05 -56.83
C ARG D 271 2.55 -17.27 -55.92
N ASN D 272 2.02 -17.95 -54.88
CA ASN D 272 1.06 -17.30 -53.98
C ASN D 272 1.13 -18.04 -52.64
N ARG D 273 2.06 -17.61 -51.78
CA ARG D 273 2.28 -18.29 -50.51
C ARG D 273 1.06 -18.24 -49.59
N MET D 274 0.14 -17.29 -49.82
CA MET D 274 -1.07 -17.25 -49.00
C MET D 274 -2.05 -18.36 -49.38
N ALA D 275 -1.96 -18.90 -50.59
CA ALA D 275 -2.83 -19.99 -51.00
C ALA D 275 -2.49 -21.30 -50.30
N LEU D 276 -1.31 -21.39 -49.68
CA LEU D 276 -0.91 -22.61 -48.98
C LEU D 276 -1.68 -22.83 -47.68
N GLN D 277 -2.47 -21.84 -47.24
CA GLN D 277 -3.29 -21.95 -46.03
C GLN D 277 -2.45 -22.37 -44.83
N LEU D 278 -1.33 -21.66 -44.63
CA LEU D 278 -0.39 -22.00 -43.58
C LEU D 278 -0.90 -21.53 -42.23
N ARG D 279 -0.83 -22.42 -41.23
CA ARG D 279 -1.26 -22.09 -39.88
C ARG D 279 -0.24 -22.65 -38.89
N TYR D 280 -0.20 -22.05 -37.71
CA TYR D 280 0.58 -22.62 -36.63
C TYR D 280 -0.13 -23.85 -36.08
N PHE D 281 0.65 -24.80 -35.60
CA PHE D 281 0.10 -25.82 -34.71
C PHE D 281 -0.52 -25.16 -33.50
N THR D 282 -1.66 -25.69 -33.06
CA THR D 282 -2.31 -25.18 -31.85
C THR D 282 -1.53 -25.67 -30.63
N ALA D 283 -1.75 -25.00 -29.49
CA ALA D 283 -1.08 -25.46 -28.27
C ALA D 283 -1.47 -26.88 -27.93
N ARG D 284 -2.74 -27.24 -28.15
CA ARG D 284 -3.15 -28.63 -27.95
C ARG D 284 -2.35 -29.59 -28.83
N GLU D 285 -2.09 -29.19 -30.08
CA GLU D 285 -1.37 -30.07 -30.99
C GLU D 285 0.10 -30.18 -30.58
N VAL D 286 0.72 -29.06 -30.19
CA VAL D 286 2.07 -29.12 -29.63
C VAL D 286 2.12 -30.06 -28.43
N ALA D 287 1.14 -29.93 -27.52
CA ALA D 287 1.10 -30.79 -26.35
C ALA D 287 1.02 -32.26 -26.73
N ARG D 288 0.19 -32.59 -27.74
CA ARG D 288 0.05 -33.98 -28.16
C ARG D 288 1.34 -34.51 -28.76
N LEU D 289 1.98 -33.70 -29.60
CA LEU D 289 3.25 -34.11 -30.21
C LEU D 289 4.33 -34.34 -29.17
N MET D 290 4.25 -33.64 -28.03
CA MET D 290 5.20 -33.82 -26.94
C MET D 290 4.79 -34.93 -25.96
N GLY D 291 3.67 -35.60 -26.20
CA GLY D 291 3.28 -36.77 -25.45
C GLY D 291 2.27 -36.54 -24.34
N PHE D 292 1.76 -35.31 -24.20
CA PHE D 292 0.85 -35.03 -23.10
C PHE D 292 -0.50 -35.67 -23.38
N PRO D 293 -1.19 -36.13 -22.34
CA PRO D 293 -2.53 -36.70 -22.53
C PRO D 293 -3.57 -35.62 -22.76
N GLU D 294 -4.72 -36.04 -23.30
CA GLU D 294 -5.79 -35.11 -23.57
C GLU D 294 -6.28 -34.40 -22.31
N SER D 295 -6.07 -34.99 -21.14
CA SER D 295 -6.59 -34.41 -19.91
C SER D 295 -5.88 -33.11 -19.53
N LEU D 296 -4.72 -32.82 -20.12
CA LEU D 296 -4.05 -31.55 -19.83
C LEU D 296 -4.96 -30.39 -20.21
N GLU D 297 -5.24 -29.52 -19.24
CA GLU D 297 -6.15 -28.40 -19.43
C GLU D 297 -5.52 -27.11 -18.93
N TRP D 298 -5.88 -26.00 -19.58
CA TRP D 298 -5.47 -24.67 -19.13
C TRP D 298 -6.55 -23.60 -19.24
N SER D 299 -7.65 -23.84 -19.96
CA SER D 299 -8.60 -22.76 -20.20
C SER D 299 -9.35 -22.34 -18.95
N LYS D 300 -9.42 -23.19 -17.92
CA LYS D 300 -10.01 -22.80 -16.64
C LYS D 300 -9.02 -22.07 -15.74
N SER D 301 -7.85 -21.72 -16.25
CA SER D 301 -6.82 -21.02 -15.50
C SER D 301 -6.68 -19.60 -16.01
N ASN D 302 -5.75 -18.86 -15.40
CA ASN D 302 -5.38 -17.53 -15.86
C ASN D 302 -4.22 -17.57 -16.86
N VAL D 303 -3.78 -18.75 -17.27
CA VAL D 303 -2.69 -18.91 -18.21
C VAL D 303 -3.28 -18.98 -19.62
N THR D 304 -2.87 -18.05 -20.48
CA THR D 304 -3.40 -17.99 -21.84
C THR D 304 -2.75 -19.06 -22.72
N GLU D 305 -3.41 -19.32 -23.85
CA GLU D 305 -2.83 -20.25 -24.82
C GLU D 305 -1.46 -19.76 -25.29
N LYS D 306 -1.31 -18.45 -25.47
CA LYS D 306 -0.02 -17.90 -25.85
C LYS D 306 1.04 -18.22 -24.82
N CYS D 307 0.68 -18.13 -23.53
N CYS D 307 0.68 -18.14 -23.53
CA CYS D 307 1.61 -18.52 -22.47
CA CYS D 307 1.63 -18.53 -22.49
C CYS D 307 1.89 -20.02 -22.50
C CYS D 307 1.90 -20.02 -22.52
N MET D 308 0.89 -20.82 -22.89
CA MET D 308 1.07 -22.27 -22.93
C MET D 308 2.15 -22.66 -23.93
N TYR D 309 2.23 -21.97 -25.07
CA TYR D 309 3.30 -22.28 -26.02
C TYR D 309 4.67 -22.13 -25.36
N ARG D 310 4.85 -21.06 -24.57
CA ARG D 310 6.14 -20.84 -23.92
CA ARG D 310 6.12 -20.84 -23.90
C ARG D 310 6.43 -21.93 -22.88
N LEU D 311 5.41 -22.35 -22.12
CA LEU D 311 5.62 -23.42 -21.15
C LEU D 311 5.87 -24.76 -21.83
N LEU D 312 5.10 -25.06 -22.88
CA LEU D 312 5.33 -26.30 -23.61
C LEU D 312 6.72 -26.34 -24.21
N GLY D 313 7.20 -25.20 -24.71
CA GLY D 313 8.51 -25.20 -25.36
C GLY D 313 9.64 -25.54 -24.41
N ASN D 314 9.41 -25.45 -23.10
CA ASN D 314 10.43 -25.80 -22.12
C ASN D 314 10.13 -27.12 -21.42
N SER D 315 9.21 -27.92 -21.96
N SER D 315 9.21 -27.93 -21.94
CA SER D 315 8.79 -29.15 -21.31
CA SER D 315 8.78 -29.15 -21.26
C SER D 315 9.45 -30.38 -21.94
C SER D 315 9.68 -30.32 -21.66
N ILE D 316 9.27 -31.53 -21.26
CA ILE D 316 9.89 -32.77 -21.70
C ILE D 316 9.02 -33.39 -22.79
N ASN D 317 9.58 -34.36 -23.53
CA ASN D 317 8.69 -35.25 -24.26
C ASN D 317 8.27 -36.33 -23.28
N VAL D 318 6.97 -36.34 -22.97
CA VAL D 318 6.42 -37.22 -21.94
C VAL D 318 6.57 -38.68 -22.33
N LYS D 319 6.40 -39.00 -23.61
CA LYS D 319 6.45 -40.38 -24.05
C LYS D 319 7.86 -40.95 -23.93
N VAL D 320 8.87 -40.24 -24.44
CA VAL D 320 10.25 -40.70 -24.31
C VAL D 320 10.63 -40.90 -22.84
N VAL D 321 10.28 -39.93 -22.00
CA VAL D 321 10.62 -40.03 -20.58
C VAL D 321 9.88 -41.19 -19.91
N SER D 322 8.66 -41.49 -20.35
CA SER D 322 7.96 -42.63 -19.76
C SER D 322 8.71 -43.92 -20.02
N TYR D 323 9.31 -44.07 -21.21
CA TYR D 323 10.13 -45.25 -21.45
C TYR D 323 11.37 -45.26 -20.56
N LEU D 324 12.02 -44.10 -20.41
CA LEU D 324 13.21 -44.01 -19.57
C LEU D 324 12.90 -44.29 -18.11
N ILE D 325 11.71 -43.86 -17.63
CA ILE D 325 11.30 -44.18 -16.26
C ILE D 325 11.18 -45.69 -16.07
N SER D 326 10.61 -46.38 -17.05
CA SER D 326 10.50 -47.83 -16.98
C SER D 326 11.88 -48.48 -16.94
N LEU D 327 12.81 -47.99 -17.76
CA LEU D 327 14.18 -48.50 -17.71
C LEU D 327 14.81 -48.23 -16.34
N LEU D 328 14.68 -47.00 -15.85
CA LEU D 328 15.35 -46.61 -14.61
C LEU D 328 14.88 -47.45 -13.43
N LEU D 329 13.56 -47.63 -13.31
CA LEU D 329 12.96 -48.24 -12.12
C LEU D 329 12.80 -49.74 -12.24
N GLU D 330 13.36 -50.37 -13.28
CA GLU D 330 13.13 -51.79 -13.48
C GLU D 330 13.51 -52.68 -12.29
N PRO D 331 14.51 -52.37 -11.46
CA PRO D 331 14.76 -53.22 -10.28
C PRO D 331 13.63 -53.22 -9.26
N LEU D 332 12.70 -52.26 -9.32
CA LEU D 332 11.60 -52.22 -8.36
C LEU D 332 10.47 -53.19 -8.72
N ASN D 333 10.60 -53.94 -9.81
CA ASN D 333 9.68 -55.02 -10.18
C ASN D 333 8.25 -54.55 -10.41
N PHE D 334 8.04 -53.27 -10.73
CA PHE D 334 6.68 -52.79 -10.96
C PHE D 334 6.03 -53.50 -12.15
#